data_3WEZ
#
_entry.id   3WEZ
#
_cell.length_a   94.933
_cell.length_b   115.915
_cell.length_c   140.510
_cell.angle_alpha   90.00
_cell.angle_beta   92.25
_cell.angle_gamma   90.00
#
_symmetry.space_group_name_H-M   'P 1 21 1'
#
loop_
_entity.id
_entity.type
_entity.pdbx_description
1 polymer Beta-galactosidase
2 non-polymer 2-acetamido-2-deoxy-beta-D-glucopyranose
3 non-polymer 'CHLORIDE ION'
4 non-polymer (1S,2S,3S,6R)-4-(hydroxymethyl)-6-(octylamino)cyclohex-4-ene-1,2,3-triol
5 non-polymer 'SULFATE ION'
6 non-polymer 1,2-ETHANEDIOL
7 water water
#
_entity_poly.entity_id   1
_entity_poly.type   'polypeptide(L)'
_entity_poly.pdbx_seq_one_letter_code
;EAEAYVEFHHHHHHDYKDDDDKTSLRNATQRMFEIDYSRDSFLKDGQPFRYISGSIHYSRVPRFYWKDRLLKMKMAGLNA
IQTYVPWNFHEPWPGQYQFSEDHDVEYFLRLAHELGLLVILRPGPYICAEWEMGGLPAWLLEKESILLRSSDPDYLAAVD
KWLGVLLPKMKPLLYQNGGPVITVQVENEYGSYFACDFDYLRFLQKRFRHHLGDDVVLFTTDGAHKTFLKCGALQGLYTT
VDFGTGSNITDAFLSQRKCEPKGPLINSEFYTGWLDHWGQPHSTIKTEAVASSLYDILARGASVNLYMFIGGTNFAYWNG
ANSPYAAQPTSYDYDAPLSEAGDLTEKYFALRNIIQKFEKVPEGPIPPSTPKFAYGKVTLEKLKTVGAALDILCPSGPIK
SLYPLTFIQVKQHYGFVLYRTTLPQDCSNPAPLSSPLNGVHDRAYVAVDGIPQGVLERNNVITLNITGKAGATLDLLVEN
MGRVNYGAYINDFKGLVSNLTLSSNILTDWTIFPLDTEDAVRSHLGGWGHRDSGHHDEAWAHNSSNYTLPAFYMGNFSIP
SGIPDLPQDTFIQFPGWTKGQVWINGFNLGRYWPARGPQLTLFVPQHILMTSAPNTITVLELEWAPCSSDDPELCAVTFV
DRPVIGSSVTYDHPSKPVEKRLMPPPPQKNKDSWLDHV
;
_entity_poly.pdbx_strand_id   A,B,C,D
#
loop_
_chem_comp.id
_chem_comp.type
_chem_comp.name
_chem_comp.formula
CL non-polymer 'CHLORIDE ION' 'Cl -1'
EDO non-polymer 1,2-ETHANEDIOL 'C2 H6 O2'
N8V non-polymer (1S,2S,3S,6R)-4-(hydroxymethyl)-6-(octylamino)cyclohex-4-ene-1,2,3-triol 'C15 H29 N O4'
NAG D-saccharide, beta linking 2-acetamido-2-deoxy-beta-D-glucopyranose 'C8 H15 N O6'
SO4 non-polymer 'SULFATE ION' 'O4 S -2'
#
# COMPACT_ATOMS: atom_id res chain seq x y z
N GLN A 30 10.59 43.38 12.36
CA GLN A 30 11.83 42.82 12.94
C GLN A 30 12.81 42.42 11.84
N ARG A 31 12.33 41.59 10.91
CA ARG A 31 13.19 40.86 9.97
C ARG A 31 13.52 41.55 8.65
N MET A 32 14.81 41.67 8.40
CA MET A 32 15.35 42.41 7.26
C MET A 32 16.48 41.64 6.60
N PHE A 33 16.42 41.61 5.27
CA PHE A 33 17.52 41.20 4.44
C PHE A 33 17.73 42.18 3.30
N GLU A 34 18.89 42.81 3.25
CA GLU A 34 19.16 43.84 2.25
C GLU A 34 20.62 43.82 1.78
N ILE A 35 20.88 44.47 0.65
CA ILE A 35 22.25 44.79 0.24
C ILE A 35 22.78 46.03 0.98
N ASP A 36 23.94 45.89 1.62
CA ASP A 36 24.68 47.06 2.12
C ASP A 36 25.65 47.47 1.03
N TYR A 37 25.26 48.46 0.24
CA TYR A 37 26.14 48.99 -0.80
C TYR A 37 27.45 49.62 -0.25
N SER A 38 27.34 50.49 0.76
CA SER A 38 28.54 51.03 1.44
C SER A 38 29.60 49.97 1.74
N ARG A 39 29.16 48.80 2.18
CA ARG A 39 30.08 47.85 2.78
C ARG A 39 30.29 46.58 1.96
N ASP A 40 29.88 46.62 0.69
CA ASP A 40 30.02 45.49 -0.23
C ASP A 40 29.51 44.15 0.39
N SER A 41 28.32 44.23 0.96
CA SER A 41 27.82 43.14 1.81
C SER A 41 26.28 42.99 1.78
N PHE A 42 25.81 41.82 2.21
CA PHE A 42 24.42 41.67 2.63
C PHE A 42 24.26 42.03 4.11
N LEU A 43 23.09 42.54 4.47
CA LEU A 43 22.71 42.69 5.89
C LEU A 43 21.52 41.79 6.19
N LYS A 44 21.71 40.96 7.21
CA LYS A 44 20.65 40.07 7.71
C LYS A 44 20.28 40.51 9.14
N ASP A 45 19.09 41.08 9.27
CA ASP A 45 18.67 41.77 10.50
C ASP A 45 19.79 42.68 11.05
N GLY A 46 20.35 43.53 10.18
CA GLY A 46 21.41 44.47 10.56
C GLY A 46 22.82 43.92 10.71
N GLN A 47 22.99 42.60 10.58
CA GLN A 47 24.30 41.94 10.71
C GLN A 47 24.92 41.63 9.34
N PRO A 48 26.26 41.76 9.22
CA PRO A 48 26.97 41.30 8.03
C PRO A 48 26.64 39.84 7.69
N PHE A 49 26.37 39.58 6.42
CA PHE A 49 26.02 38.23 6.01
C PHE A 49 26.56 37.88 4.63
N ARG A 50 27.14 36.70 4.53
CA ARG A 50 27.59 36.13 3.26
C ARG A 50 27.00 34.72 3.09
N TYR A 51 26.49 34.40 1.91
CA TYR A 51 25.92 33.07 1.77
C TYR A 51 26.79 32.05 1.11
N ILE A 52 26.61 30.82 1.56
CA ILE A 52 27.28 29.67 0.98
C ILE A 52 26.21 28.63 0.69
N SER A 53 25.85 28.56 -0.57
CA SER A 53 24.63 27.92 -1.02
C SER A 53 24.91 26.73 -1.94
N GLY A 54 23.92 25.84 -2.08
CA GLY A 54 24.04 24.74 -3.01
C GLY A 54 22.73 24.68 -3.76
N SER A 55 22.82 24.42 -5.06
CA SER A 55 21.61 24.17 -5.86
C SER A 55 21.05 22.78 -5.61
N ILE A 56 19.74 22.74 -5.33
CA ILE A 56 18.96 21.51 -5.32
C ILE A 56 17.63 21.85 -6.02
N HIS A 57 17.20 21.00 -6.95
CA HIS A 57 15.95 21.25 -7.68
C HIS A 57 14.93 20.25 -7.17
N TYR A 58 13.85 20.77 -6.57
CA TYR A 58 12.89 19.94 -5.86
C TYR A 58 12.13 19.08 -6.86
N SER A 59 12.15 19.51 -8.13
CA SER A 59 11.48 18.80 -9.22
C SER A 59 12.34 17.60 -9.73
N ARG A 60 13.58 17.55 -9.29
CA ARG A 60 14.50 16.46 -9.66
C ARG A 60 14.80 15.44 -8.53
N VAL A 61 14.10 15.61 -7.40
CA VAL A 61 14.25 14.75 -6.18
C VAL A 61 12.84 14.42 -5.74
N PRO A 62 12.55 13.11 -5.54
CA PRO A 62 11.23 12.76 -5.02
C PRO A 62 11.04 13.42 -3.66
N ARG A 63 9.83 13.87 -3.37
CA ARG A 63 9.53 14.51 -2.06
C ARG A 63 9.92 13.61 -0.87
N PHE A 64 9.79 12.28 -1.04
CA PHE A 64 10.18 11.29 -0.04
C PHE A 64 11.59 11.59 0.51
N TYR A 65 12.47 12.10 -0.35
CA TYR A 65 13.89 12.32 -0.05
C TYR A 65 14.30 13.79 0.09
N TRP A 66 13.35 14.74 0.01
CA TRP A 66 13.70 16.16 0.16
C TRP A 66 14.47 16.40 1.46
N LYS A 67 13.95 15.89 2.59
CA LYS A 67 14.54 16.14 3.89
C LYS A 67 15.94 15.55 3.99
N ASP A 68 16.08 14.32 3.53
CA ASP A 68 17.39 13.69 3.45
C ASP A 68 18.47 14.55 2.73
N ARG A 69 18.15 15.08 1.54
CA ARG A 69 19.14 15.83 0.75
C ARG A 69 19.42 17.19 1.45
N LEU A 70 18.36 17.86 1.92
CA LEU A 70 18.51 19.15 2.57
C LEU A 70 19.37 19.04 3.81
N LEU A 71 19.14 18.01 4.62
CA LEU A 71 19.94 17.81 5.82
C LEU A 71 21.39 17.52 5.49
N LYS A 72 21.64 16.64 4.49
CA LYS A 72 22.99 16.45 3.98
C LYS A 72 23.63 17.78 3.51
N MET A 73 22.84 18.63 2.90
CA MET A 73 23.36 19.93 2.46
C MET A 73 23.69 20.82 3.65
N LYS A 74 22.82 20.85 4.64
CA LYS A 74 23.12 21.61 5.85
C LYS A 74 24.38 21.08 6.58
N MET A 75 24.55 19.77 6.60
CA MET A 75 25.66 19.20 7.35
C MET A 75 26.97 19.48 6.65
N ALA A 76 26.93 19.76 5.35
CA ALA A 76 28.12 20.14 4.60
C ALA A 76 28.58 21.55 4.98
N GLY A 77 27.70 22.33 5.61
CA GLY A 77 28.07 23.66 6.05
C GLY A 77 27.45 24.76 5.21
N LEU A 78 26.60 24.40 4.26
CA LEU A 78 25.81 25.42 3.55
C LEU A 78 24.87 26.12 4.47
N ASN A 79 24.74 27.45 4.34
CA ASN A 79 23.79 28.20 5.15
C ASN A 79 22.56 28.54 4.30
N ALA A 80 22.58 28.14 3.05
CA ALA A 80 21.47 28.44 2.15
C ALA A 80 21.36 27.38 1.05
N ILE A 81 20.21 27.31 0.42
CA ILE A 81 20.03 26.52 -0.79
C ILE A 81 19.44 27.38 -1.91
N GLN A 82 19.69 26.96 -3.15
CA GLN A 82 19.15 27.61 -4.34
C GLN A 82 18.30 26.66 -5.18
N THR A 83 17.17 27.14 -5.69
CA THR A 83 16.35 26.27 -6.53
C THR A 83 15.64 27.01 -7.66
N TYR A 84 15.27 26.26 -8.69
CA TYR A 84 14.47 26.79 -9.77
C TYR A 84 13.00 26.40 -9.60
N VAL A 85 12.10 27.25 -10.04
CA VAL A 85 10.70 26.88 -10.07
C VAL A 85 10.41 26.64 -11.54
N PRO A 86 10.27 25.37 -11.98
CA PRO A 86 9.95 25.18 -13.39
C PRO A 86 8.44 25.42 -13.68
N TRP A 87 8.15 26.40 -14.54
CA TRP A 87 6.76 26.81 -14.78
C TRP A 87 5.94 25.63 -15.33
N ASN A 88 6.46 24.95 -16.34
CA ASN A 88 5.77 23.80 -16.94
C ASN A 88 5.56 22.60 -15.99
N PHE A 89 6.36 22.52 -14.93
CA PHE A 89 6.22 21.48 -13.89
C PHE A 89 4.93 21.74 -13.09
N HIS A 90 4.54 23.01 -13.00
CA HIS A 90 3.42 23.44 -12.20
C HIS A 90 2.17 23.80 -12.99
N GLU A 91 2.29 24.11 -14.28
CA GLU A 91 1.12 24.44 -15.09
C GLU A 91 1.21 23.75 -16.48
N PRO A 92 1.06 22.39 -16.51
CA PRO A 92 1.25 21.64 -17.75
C PRO A 92 0.16 21.90 -18.82
N TRP A 93 -1.00 22.37 -18.36
CA TRP A 93 -2.07 22.93 -19.20
C TRP A 93 -2.48 24.28 -18.67
N PRO A 94 -2.97 25.19 -19.54
CA PRO A 94 -3.21 26.52 -18.95
C PRO A 94 -4.32 26.48 -17.90
N GLY A 95 -4.11 27.20 -16.80
CA GLY A 95 -5.06 27.29 -15.70
C GLY A 95 -5.30 25.98 -14.95
N GLN A 96 -4.46 24.97 -15.21
CA GLN A 96 -4.54 23.70 -14.52
C GLN A 96 -3.24 23.43 -13.68
N TYR A 97 -3.29 23.72 -12.37
CA TYR A 97 -2.09 23.79 -11.55
C TYR A 97 -1.72 22.52 -10.76
N GLN A 98 -0.43 22.30 -10.51
CA GLN A 98 0.05 21.20 -9.67
C GLN A 98 0.97 21.76 -8.62
N PHE A 99 0.46 21.75 -7.39
CA PHE A 99 1.21 22.23 -6.22
C PHE A 99 1.23 21.21 -5.06
N SER A 100 0.90 19.96 -5.32
CA SER A 100 0.77 18.90 -4.29
C SER A 100 1.83 17.84 -4.45
N GLU A 101 2.12 17.08 -3.40
CA GLU A 101 3.06 15.94 -3.48
C GLU A 101 4.47 16.37 -3.96
N ASP A 102 4.98 15.75 -5.03
CA ASP A 102 6.31 16.09 -5.61
C ASP A 102 6.35 17.49 -6.23
N HIS A 103 5.19 18.15 -6.32
CA HIS A 103 5.09 19.49 -6.92
C HIS A 103 4.92 20.56 -5.88
N ASP A 104 5.02 20.20 -4.60
CA ASP A 104 4.69 21.14 -3.53
C ASP A 104 5.88 22.01 -3.15
N VAL A 105 6.13 23.06 -3.95
CA VAL A 105 7.28 23.98 -3.73
C VAL A 105 7.17 24.73 -2.41
N GLU A 106 5.93 25.06 -2.01
CA GLU A 106 5.69 25.69 -0.71
C GLU A 106 6.20 24.83 0.46
N TYR A 107 5.83 23.54 0.43
CA TYR A 107 6.33 22.59 1.41
C TYR A 107 7.84 22.46 1.39
N PHE A 108 8.43 22.39 0.19
CA PHE A 108 9.89 22.23 0.06
C PHE A 108 10.55 23.41 0.73
N LEU A 109 10.05 24.62 0.44
CA LEU A 109 10.64 25.82 1.04
C LEU A 109 10.46 25.84 2.55
N ARG A 110 9.34 25.33 3.05
CA ARG A 110 9.13 25.18 4.51
C ARG A 110 10.13 24.23 5.17
N LEU A 111 10.36 23.10 4.55
CA LEU A 111 11.31 22.13 5.02
C LEU A 111 12.72 22.72 5.11
N ALA A 112 13.12 23.49 4.09
CA ALA A 112 14.40 24.16 4.10
C ALA A 112 14.50 25.11 5.30
N HIS A 113 13.46 25.91 5.49
CA HIS A 113 13.37 26.82 6.63
C HIS A 113 13.44 26.09 7.97
N GLU A 114 12.69 25.00 8.08
CA GLU A 114 12.70 24.23 9.32
C GLU A 114 14.07 23.65 9.63
N LEU A 115 14.89 23.46 8.60
CA LEU A 115 16.23 22.94 8.83
C LEU A 115 17.20 24.07 9.07
N GLY A 116 16.67 25.30 9.19
CA GLY A 116 17.49 26.46 9.36
C GLY A 116 18.26 26.87 8.11
N LEU A 117 17.81 26.47 6.91
CA LEU A 117 18.48 26.96 5.68
C LEU A 117 17.75 28.17 5.10
N LEU A 118 18.52 29.10 4.53
CA LEU A 118 17.93 30.21 3.82
C LEU A 118 17.78 29.78 2.36
N VAL A 119 16.96 30.50 1.60
CA VAL A 119 16.64 30.09 0.23
C VAL A 119 16.87 31.23 -0.75
N ILE A 120 17.59 30.92 -1.80
CA ILE A 120 17.70 31.79 -2.96
C ILE A 120 16.74 31.24 -4.00
N LEU A 121 15.67 31.97 -4.29
CA LEU A 121 14.68 31.47 -5.25
C LEU A 121 14.90 31.97 -6.67
N ARG A 122 14.88 31.03 -7.61
CA ARG A 122 14.96 31.38 -9.00
C ARG A 122 13.71 30.93 -9.80
N PRO A 123 12.65 31.80 -9.82
CA PRO A 123 11.34 31.41 -10.38
C PRO A 123 11.14 31.65 -11.87
N GLY A 124 12.19 32.05 -12.58
CA GLY A 124 12.11 32.17 -14.04
C GLY A 124 11.59 33.52 -14.53
N PRO A 125 10.63 33.51 -15.48
CA PRO A 125 9.84 32.34 -15.85
C PRO A 125 10.51 31.29 -16.71
N TYR A 126 11.66 31.63 -17.32
CA TYR A 126 12.54 30.72 -18.05
C TYR A 126 13.67 30.42 -17.08
N ILE A 127 14.04 29.14 -17.00
CA ILE A 127 15.10 28.70 -16.09
C ILE A 127 16.29 28.00 -16.75
N CYS A 128 16.19 27.66 -18.05
CA CYS A 128 17.21 26.86 -18.76
C CYS A 128 17.34 25.43 -18.15
N ALA A 129 18.44 25.18 -17.43
CA ALA A 129 18.48 24.13 -16.41
C ALA A 129 18.48 22.67 -16.95
N GLU A 130 18.82 22.50 -18.24
CA GLU A 130 18.78 21.21 -18.90
C GLU A 130 17.39 20.61 -18.62
N TRP A 131 16.40 21.49 -18.61
CA TRP A 131 15.02 21.08 -18.34
C TRP A 131 14.12 21.40 -19.54
N GLU A 132 13.17 20.52 -19.83
CA GLU A 132 12.27 20.70 -20.99
C GLU A 132 11.96 22.15 -21.30
N MET A 133 12.35 22.62 -22.48
CA MET A 133 12.02 24.00 -22.93
C MET A 133 12.42 25.08 -21.92
N GLY A 134 13.38 24.81 -21.05
CA GLY A 134 13.81 25.83 -20.09
C GLY A 134 12.74 26.18 -19.09
N GLY A 135 11.82 25.23 -18.85
CA GLY A 135 10.74 25.48 -17.90
C GLY A 135 9.49 26.10 -18.51
N LEU A 136 9.58 26.60 -19.73
CA LEU A 136 8.41 27.25 -20.36
C LEU A 136 7.40 26.22 -20.79
N PRO A 137 6.10 26.48 -20.58
CA PRO A 137 5.08 25.52 -21.01
C PRO A 137 4.96 25.46 -22.54
N ALA A 138 4.80 24.25 -23.05
CA ALA A 138 4.72 24.00 -24.48
C ALA A 138 3.47 24.63 -25.11
N TRP A 139 2.42 24.78 -24.32
CA TRP A 139 1.16 25.32 -24.80
C TRP A 139 1.29 26.79 -25.19
N LEU A 140 2.40 27.42 -24.83
CA LEU A 140 2.71 28.78 -25.32
C LEU A 140 2.86 28.80 -26.83
N LEU A 141 3.23 27.63 -27.38
CA LEU A 141 3.51 27.49 -28.82
C LEU A 141 2.24 27.38 -29.65
N GLU A 142 1.09 27.40 -29.00
CA GLU A 142 -0.18 27.43 -29.70
C GLU A 142 -0.28 28.70 -30.57
N LYS A 143 0.44 29.75 -30.21
CA LYS A 143 0.65 30.87 -31.15
C LYS A 143 1.96 30.53 -31.83
N GLU A 144 1.89 30.04 -33.07
CA GLU A 144 3.07 29.57 -33.84
C GLU A 144 4.21 30.57 -33.93
N SER A 145 3.87 31.84 -34.08
CA SER A 145 4.87 32.90 -34.24
C SER A 145 5.27 33.55 -32.92
N ILE A 146 4.90 32.99 -31.77
CA ILE A 146 5.28 33.61 -30.47
C ILE A 146 6.79 33.87 -30.38
N LEU A 147 7.21 35.04 -29.88
CA LEU A 147 8.64 35.22 -29.60
C LEU A 147 8.83 35.08 -28.09
N LEU A 148 9.33 33.91 -27.66
CA LEU A 148 9.52 33.61 -26.25
C LEU A 148 10.53 34.59 -25.61
N ARG A 149 10.48 34.75 -24.28
CA ARG A 149 11.38 35.64 -23.54
C ARG A 149 11.50 37.04 -24.18
N SER A 150 10.36 37.69 -24.43
CA SER A 150 10.31 39.03 -25.03
C SER A 150 9.06 39.75 -24.57
N SER A 151 8.86 40.99 -25.06
CA SER A 151 7.61 41.71 -24.82
C SER A 151 6.44 41.32 -25.74
N ASP A 152 6.58 40.25 -26.50
CA ASP A 152 5.44 39.70 -27.24
C ASP A 152 4.25 39.71 -26.29
N PRO A 153 3.11 40.38 -26.64
CA PRO A 153 2.04 40.57 -25.68
C PRO A 153 1.40 39.26 -25.21
N ASP A 154 1.40 38.26 -26.07
CA ASP A 154 0.86 36.96 -25.71
C ASP A 154 1.78 36.23 -24.71
N TYR A 155 3.09 36.32 -24.94
CA TYR A 155 4.03 35.76 -24.01
C TYR A 155 3.84 36.46 -22.65
N LEU A 156 3.79 37.80 -22.65
CA LEU A 156 3.60 38.56 -21.42
C LEU A 156 2.32 38.26 -20.64
N ALA A 157 1.21 38.09 -21.35
CA ALA A 157 -0.04 37.83 -20.65
C ALA A 157 -0.01 36.47 -19.95
N ALA A 158 0.68 35.48 -20.54
CA ALA A 158 0.71 34.16 -19.92
C ALA A 158 1.67 34.23 -18.72
N VAL A 159 2.80 34.89 -18.91
CA VAL A 159 3.76 35.10 -17.83
C VAL A 159 3.06 35.79 -16.68
N ASP A 160 2.35 36.88 -16.98
CA ASP A 160 1.74 37.66 -15.92
C ASP A 160 0.72 36.82 -15.16
N LYS A 161 -0.04 36.01 -15.87
CA LYS A 161 -1.05 35.20 -15.21
C LYS A 161 -0.36 34.15 -14.28
N TRP A 162 0.75 33.58 -14.74
CA TRP A 162 1.55 32.62 -13.95
C TRP A 162 2.14 33.28 -12.71
N LEU A 163 2.71 34.47 -12.86
CA LEU A 163 3.22 35.19 -11.69
C LEU A 163 2.12 35.54 -10.69
N GLY A 164 0.88 35.80 -11.18
CA GLY A 164 -0.20 36.16 -10.25
C GLY A 164 -0.64 34.95 -9.42
N VAL A 165 -0.23 33.76 -9.85
CA VAL A 165 -0.49 32.54 -9.10
C VAL A 165 0.70 32.16 -8.24
N LEU A 166 1.89 32.17 -8.83
CA LEU A 166 3.06 31.65 -8.11
C LEU A 166 3.56 32.63 -7.05
N LEU A 167 3.67 33.91 -7.41
CA LEU A 167 4.27 34.86 -6.49
C LEU A 167 3.51 35.12 -5.16
N PRO A 168 2.16 35.17 -5.18
CA PRO A 168 1.56 35.37 -3.88
C PRO A 168 1.79 34.17 -2.94
N LYS A 169 1.95 32.96 -3.50
CA LYS A 169 2.35 31.79 -2.68
C LYS A 169 3.76 31.97 -2.07
N MET A 170 4.66 32.61 -2.84
CA MET A 170 6.01 32.84 -2.36
C MET A 170 6.08 33.98 -1.34
N LYS A 171 5.10 34.89 -1.35
CA LYS A 171 5.19 36.11 -0.51
C LYS A 171 5.40 35.85 1.02
N PRO A 172 4.57 34.97 1.65
CA PRO A 172 4.82 34.72 3.08
C PRO A 172 6.12 33.94 3.35
N LEU A 173 6.71 33.36 2.30
CA LEU A 173 7.98 32.65 2.44
C LEU A 173 9.22 33.60 2.39
N LEU A 174 8.98 34.88 2.10
CA LEU A 174 10.04 35.89 2.09
C LEU A 174 10.63 36.08 3.49
N TYR A 175 11.94 36.26 3.52
CA TYR A 175 12.61 36.43 4.79
C TYR A 175 11.89 37.44 5.68
N GLN A 176 11.42 38.55 5.11
CA GLN A 176 10.85 39.62 5.91
C GLN A 176 9.46 39.24 6.44
N ASN A 177 8.80 38.26 5.83
CA ASN A 177 7.49 37.81 6.32
C ASN A 177 7.61 36.55 7.17
N GLY A 178 8.83 36.24 7.59
CA GLY A 178 9.07 35.10 8.47
C GLY A 178 9.52 33.79 7.82
N GLY A 179 9.72 33.78 6.49
CA GLY A 179 10.20 32.56 5.78
C GLY A 179 11.69 32.60 5.40
N PRO A 180 12.16 31.62 4.59
CA PRO A 180 13.61 31.46 4.28
C PRO A 180 14.14 32.23 3.07
N VAL A 181 13.25 32.76 2.23
CA VAL A 181 13.63 33.35 0.94
C VAL A 181 14.26 34.74 1.10
N ILE A 182 15.56 34.82 0.77
CA ILE A 182 16.35 36.04 0.98
C ILE A 182 16.58 36.84 -0.31
N THR A 183 16.67 36.18 -1.45
CA THR A 183 16.89 36.85 -2.74
C THR A 183 16.13 36.09 -3.83
N VAL A 184 15.73 36.81 -4.86
CA VAL A 184 14.93 36.20 -5.91
C VAL A 184 15.51 36.61 -7.23
N GLN A 185 15.79 35.62 -8.08
CA GLN A 185 16.34 35.92 -9.40
C GLN A 185 15.23 36.18 -10.43
N VAL A 186 15.45 37.20 -11.26
CA VAL A 186 14.58 37.55 -12.33
C VAL A 186 15.15 37.01 -13.64
N GLU A 187 14.35 36.18 -14.31
CA GLU A 187 14.72 35.51 -15.54
C GLU A 187 15.95 34.66 -15.25
N ASN A 188 16.69 34.29 -16.30
CA ASN A 188 17.91 33.46 -16.21
C ASN A 188 18.87 33.71 -17.36
N GLU A 189 20.00 34.38 -17.11
CA GLU A 189 20.99 34.66 -18.16
C GLU A 189 20.31 35.23 -19.41
N TYR A 190 19.47 36.23 -19.21
CA TYR A 190 18.78 36.82 -20.34
C TYR A 190 19.77 37.36 -21.38
N GLY A 191 20.97 37.70 -20.93
CA GLY A 191 22.00 38.28 -21.80
C GLY A 191 22.58 37.27 -22.76
N SER A 192 22.33 35.99 -22.50
CA SER A 192 22.73 34.97 -23.46
C SER A 192 21.71 34.78 -24.59
N TYR A 193 20.58 35.46 -24.53
CA TYR A 193 19.51 35.25 -25.53
C TYR A 193 19.57 36.40 -26.53
N PHE A 194 19.06 36.15 -27.72
CA PHE A 194 19.25 37.06 -28.81
C PHE A 194 18.40 38.32 -28.70
N ALA A 195 17.20 38.24 -28.12
CA ALA A 195 16.18 39.26 -28.31
C ALA A 195 16.52 40.63 -27.70
N CYS A 196 17.22 40.60 -26.57
CA CYS A 196 17.69 41.78 -25.88
C CYS A 196 16.53 42.76 -25.64
N ASP A 197 15.41 42.23 -25.16
CA ASP A 197 14.20 43.00 -24.98
C ASP A 197 14.16 43.56 -23.53
N PHE A 198 14.56 44.82 -23.37
CA PHE A 198 14.61 45.45 -22.04
C PHE A 198 13.22 45.75 -21.47
N ASP A 199 12.21 45.83 -22.33
CA ASP A 199 10.86 46.06 -21.87
C ASP A 199 10.34 44.81 -21.14
N TYR A 200 10.75 43.63 -21.64
CA TYR A 200 10.41 42.35 -21.01
C TYR A 200 10.98 42.35 -19.60
N LEU A 201 12.25 42.71 -19.46
CA LEU A 201 12.89 42.67 -18.15
C LEU A 201 12.25 43.66 -17.17
N ARG A 202 11.97 44.87 -17.64
CA ARG A 202 11.29 45.87 -16.83
C ARG A 202 9.88 45.37 -16.43
N PHE A 203 9.23 44.64 -17.34
CA PHE A 203 7.90 44.09 -17.04
C PHE A 203 7.98 43.04 -15.92
N LEU A 204 9.02 42.22 -15.97
CA LEU A 204 9.20 41.22 -14.92
C LEU A 204 9.47 41.88 -13.55
N GLN A 205 10.41 42.82 -13.55
CA GLN A 205 10.69 43.62 -12.35
C GLN A 205 9.46 44.23 -11.71
N LYS A 206 8.61 44.87 -12.51
CA LYS A 206 7.40 45.53 -12.00
C LYS A 206 6.40 44.53 -11.40
N ARG A 207 6.26 43.38 -12.04
CA ARG A 207 5.33 42.38 -11.55
C ARG A 207 5.87 41.67 -10.31
N PHE A 208 7.17 41.35 -10.31
CA PHE A 208 7.79 40.76 -9.14
C PHE A 208 7.59 41.71 -7.97
N ARG A 209 7.84 42.99 -8.16
CA ARG A 209 7.66 44.02 -7.11
C ARG A 209 6.22 44.11 -6.64
N HIS A 210 5.30 44.00 -7.58
CA HIS A 210 3.90 44.13 -7.29
C HIS A 210 3.48 42.98 -6.37
N HIS A 211 3.92 41.76 -6.66
CA HIS A 211 3.48 40.62 -5.86
C HIS A 211 4.32 40.44 -4.61
N LEU A 212 5.61 40.79 -4.66
CA LEU A 212 6.50 40.52 -3.53
C LEU A 212 6.86 41.75 -2.64
N GLY A 213 6.62 42.98 -3.11
CA GLY A 213 6.90 44.16 -2.28
C GLY A 213 8.23 44.77 -2.69
N ASP A 214 8.63 45.84 -2.02
CA ASP A 214 9.79 46.66 -2.44
C ASP A 214 11.08 46.34 -1.72
N ASP A 215 11.01 45.50 -0.69
CA ASP A 215 12.18 45.18 0.10
C ASP A 215 12.96 44.00 -0.45
N VAL A 216 12.27 43.05 -1.08
CA VAL A 216 12.92 41.79 -1.44
C VAL A 216 14.07 42.09 -2.39
N VAL A 217 15.24 41.49 -2.15
CA VAL A 217 16.35 41.61 -3.10
C VAL A 217 16.10 40.84 -4.42
N LEU A 218 16.07 41.59 -5.51
CA LEU A 218 15.89 41.00 -6.83
C LEU A 218 17.19 41.06 -7.61
N PHE A 219 17.58 39.94 -8.21
CA PHE A 219 18.86 39.94 -8.92
C PHE A 219 18.74 39.24 -10.27
N THR A 220 19.79 39.38 -11.09
CA THR A 220 19.96 38.69 -12.36
C THR A 220 21.24 37.86 -12.31
N THR A 221 21.36 36.90 -13.22
CA THR A 221 22.59 36.13 -13.33
C THR A 221 22.97 36.03 -14.80
N ASP A 222 24.26 36.17 -15.08
CA ASP A 222 24.73 36.08 -16.47
C ASP A 222 26.17 35.60 -16.48
N GLY A 223 26.61 35.10 -17.62
CA GLY A 223 28.02 34.79 -17.83
C GLY A 223 28.86 36.01 -17.47
N ALA A 224 30.09 35.73 -17.05
CA ALA A 224 31.00 36.73 -16.51
C ALA A 224 31.83 37.42 -17.60
N HIS A 225 31.16 38.25 -18.41
CA HIS A 225 31.82 38.94 -19.52
C HIS A 225 30.86 39.98 -19.99
N LYS A 226 31.39 41.18 -20.26
CA LYS A 226 30.53 42.31 -20.67
C LYS A 226 29.56 41.99 -21.81
N THR A 227 30.00 41.08 -22.70
CA THR A 227 29.15 40.74 -23.84
C THR A 227 27.86 40.04 -23.38
N PHE A 228 27.91 39.32 -22.25
CA PHE A 228 26.70 38.71 -21.69
C PHE A 228 25.93 39.69 -20.82
N LEU A 229 26.67 40.52 -20.09
CA LEU A 229 26.11 41.48 -19.16
C LEU A 229 25.34 42.58 -19.85
N LYS A 230 25.76 42.90 -21.08
CA LYS A 230 25.15 43.96 -21.87
C LYS A 230 23.61 43.88 -21.95
N CYS A 231 23.08 42.69 -22.25
CA CYS A 231 21.64 42.52 -22.39
C CYS A 231 20.93 41.88 -21.19
N GLY A 232 21.69 41.37 -20.22
CA GLY A 232 21.12 40.68 -19.06
C GLY A 232 20.90 41.55 -17.81
N ALA A 233 21.69 42.62 -17.67
CA ALA A 233 21.63 43.53 -16.52
C ALA A 233 20.55 44.58 -16.67
N LEU A 234 19.95 44.98 -15.56
CA LEU A 234 18.91 46.01 -15.57
C LEU A 234 19.09 46.82 -14.32
N GLN A 235 18.93 48.14 -14.43
CA GLN A 235 18.96 48.98 -13.25
C GLN A 235 17.84 48.58 -12.26
N GLY A 236 18.16 48.57 -10.97
CA GLY A 236 17.20 48.13 -9.99
C GLY A 236 17.23 46.62 -9.75
N LEU A 237 17.92 45.85 -10.59
CA LEU A 237 18.13 44.43 -10.28
C LEU A 237 19.62 44.22 -10.07
N TYR A 238 20.01 43.63 -8.95
CA TYR A 238 21.41 43.42 -8.65
C TYR A 238 22.02 42.39 -9.61
N THR A 239 23.18 42.78 -10.18
CA THR A 239 23.83 42.02 -11.21
C THR A 239 24.79 41.03 -10.57
N THR A 240 24.55 39.74 -10.79
CA THR A 240 25.48 38.68 -10.36
C THR A 240 25.97 37.94 -11.59
N VAL A 241 27.11 37.23 -11.47
CA VAL A 241 27.69 36.45 -12.57
C VAL A 241 27.69 34.95 -12.21
N ASP A 242 27.97 34.10 -13.18
CA ASP A 242 28.27 32.67 -12.93
C ASP A 242 29.53 32.29 -13.68
N PHE A 243 30.24 31.30 -13.17
CA PHE A 243 31.50 30.78 -13.74
C PHE A 243 31.96 29.52 -12.99
N GLY A 244 32.74 28.68 -13.63
CA GLY A 244 33.18 27.41 -13.07
C GLY A 244 34.66 27.40 -12.74
N THR A 245 35.19 26.19 -12.61
CA THR A 245 36.58 25.97 -12.20
C THR A 245 37.55 26.33 -13.31
N GLY A 246 37.05 26.54 -14.52
CA GLY A 246 37.92 26.90 -15.62
C GLY A 246 38.23 28.38 -15.71
N SER A 247 37.48 29.21 -14.97
CA SER A 247 37.52 30.66 -15.12
C SER A 247 38.52 31.31 -14.22
N ASN A 248 39.10 32.40 -14.70
CA ASN A 248 39.94 33.26 -13.88
C ASN A 248 39.02 34.04 -12.96
N ILE A 249 39.15 33.82 -11.65
CA ILE A 249 38.23 34.41 -10.65
C ILE A 249 38.26 35.93 -10.61
N THR A 250 39.47 36.50 -10.64
CA THR A 250 39.64 37.94 -10.68
C THR A 250 38.90 38.56 -11.86
N ASP A 251 39.14 38.02 -13.05
CA ASP A 251 38.47 38.50 -14.27
C ASP A 251 36.95 38.41 -14.19
N ALA A 252 36.45 37.25 -13.79
CA ALA A 252 35.02 37.07 -13.56
C ALA A 252 34.43 38.12 -12.61
N PHE A 253 35.05 38.32 -11.43
CA PHE A 253 34.49 39.30 -10.47
C PHE A 253 34.67 40.75 -10.97
N LEU A 254 35.71 41.01 -11.78
CA LEU A 254 35.86 42.35 -12.40
C LEU A 254 34.70 42.64 -13.33
N SER A 255 34.28 41.64 -14.10
CA SER A 255 33.14 41.87 -14.99
C SER A 255 31.89 42.19 -14.17
N GLN A 256 31.73 41.55 -12.99
CA GLN A 256 30.58 41.86 -12.14
C GLN A 256 30.67 43.29 -11.58
N ARG A 257 31.88 43.68 -11.18
CA ARG A 257 32.14 44.98 -10.56
C ARG A 257 31.86 46.13 -11.54
N LYS A 258 32.01 45.88 -12.83
CA LYS A 258 31.62 46.85 -13.85
C LYS A 258 30.16 47.26 -13.72
N CYS A 259 29.27 46.30 -13.52
CA CYS A 259 27.83 46.63 -13.44
C CYS A 259 27.43 46.99 -12.01
N GLU A 260 28.14 46.45 -11.02
CA GLU A 260 27.83 46.75 -9.60
C GLU A 260 29.11 47.15 -8.89
N PRO A 261 29.45 48.46 -8.93
CA PRO A 261 30.69 48.89 -8.26
C PRO A 261 30.64 48.67 -6.75
N LYS A 262 29.42 48.67 -6.21
CA LYS A 262 29.20 48.49 -4.78
C LYS A 262 28.25 47.33 -4.51
N GLY A 263 28.56 46.57 -3.47
CA GLY A 263 27.66 45.49 -3.05
C GLY A 263 28.40 44.19 -3.07
N PRO A 264 27.76 43.09 -2.61
CA PRO A 264 28.51 41.84 -2.49
C PRO A 264 28.92 41.24 -3.83
N LEU A 265 30.07 40.57 -3.84
CA LEU A 265 30.48 39.75 -4.97
C LEU A 265 29.67 38.47 -4.90
N ILE A 266 29.17 38.01 -6.04
CA ILE A 266 28.29 36.84 -6.05
C ILE A 266 28.53 36.03 -7.31
N ASN A 267 28.87 34.76 -7.13
CA ASN A 267 28.79 33.75 -8.18
C ASN A 267 27.53 32.90 -7.94
N SER A 268 26.50 33.13 -8.73
CA SER A 268 25.24 32.42 -8.56
C SER A 268 25.28 30.96 -9.04
N GLU A 269 26.25 30.61 -9.89
CA GLU A 269 26.36 29.21 -10.37
C GLU A 269 27.82 28.85 -10.53
N PHE A 270 28.40 28.34 -9.45
CA PHE A 270 29.79 27.91 -9.48
C PHE A 270 29.76 26.41 -9.79
N TYR A 271 30.21 26.02 -10.99
CA TYR A 271 29.95 24.65 -11.46
C TYR A 271 30.75 23.56 -10.76
N THR A 272 30.03 22.63 -10.15
CA THR A 272 30.68 21.51 -9.45
C THR A 272 30.92 20.36 -10.42
N GLY A 273 30.29 20.43 -11.57
CA GLY A 273 30.35 19.41 -12.59
C GLY A 273 29.79 20.02 -13.85
N TRP A 274 29.15 19.21 -14.68
CA TRP A 274 28.59 19.72 -15.95
C TRP A 274 27.52 18.77 -16.45
N LEU A 275 26.78 19.23 -17.45
CA LEU A 275 25.73 18.39 -18.01
C LEU A 275 26.26 17.31 -18.94
N ASP A 276 25.40 16.36 -19.28
CA ASP A 276 25.66 15.30 -20.24
C ASP A 276 24.77 15.40 -21.49
N HIS A 277 25.15 14.65 -22.53
CA HIS A 277 24.24 14.39 -23.63
C HIS A 277 24.29 12.91 -23.96
N TRP A 278 23.17 12.36 -24.42
CA TRP A 278 23.14 10.95 -24.87
C TRP A 278 24.24 10.79 -25.89
N GLY A 279 25.03 9.74 -25.79
CA GLY A 279 26.07 9.52 -26.78
C GLY A 279 27.42 10.22 -26.55
N GLN A 280 27.51 11.07 -25.54
CA GLN A 280 28.78 11.69 -25.18
C GLN A 280 29.27 11.09 -23.88
N PRO A 281 30.59 11.12 -23.63
CA PRO A 281 31.10 10.62 -22.33
C PRO A 281 30.53 11.45 -21.18
N HIS A 282 30.29 10.78 -20.05
CA HIS A 282 29.77 11.41 -18.84
C HIS A 282 30.68 12.54 -18.38
N SER A 283 30.16 13.76 -18.21
CA SER A 283 30.97 14.87 -17.69
C SER A 283 31.38 14.69 -16.23
N THR A 284 32.66 14.98 -15.94
CA THR A 284 33.19 15.05 -14.56
C THR A 284 34.12 16.27 -14.39
N ILE A 285 34.18 16.78 -13.16
CA ILE A 285 35.15 17.81 -12.79
C ILE A 285 35.87 17.30 -11.55
N LYS A 286 37.19 17.38 -11.56
CA LYS A 286 38.02 16.96 -10.42
C LYS A 286 37.62 17.58 -9.07
N THR A 287 37.64 16.76 -8.03
CA THR A 287 37.37 17.23 -6.66
C THR A 287 38.30 18.39 -6.24
N GLU A 288 39.60 18.22 -6.48
CA GLU A 288 40.60 19.26 -6.18
C GLU A 288 40.32 20.58 -6.94
N ALA A 289 39.84 20.51 -8.18
CA ALA A 289 39.58 21.72 -8.97
C ALA A 289 38.41 22.49 -8.35
N VAL A 290 37.37 21.75 -7.95
CA VAL A 290 36.23 22.42 -7.29
C VAL A 290 36.64 22.98 -5.90
N ALA A 291 37.41 22.20 -5.16
CA ALA A 291 37.77 22.60 -3.78
C ALA A 291 38.62 23.88 -3.79
N SER A 292 39.65 23.90 -4.65
CA SER A 292 40.53 25.06 -4.75
C SER A 292 39.83 26.33 -5.22
N SER A 293 38.92 26.17 -6.18
CA SER A 293 38.17 27.32 -6.68
C SER A 293 37.21 27.82 -5.63
N LEU A 294 36.56 26.88 -4.94
CA LEU A 294 35.64 27.27 -3.87
C LEU A 294 36.39 28.08 -2.83
N TYR A 295 37.57 27.58 -2.44
CA TYR A 295 38.41 28.27 -1.44
C TYR A 295 38.66 29.69 -1.88
N ASP A 296 39.06 29.88 -3.14
CA ASP A 296 39.46 31.23 -3.62
C ASP A 296 38.28 32.17 -3.70
N ILE A 297 37.14 31.65 -4.15
CA ILE A 297 35.91 32.43 -4.15
C ILE A 297 35.59 32.87 -2.73
N LEU A 298 35.60 31.91 -1.79
CA LEU A 298 35.24 32.21 -0.40
C LEU A 298 36.20 33.24 0.20
N ALA A 299 37.49 33.08 -0.15
CA ALA A 299 38.53 33.99 0.34
C ALA A 299 38.32 35.45 -0.12
N ARG A 300 37.59 35.69 -1.21
CA ARG A 300 37.26 37.08 -1.59
C ARG A 300 36.11 37.69 -0.83
N GLY A 301 35.51 36.92 0.09
CA GLY A 301 34.35 37.41 0.81
C GLY A 301 33.08 37.32 -0.04
N ALA A 302 33.19 36.66 -1.18
CA ALA A 302 32.07 36.50 -2.11
C ALA A 302 31.02 35.57 -1.54
N SER A 303 29.75 35.86 -1.86
CA SER A 303 28.71 34.89 -1.68
C SER A 303 28.81 33.96 -2.88
N VAL A 304 28.41 32.70 -2.72
CA VAL A 304 28.55 31.70 -3.79
C VAL A 304 27.54 30.56 -3.68
N ASN A 305 27.01 30.17 -4.84
CA ASN A 305 26.14 29.00 -4.92
C ASN A 305 26.75 27.89 -5.74
N LEU A 306 26.79 26.67 -5.19
CA LEU A 306 27.29 25.49 -5.91
C LEU A 306 26.19 24.86 -6.79
N TYR A 307 26.37 25.00 -8.11
CA TYR A 307 25.49 24.40 -9.10
C TYR A 307 26.16 23.15 -9.71
N MET A 308 25.65 21.93 -9.54
CA MET A 308 24.58 21.52 -8.64
C MET A 308 25.21 21.00 -7.35
N PHE A 309 24.48 21.11 -6.24
CA PHE A 309 24.91 20.42 -5.06
C PHE A 309 24.44 18.93 -5.04
N ILE A 310 23.15 18.72 -5.30
CA ILE A 310 22.70 17.42 -5.74
C ILE A 310 21.98 17.69 -7.04
N GLY A 311 22.28 16.89 -8.07
CA GLY A 311 21.60 17.04 -9.38
C GLY A 311 20.29 16.26 -9.42
N GLY A 312 20.34 14.97 -9.11
CA GLY A 312 19.13 14.15 -9.13
C GLY A 312 18.80 13.59 -10.49
N THR A 313 17.52 13.61 -10.85
CA THR A 313 16.99 12.85 -12.00
C THR A 313 15.98 13.66 -12.77
N ASN A 314 16.01 13.51 -14.09
CA ASN A 314 14.93 14.01 -14.99
C ASN A 314 13.97 12.85 -15.23
N PHE A 315 12.98 12.72 -14.36
CA PHE A 315 11.98 11.69 -14.48
C PHE A 315 11.06 12.01 -15.67
N ALA A 316 10.30 11.00 -16.09
CA ALA A 316 9.29 11.17 -17.16
C ALA A 316 9.93 11.77 -18.41
N TYR A 317 9.44 12.90 -18.91
CA TYR A 317 9.97 13.53 -20.13
C TYR A 317 10.55 14.88 -19.79
N TRP A 318 11.06 15.06 -18.58
CA TRP A 318 11.46 16.42 -18.15
C TRP A 318 12.83 16.92 -18.65
N ASN A 319 13.64 16.02 -19.21
CA ASN A 319 14.96 16.44 -19.73
C ASN A 319 14.85 17.54 -20.82
N GLY A 320 15.89 18.34 -20.97
CA GLY A 320 15.95 19.35 -22.08
C GLY A 320 16.87 18.85 -23.20
N ALA A 321 17.33 19.77 -24.04
CA ALA A 321 18.26 19.45 -25.11
C ALA A 321 18.99 20.74 -25.52
N ASN A 322 20.09 20.57 -26.25
CA ASN A 322 20.81 21.72 -26.83
C ASN A 322 20.76 21.70 -28.35
N SER A 323 21.04 22.85 -28.96
CA SER A 323 21.14 22.99 -30.41
C SER A 323 22.62 23.08 -30.77
N PRO A 324 23.06 22.41 -31.85
CA PRO A 324 22.25 21.54 -32.75
C PRO A 324 21.79 20.28 -31.99
N TYR A 325 20.61 19.78 -32.36
CA TYR A 325 19.80 18.95 -31.49
C TYR A 325 20.57 17.79 -30.85
N ALA A 326 20.72 17.89 -29.53
CA ALA A 326 21.36 16.86 -28.66
C ALA A 326 20.64 16.80 -27.30
N ALA A 327 19.97 15.70 -27.00
CA ALA A 327 19.16 15.69 -25.75
C ALA A 327 20.04 15.33 -24.58
N GLN A 328 19.76 15.92 -23.42
CA GLN A 328 20.34 15.49 -22.16
C GLN A 328 19.65 14.19 -21.69
N PRO A 329 20.38 13.32 -21.00
CA PRO A 329 19.73 12.08 -20.59
C PRO A 329 18.91 12.19 -19.28
N THR A 330 18.40 11.05 -18.83
CA THR A 330 17.53 10.94 -17.66
C THR A 330 18.27 11.33 -16.37
N SER A 331 19.47 10.80 -16.17
CA SER A 331 20.25 11.14 -15.00
C SER A 331 20.70 12.60 -15.07
N TYR A 332 20.51 13.33 -13.97
CA TYR A 332 21.16 14.63 -13.76
C TYR A 332 22.17 14.53 -12.63
N ASP A 333 22.86 13.37 -12.52
CA ASP A 333 23.89 13.22 -11.52
C ASP A 333 24.86 14.41 -11.46
N TYR A 334 25.28 14.90 -12.63
CA TYR A 334 26.01 16.17 -12.80
C TYR A 334 27.44 16.03 -12.29
N ASP A 335 27.80 14.84 -11.79
CA ASP A 335 29.05 14.67 -10.98
C ASP A 335 29.03 15.60 -9.73
N ALA A 336 27.83 15.87 -9.22
CA ALA A 336 27.62 16.78 -8.06
C ALA A 336 28.22 16.17 -6.76
N PRO A 337 28.45 17.00 -5.72
CA PRO A 337 28.98 16.49 -4.44
C PRO A 337 28.09 15.41 -3.81
N LEU A 338 26.77 15.56 -3.95
CA LEU A 338 25.82 14.49 -3.63
C LEU A 338 25.45 13.82 -4.94
N SER A 339 25.57 12.50 -5.00
CA SER A 339 25.28 11.81 -6.22
C SER A 339 23.79 11.75 -6.57
N GLU A 340 23.45 11.16 -7.73
CA GLU A 340 22.06 11.12 -8.18
C GLU A 340 21.10 10.64 -7.07
N ALA A 341 21.49 9.54 -6.43
CA ALA A 341 20.67 8.91 -5.38
C ALA A 341 20.93 9.52 -3.98
N GLY A 342 21.60 10.66 -3.94
CA GLY A 342 21.87 11.32 -2.68
C GLY A 342 23.13 10.89 -1.91
N ASP A 343 24.01 10.08 -2.51
CA ASP A 343 25.21 9.57 -1.78
C ASP A 343 26.24 10.64 -1.42
N LEU A 344 26.86 10.47 -0.26
CA LEU A 344 28.02 11.27 0.13
C LEU A 344 29.19 10.78 -0.71
N THR A 345 29.83 11.69 -1.43
CA THR A 345 30.94 11.35 -2.28
C THR A 345 32.20 11.98 -1.68
N GLU A 346 33.36 11.62 -2.22
CA GLU A 346 34.62 12.28 -1.83
C GLU A 346 34.54 13.78 -2.05
N LYS A 347 33.88 14.19 -3.13
CA LYS A 347 33.73 15.60 -3.41
C LYS A 347 33.00 16.30 -2.29
N TYR A 348 31.95 15.66 -1.80
CA TYR A 348 31.14 16.20 -0.69
C TYR A 348 32.04 16.54 0.51
N PHE A 349 32.86 15.57 0.96
CA PHE A 349 33.71 15.79 2.15
C PHE A 349 34.77 16.83 1.94
N ALA A 350 35.32 16.87 0.73
CA ALA A 350 36.33 17.86 0.37
C ALA A 350 35.76 19.28 0.39
N LEU A 351 34.51 19.43 -0.02
CA LEU A 351 33.87 20.75 -0.07
C LEU A 351 33.44 21.21 1.31
N ARG A 352 32.96 20.27 2.11
CA ARG A 352 32.72 20.48 3.51
C ARG A 352 33.97 21.00 4.26
N ASN A 353 35.12 20.36 3.98
CA ASN A 353 36.41 20.70 4.58
C ASN A 353 36.86 22.09 4.15
N ILE A 354 36.63 22.44 2.90
CA ILE A 354 36.86 23.81 2.47
C ILE A 354 36.02 24.78 3.31
N ILE A 355 34.71 24.52 3.43
CA ILE A 355 33.78 25.43 4.09
C ILE A 355 34.15 25.67 5.54
N GLN A 356 34.49 24.56 6.22
CA GLN A 356 34.99 24.58 7.60
C GLN A 356 36.11 25.58 7.88
N LYS A 357 36.84 25.98 6.84
CA LYS A 357 37.98 26.91 7.01
C LYS A 357 37.48 28.34 7.21
N PHE A 358 36.23 28.57 6.87
CA PHE A 358 35.62 29.89 6.85
C PHE A 358 34.51 30.02 7.87
N GLU A 359 33.84 28.89 8.18
CA GLU A 359 32.64 28.90 9.03
C GLU A 359 32.55 27.62 9.87
N LYS A 360 31.88 27.69 11.02
CA LYS A 360 31.61 26.51 11.85
C LYS A 360 30.48 25.66 11.26
N VAL A 361 30.80 24.43 10.92
CA VAL A 361 29.87 23.49 10.31
C VAL A 361 29.04 22.79 11.41
N PRO A 362 27.78 22.39 11.11
CA PRO A 362 27.02 21.71 12.16
C PRO A 362 27.71 20.48 12.73
N GLU A 363 27.53 20.26 14.03
CA GLU A 363 28.09 19.09 14.73
C GLU A 363 27.20 17.87 14.58
N GLY A 364 27.77 16.68 14.79
CA GLY A 364 27.01 15.43 14.75
C GLY A 364 27.18 14.62 13.46
N PRO A 365 26.77 13.34 13.47
CA PRO A 365 27.00 12.52 12.29
C PRO A 365 26.09 12.91 11.12
N ILE A 366 26.54 12.63 9.91
CA ILE A 366 25.84 13.04 8.72
C ILE A 366 24.89 11.91 8.29
N PRO A 367 23.64 12.24 7.90
CA PRO A 367 22.75 11.18 7.40
C PRO A 367 23.47 10.38 6.31
N PRO A 368 23.33 9.04 6.29
CA PRO A 368 24.19 8.28 5.37
C PRO A 368 23.70 8.22 3.89
N SER A 369 24.58 7.75 3.02
CA SER A 369 24.16 7.30 1.70
C SER A 369 23.13 6.19 1.95
N THR A 370 22.04 6.17 1.17
CA THR A 370 21.00 5.16 1.36
C THR A 370 21.52 3.75 1.02
N PRO A 371 20.98 2.70 1.66
CA PRO A 371 21.34 1.36 1.26
C PRO A 371 20.79 1.08 -0.14
N LYS A 372 21.56 0.35 -0.96
CA LYS A 372 21.04 -0.04 -2.27
C LYS A 372 20.96 -1.55 -2.34
N PHE A 373 19.98 -2.05 -3.09
CA PHE A 373 19.69 -3.49 -3.09
C PHE A 373 19.57 -4.02 -4.52
N ALA A 374 20.19 -5.18 -4.77
CA ALA A 374 20.15 -5.80 -6.07
C ALA A 374 18.98 -6.78 -6.12
N TYR A 375 17.83 -6.36 -6.63
CA TYR A 375 16.71 -7.28 -6.73
C TYR A 375 16.91 -8.42 -7.73
N GLY A 376 17.89 -8.28 -8.63
CA GLY A 376 18.25 -9.33 -9.58
C GLY A 376 17.46 -9.23 -10.88
N LYS A 377 17.42 -10.34 -11.62
CA LYS A 377 16.76 -10.37 -12.92
C LYS A 377 15.24 -10.49 -12.76
N VAL A 378 14.46 -9.74 -13.55
CA VAL A 378 13.01 -9.85 -13.58
C VAL A 378 12.57 -10.02 -15.06
N THR A 379 12.01 -11.18 -15.40
CA THR A 379 11.56 -11.44 -16.78
C THR A 379 10.33 -10.59 -17.12
N LEU A 380 10.26 -10.13 -18.36
CA LEU A 380 9.08 -9.43 -18.85
C LEU A 380 8.47 -10.28 -19.97
N GLU A 381 7.26 -9.94 -20.39
CA GLU A 381 6.76 -10.47 -21.64
C GLU A 381 5.97 -9.39 -22.32
N LYS A 382 5.92 -9.51 -23.63
CA LYS A 382 5.23 -8.57 -24.50
C LYS A 382 3.73 -8.63 -24.19
N LEU A 383 3.16 -7.47 -23.92
CA LEU A 383 1.74 -7.39 -23.65
C LEU A 383 1.03 -7.03 -24.96
N LYS A 384 1.32 -5.86 -25.53
CA LYS A 384 0.65 -5.36 -26.75
C LYS A 384 1.59 -4.40 -27.49
N THR A 385 1.47 -4.32 -28.82
CA THR A 385 2.25 -3.33 -29.58
C THR A 385 1.54 -2.02 -29.35
N VAL A 386 2.19 -0.92 -29.70
CA VAL A 386 1.52 0.39 -29.59
C VAL A 386 0.31 0.43 -30.54
N GLY A 387 0.47 -0.15 -31.74
CA GLY A 387 -0.62 -0.22 -32.71
C GLY A 387 -1.86 -0.89 -32.13
N ALA A 388 -1.66 -1.98 -31.38
CA ALA A 388 -2.75 -2.75 -30.82
C ALA A 388 -3.38 -2.04 -29.65
N ALA A 389 -2.65 -1.12 -29.05
CA ALA A 389 -3.15 -0.46 -27.86
C ALA A 389 -3.71 0.92 -28.20
N LEU A 390 -3.95 1.18 -29.48
CA LEU A 390 -4.39 2.51 -29.90
C LEU A 390 -5.71 2.97 -29.25
N ASP A 391 -6.60 2.00 -29.03
CA ASP A 391 -7.91 2.27 -28.44
C ASP A 391 -7.77 2.87 -27.04
N ILE A 392 -6.93 2.24 -26.21
CA ILE A 392 -6.68 2.72 -24.84
C ILE A 392 -5.76 3.94 -24.78
N LEU A 393 -4.86 4.08 -25.76
CA LEU A 393 -3.92 5.20 -25.79
C LEU A 393 -4.60 6.50 -26.25
N CYS A 394 -5.60 6.34 -27.09
CA CYS A 394 -6.23 7.50 -27.67
C CYS A 394 -7.72 7.32 -27.57
N PRO A 395 -8.30 7.41 -26.36
CA PRO A 395 -9.73 7.02 -26.25
C PRO A 395 -10.73 8.02 -26.83
N SER A 396 -10.32 9.26 -27.05
CA SER A 396 -11.16 10.22 -27.82
C SER A 396 -10.99 10.12 -29.31
N GLY A 397 -10.10 9.26 -29.79
CA GLY A 397 -9.91 9.07 -31.23
C GLY A 397 -9.01 10.11 -31.88
N PRO A 398 -8.59 9.87 -33.13
CA PRO A 398 -7.59 10.68 -33.82
C PRO A 398 -8.09 12.01 -34.34
N ILE A 399 -7.17 12.87 -34.78
CA ILE A 399 -7.47 14.09 -35.49
C ILE A 399 -7.11 13.79 -36.95
N LYS A 400 -7.97 14.16 -37.89
CA LYS A 400 -7.68 13.95 -39.30
C LYS A 400 -7.17 15.26 -39.90
N SER A 401 -6.21 15.19 -40.82
CA SER A 401 -5.64 16.42 -41.38
C SER A 401 -5.11 16.14 -42.76
N LEU A 402 -5.21 17.12 -43.64
CA LEU A 402 -4.65 16.98 -44.98
C LEU A 402 -3.12 16.81 -44.95
N TYR A 403 -2.44 17.71 -44.24
CA TYR A 403 -0.99 17.62 -43.99
C TYR A 403 -0.74 17.38 -42.49
N PRO A 404 0.47 16.93 -42.13
CA PRO A 404 0.75 16.65 -40.70
C PRO A 404 0.62 17.88 -39.80
N LEU A 405 0.19 17.63 -38.56
CA LEU A 405 0.18 18.64 -37.49
C LEU A 405 1.26 18.34 -36.47
N THR A 406 1.72 19.38 -35.78
CA THR A 406 2.70 19.22 -34.72
C THR A 406 2.07 18.68 -33.41
N PHE A 407 2.90 18.30 -32.44
CA PHE A 407 2.40 17.91 -31.09
C PHE A 407 1.46 18.98 -30.51
N ILE A 408 1.89 20.23 -30.58
CA ILE A 408 1.17 21.33 -29.98
C ILE A 408 -0.22 21.46 -30.62
N GLN A 409 -0.30 21.36 -31.95
CA GLN A 409 -1.59 21.39 -32.64
C GLN A 409 -2.50 20.23 -32.28
N VAL A 410 -1.99 19.06 -31.90
CA VAL A 410 -2.90 17.99 -31.47
C VAL A 410 -3.03 17.92 -29.96
N LYS A 411 -2.57 18.98 -29.28
CA LYS A 411 -2.75 19.11 -27.84
C LYS A 411 -1.94 18.09 -27.03
N GLN A 412 -0.81 17.66 -27.58
CA GLN A 412 0.08 16.78 -26.86
C GLN A 412 1.36 17.56 -26.54
N HIS A 413 1.85 17.53 -25.30
CA HIS A 413 3.10 18.24 -25.04
C HIS A 413 4.32 17.35 -25.01
N TYR A 414 4.19 16.19 -24.37
CA TYR A 414 5.33 15.33 -24.08
C TYR A 414 5.03 13.91 -24.54
N GLY A 415 6.08 13.11 -24.70
CA GLY A 415 5.90 11.71 -25.06
C GLY A 415 5.83 11.47 -26.56
N PHE A 416 4.78 10.78 -26.99
CA PHE A 416 4.69 10.22 -28.34
C PHE A 416 3.34 10.48 -29.02
N VAL A 417 3.37 10.64 -30.34
CA VAL A 417 2.18 10.85 -31.14
C VAL A 417 2.31 9.92 -32.35
N LEU A 418 1.25 9.18 -32.66
CA LEU A 418 1.31 8.28 -33.80
C LEU A 418 0.71 8.96 -35.01
N TYR A 419 1.46 9.01 -36.11
CA TYR A 419 0.96 9.59 -37.37
C TYR A 419 0.72 8.45 -38.35
N ARG A 420 -0.49 8.41 -38.93
CA ARG A 420 -0.91 7.31 -39.81
C ARG A 420 -1.46 7.82 -41.18
N THR A 421 -1.06 7.12 -42.24
CA THR A 421 -1.59 7.34 -43.60
C THR A 421 -1.51 6.01 -44.38
N THR A 422 -1.90 6.03 -45.65
CA THR A 422 -1.80 4.79 -46.44
C THR A 422 -0.91 5.05 -47.63
N LEU A 423 -0.27 4.00 -48.16
CA LEU A 423 0.66 4.22 -49.28
C LEU A 423 -0.13 4.50 -50.55
N PRO A 424 0.13 5.65 -51.21
CA PRO A 424 -0.60 6.05 -52.43
C PRO A 424 -0.03 5.46 -53.72
N GLN A 425 0.72 4.36 -53.63
CA GLN A 425 1.36 3.72 -54.78
C GLN A 425 2.02 2.45 -54.28
N ASP A 426 2.23 1.50 -55.17
CA ASP A 426 2.87 0.25 -54.81
C ASP A 426 4.34 0.46 -54.51
N CYS A 427 4.81 -0.14 -53.41
CA CYS A 427 6.21 -0.03 -53.06
C CYS A 427 6.80 -1.42 -52.88
N SER A 428 6.57 -2.29 -53.87
CA SER A 428 7.27 -3.57 -53.91
C SER A 428 8.78 -3.37 -54.03
N ASN A 429 9.18 -2.37 -54.81
CA ASN A 429 10.55 -1.87 -54.78
C ASN A 429 10.64 -0.74 -53.78
N PRO A 430 11.75 -0.70 -53.02
CA PRO A 430 11.84 0.28 -51.97
C PRO A 430 11.73 1.69 -52.49
N ALA A 431 10.91 2.47 -51.82
CA ALA A 431 10.68 3.85 -52.19
C ALA A 431 11.14 4.72 -51.03
N PRO A 432 11.73 5.87 -51.35
CA PRO A 432 12.28 6.74 -50.31
C PRO A 432 11.17 7.51 -49.59
N LEU A 433 11.03 7.24 -48.28
CA LEU A 433 10.23 8.08 -47.37
C LEU A 433 11.14 9.14 -46.77
N SER A 434 10.75 10.40 -46.87
CA SER A 434 11.69 11.47 -46.58
C SER A 434 10.99 12.69 -45.99
N SER A 435 11.72 13.42 -45.15
CA SER A 435 11.27 14.69 -44.65
C SER A 435 12.28 15.68 -45.23
N PRO A 436 12.00 16.17 -46.45
CA PRO A 436 12.97 17.04 -47.12
C PRO A 436 13.45 18.24 -46.26
N LEU A 437 12.60 18.84 -45.44
CA LEU A 437 13.09 19.97 -44.64
C LEU A 437 13.63 19.55 -43.26
N ASN A 438 13.99 18.28 -43.08
CA ASN A 438 14.49 17.83 -41.77
C ASN A 438 13.47 18.13 -40.65
N GLY A 439 12.21 17.76 -40.87
CA GLY A 439 11.14 18.11 -39.94
C GLY A 439 10.56 16.94 -39.17
N VAL A 440 11.39 15.92 -38.92
CA VAL A 440 11.02 14.89 -37.92
C VAL A 440 11.59 15.30 -36.53
N HIS A 441 10.76 15.84 -35.63
CA HIS A 441 11.23 16.29 -34.33
C HIS A 441 10.63 15.38 -33.24
N ASP A 442 11.36 14.34 -32.83
CA ASP A 442 12.80 14.27 -33.01
C ASP A 442 13.26 12.92 -33.55
N ARG A 443 12.41 11.90 -33.42
CA ARG A 443 12.78 10.56 -33.82
C ARG A 443 11.45 9.89 -34.24
N ALA A 444 11.44 9.11 -35.33
CA ALA A 444 10.21 8.44 -35.74
C ALA A 444 10.47 6.97 -35.98
N TYR A 445 9.65 6.12 -35.39
CA TYR A 445 9.76 4.67 -35.57
C TYR A 445 8.67 4.27 -36.59
N VAL A 446 9.13 3.78 -37.74
CA VAL A 446 8.28 3.63 -38.96
C VAL A 446 7.89 2.18 -39.18
N ALA A 447 6.62 1.96 -39.47
CA ALA A 447 6.12 0.63 -39.79
C ALA A 447 5.19 0.74 -40.99
N VAL A 448 5.15 -0.32 -41.80
CA VAL A 448 4.20 -0.38 -42.93
C VAL A 448 3.50 -1.73 -42.79
N ASP A 449 2.17 -1.69 -42.63
CA ASP A 449 1.38 -2.87 -42.29
C ASP A 449 1.96 -3.73 -41.17
N GLY A 450 2.36 -3.10 -40.07
CA GLY A 450 2.90 -3.87 -38.97
C GLY A 450 4.30 -4.42 -39.18
N ILE A 451 4.98 -4.03 -40.27
CA ILE A 451 6.37 -4.41 -40.49
C ILE A 451 7.29 -3.19 -40.22
N PRO A 452 8.15 -3.27 -39.20
CA PRO A 452 8.99 -2.14 -38.86
C PRO A 452 9.97 -1.83 -40.00
N GLN A 453 10.17 -0.56 -40.29
CA GLN A 453 11.00 -0.21 -41.43
C GLN A 453 12.30 0.46 -41.00
N GLY A 454 12.48 0.77 -39.71
CA GLY A 454 13.62 1.53 -39.22
C GLY A 454 13.22 2.91 -38.69
N VAL A 455 14.14 3.86 -38.72
CA VAL A 455 14.01 5.09 -37.96
C VAL A 455 14.38 6.33 -38.77
N LEU A 456 13.59 7.40 -38.65
CA LEU A 456 14.01 8.75 -39.07
C LEU A 456 14.48 9.56 -37.85
N GLU A 457 15.46 10.44 -38.07
CA GLU A 457 16.18 11.08 -36.97
C GLU A 457 16.43 12.56 -37.29
N ARG A 458 16.04 13.46 -36.38
CA ARG A 458 16.30 14.88 -36.56
C ARG A 458 17.78 15.04 -36.89
N ASN A 459 18.09 15.80 -37.93
CA ASN A 459 19.48 15.99 -38.43
C ASN A 459 20.08 14.75 -39.17
N ASN A 460 20.24 13.66 -38.46
CA ASN A 460 20.99 12.49 -38.93
C ASN A 460 20.49 11.68 -40.14
N VAL A 461 19.20 11.43 -40.19
CA VAL A 461 18.67 10.57 -41.22
C VAL A 461 17.30 11.11 -41.56
N ILE A 462 17.20 11.77 -42.68
CA ILE A 462 15.92 12.33 -43.10
C ILE A 462 15.20 11.48 -44.18
N THR A 463 15.84 10.39 -44.60
CA THR A 463 15.26 9.50 -45.58
C THR A 463 15.41 8.06 -45.15
N LEU A 464 14.36 7.29 -45.34
CA LEU A 464 14.29 5.87 -45.03
C LEU A 464 13.57 5.13 -46.18
N ASN A 465 14.18 4.09 -46.72
CA ASN A 465 13.46 3.31 -47.74
C ASN A 465 12.42 2.36 -47.16
N ILE A 466 11.24 2.41 -47.75
CA ILE A 466 10.18 1.55 -47.24
C ILE A 466 9.67 0.67 -48.38
N THR A 467 9.10 -0.48 -48.01
CA THR A 467 8.44 -1.32 -48.96
C THR A 467 7.04 -1.66 -48.45
N GLY A 468 6.11 -1.95 -49.38
CA GLY A 468 4.77 -2.43 -49.02
C GLY A 468 3.81 -2.16 -50.16
N LYS A 469 2.62 -2.78 -50.13
CA LYS A 469 1.62 -2.61 -51.21
C LYS A 469 0.93 -1.26 -51.18
N ALA A 470 0.42 -0.84 -52.33
CA ALA A 470 -0.36 0.39 -52.40
C ALA A 470 -1.51 0.26 -51.41
N GLY A 471 -1.86 1.35 -50.71
CA GLY A 471 -2.94 1.30 -49.69
C GLY A 471 -2.57 0.69 -48.34
N ALA A 472 -1.32 0.23 -48.18
CA ALA A 472 -0.84 -0.27 -46.90
C ALA A 472 -0.81 0.87 -45.89
N THR A 473 -0.94 0.55 -44.62
CA THR A 473 -0.96 1.53 -43.55
C THR A 473 0.49 1.87 -43.20
N LEU A 474 0.83 3.14 -43.40
CA LEU A 474 2.11 3.69 -43.00
C LEU A 474 1.96 4.37 -41.64
N ASP A 475 2.70 3.86 -40.65
CA ASP A 475 2.69 4.42 -39.28
C ASP A 475 4.05 5.05 -38.96
N LEU A 476 4.02 6.27 -38.42
CA LEU A 476 5.19 6.87 -37.81
C LEU A 476 4.92 7.22 -36.33
N LEU A 477 5.58 6.50 -35.42
CA LEU A 477 5.51 6.81 -33.99
C LEU A 477 6.57 7.87 -33.69
N VAL A 478 6.16 9.13 -33.44
CA VAL A 478 7.12 10.22 -33.23
C VAL A 478 7.27 10.55 -31.75
N GLU A 479 8.54 10.56 -31.30
CA GLU A 479 8.94 10.87 -29.93
C GLU A 479 9.51 12.29 -29.83
N ASN A 480 9.00 13.06 -28.87
CA ASN A 480 9.62 14.30 -28.47
C ASN A 480 10.72 13.93 -27.49
N MET A 481 11.96 14.10 -27.93
CA MET A 481 13.13 13.75 -27.11
C MET A 481 13.56 14.83 -26.12
N GLY A 482 12.77 15.90 -26.03
CA GLY A 482 13.12 17.05 -25.18
C GLY A 482 13.20 18.36 -25.95
N ARG A 483 12.43 19.35 -25.51
CA ARG A 483 12.52 20.67 -26.14
C ARG A 483 13.80 21.37 -25.74
N VAL A 484 14.47 21.90 -26.74
CA VAL A 484 15.68 22.70 -26.53
C VAL A 484 15.48 23.76 -25.44
N ASN A 485 16.46 23.89 -24.54
CA ASN A 485 16.31 24.72 -23.33
C ASN A 485 17.22 25.97 -23.26
N TYR A 486 17.98 26.18 -24.34
CA TYR A 486 19.00 27.21 -24.41
C TYR A 486 19.26 27.63 -25.83
N GLY A 487 19.52 28.93 -26.03
CA GLY A 487 19.84 29.44 -27.35
C GLY A 487 18.56 29.93 -28.02
N ALA A 488 18.65 30.23 -29.32
CA ALA A 488 17.60 30.93 -30.02
C ALA A 488 16.39 30.03 -30.27
N TYR A 489 16.62 28.72 -30.35
CA TYR A 489 15.64 27.78 -30.85
C TYR A 489 14.90 27.00 -29.76
N ILE A 490 14.51 27.72 -28.72
CA ILE A 490 13.74 27.13 -27.65
C ILE A 490 12.27 26.95 -28.08
N ASN A 491 11.83 27.64 -29.15
CA ASN A 491 10.47 27.43 -29.74
C ASN A 491 10.44 26.17 -30.61
N ASP A 492 10.64 25.04 -29.94
CA ASP A 492 10.93 23.76 -30.54
C ASP A 492 9.62 23.02 -30.59
N PHE A 493 8.94 23.05 -31.73
CA PHE A 493 7.57 22.55 -31.80
C PHE A 493 7.31 21.04 -31.54
N LYS A 494 8.05 20.16 -32.19
CA LYS A 494 7.92 18.66 -32.04
C LYS A 494 6.85 17.97 -32.88
N GLY A 495 7.15 16.76 -33.34
CA GLY A 495 6.27 16.00 -34.23
C GLY A 495 6.78 16.01 -35.66
N LEU A 496 5.89 15.73 -36.61
CA LEU A 496 6.18 16.02 -38.01
C LEU A 496 5.88 17.53 -38.19
N VAL A 497 6.92 18.37 -38.18
CA VAL A 497 6.73 19.81 -38.25
C VAL A 497 6.77 20.30 -39.69
N SER A 498 6.97 19.37 -40.63
CA SER A 498 6.90 19.69 -42.03
C SER A 498 6.48 18.43 -42.76
N ASN A 499 6.15 18.55 -44.04
CA ASN A 499 5.67 17.46 -44.87
C ASN A 499 6.62 16.27 -45.00
N LEU A 500 6.08 15.08 -45.22
CA LEU A 500 6.85 13.93 -45.60
C LEU A 500 6.59 13.66 -47.07
N THR A 501 7.60 13.19 -47.80
CA THR A 501 7.39 12.78 -49.19
C THR A 501 7.66 11.28 -49.36
N LEU A 502 6.99 10.67 -50.34
CA LEU A 502 7.27 9.32 -50.76
C LEU A 502 7.59 9.35 -52.26
N SER A 503 8.76 8.88 -52.64
CA SER A 503 9.26 9.01 -54.01
C SER A 503 9.10 10.48 -54.50
N SER A 504 9.34 11.42 -53.59
CA SER A 504 9.36 12.85 -53.86
C SER A 504 8.01 13.55 -53.79
N ASN A 505 6.91 12.81 -53.82
CA ASN A 505 5.59 13.42 -53.72
C ASN A 505 5.12 13.52 -52.26
N ILE A 506 4.64 14.71 -51.89
CA ILE A 506 4.06 14.98 -50.58
C ILE A 506 2.99 13.94 -50.23
N LEU A 507 3.09 13.40 -49.03
CA LEU A 507 2.10 12.48 -48.54
C LEU A 507 0.97 13.27 -47.88
N THR A 508 -0.27 12.96 -48.25
CA THR A 508 -1.41 13.67 -47.67
C THR A 508 -2.37 12.70 -47.02
N ASP A 509 -3.34 13.27 -46.28
CA ASP A 509 -4.40 12.54 -45.58
C ASP A 509 -3.91 11.75 -44.39
N TRP A 510 -3.83 12.46 -43.26
CA TRP A 510 -3.22 11.95 -42.03
C TRP A 510 -4.28 11.70 -40.98
N THR A 511 -4.15 10.55 -40.31
CA THR A 511 -4.89 10.27 -39.10
C THR A 511 -3.89 10.28 -37.92
N ILE A 512 -4.06 11.22 -36.99
CA ILE A 512 -3.03 11.48 -35.98
C ILE A 512 -3.57 11.19 -34.58
N PHE A 513 -2.87 10.34 -33.82
CA PHE A 513 -3.33 9.87 -32.50
C PHE A 513 -2.40 10.42 -31.42
N PRO A 514 -2.85 11.43 -30.64
CA PRO A 514 -2.11 11.77 -29.42
C PRO A 514 -2.19 10.51 -28.50
N LEU A 515 -1.09 10.15 -27.84
CA LEU A 515 -1.07 8.90 -27.03
C LEU A 515 -0.98 9.26 -25.56
N ASP A 516 -1.99 8.89 -24.76
CA ASP A 516 -1.89 9.11 -23.30
C ASP A 516 -1.27 7.90 -22.66
N THR A 517 0.04 7.82 -22.88
CA THR A 517 0.87 6.73 -22.38
C THR A 517 0.80 6.64 -20.88
N GLU A 518 0.70 7.78 -20.20
CA GLU A 518 0.73 7.78 -18.73
C GLU A 518 -0.53 7.09 -18.15
N ASP A 519 -1.71 7.51 -18.59
CA ASP A 519 -2.97 6.88 -18.14
C ASP A 519 -3.01 5.41 -18.49
N ALA A 520 -2.68 5.10 -19.74
CA ALA A 520 -2.74 3.75 -20.23
C ALA A 520 -1.87 2.79 -19.40
N VAL A 521 -0.63 3.21 -19.12
CA VAL A 521 0.27 2.38 -18.31
C VAL A 521 -0.29 2.19 -16.88
N ARG A 522 -0.89 3.25 -16.33
CA ARG A 522 -1.48 3.18 -15.01
C ARG A 522 -2.72 2.27 -14.93
N SER A 523 -3.44 2.08 -16.03
CA SER A 523 -4.51 1.08 -16.06
C SER A 523 -4.03 -0.27 -16.62
N HIS A 524 -2.71 -0.45 -16.83
CA HIS A 524 -2.18 -1.70 -17.43
C HIS A 524 -2.87 -1.96 -18.81
N LEU A 525 -2.87 -0.90 -19.61
CA LEU A 525 -3.47 -0.85 -20.94
C LEU A 525 -4.94 -1.32 -20.90
N GLY A 526 -5.67 -0.83 -19.88
CA GLY A 526 -7.09 -1.11 -19.76
C GLY A 526 -7.39 -2.36 -18.97
N GLY A 527 -6.39 -3.22 -18.78
CA GLY A 527 -6.52 -4.49 -18.05
C GLY A 527 -7.04 -4.40 -16.61
N TRP A 528 -6.86 -3.23 -15.98
CA TRP A 528 -7.33 -3.03 -14.60
C TRP A 528 -8.57 -2.14 -14.50
N GLY A 529 -9.21 -1.87 -15.64
CA GLY A 529 -10.37 -1.01 -15.63
C GLY A 529 -9.99 0.43 -15.32
N HIS A 530 -10.96 1.20 -14.85
CA HIS A 530 -10.82 2.65 -14.73
C HIS A 530 -11.30 3.28 -13.41
N ARG A 531 -11.44 2.47 -12.38
CA ARG A 531 -11.69 2.97 -11.04
C ARG A 531 -10.48 3.66 -10.34
N ASN A 546 18.43 -4.73 -37.15
CA ASN A 546 16.99 -5.05 -37.27
C ASN A 546 16.08 -4.42 -36.18
N TYR A 547 14.77 -4.41 -36.36
CA TYR A 547 13.85 -3.68 -35.48
C TYR A 547 12.66 -4.54 -35.10
N THR A 548 12.03 -4.26 -33.96
CA THR A 548 10.74 -4.84 -33.60
C THR A 548 9.74 -3.68 -33.52
N LEU A 549 8.44 -3.99 -33.63
CA LEU A 549 7.39 -2.96 -33.51
C LEU A 549 7.39 -2.35 -32.13
N PRO A 550 7.24 -1.01 -32.03
CA PRO A 550 7.13 -0.44 -30.70
C PRO A 550 6.06 -1.15 -29.85
N ALA A 551 6.41 -1.58 -28.62
CA ALA A 551 5.52 -2.42 -27.80
C ALA A 551 5.77 -2.25 -26.30
N PHE A 552 4.76 -2.63 -25.53
CA PHE A 552 4.75 -2.62 -24.09
C PHE A 552 5.03 -4.04 -23.60
N TYR A 553 6.09 -4.16 -22.75
CA TYR A 553 6.54 -5.39 -22.11
C TYR A 553 6.36 -5.23 -20.59
N MET A 554 5.72 -6.21 -19.96
CA MET A 554 5.37 -6.13 -18.54
C MET A 554 5.87 -7.32 -17.76
N GLY A 555 6.27 -7.08 -16.52
CA GLY A 555 6.61 -8.13 -15.60
C GLY A 555 6.50 -7.66 -14.17
N ASN A 556 6.36 -8.62 -13.27
CA ASN A 556 6.15 -8.38 -11.86
C ASN A 556 7.28 -8.91 -10.98
N PHE A 557 7.53 -8.29 -9.85
CA PHE A 557 8.39 -8.89 -8.86
C PHE A 557 7.85 -8.48 -7.50
N SER A 558 7.98 -9.42 -6.58
CA SER A 558 7.56 -9.23 -5.20
C SER A 558 8.70 -8.93 -4.26
N ILE A 559 8.40 -8.20 -3.19
CA ILE A 559 9.35 -7.92 -2.13
C ILE A 559 8.67 -8.26 -0.80
N PRO A 560 9.39 -8.94 0.11
CA PRO A 560 8.65 -9.40 1.30
C PRO A 560 8.32 -8.26 2.25
N SER A 561 7.21 -8.40 2.98
CA SER A 561 6.83 -7.43 4.02
C SER A 561 7.41 -7.85 5.36
N GLY A 562 7.35 -6.95 6.33
CA GLY A 562 7.83 -7.24 7.69
C GLY A 562 9.35 -7.30 7.79
N ILE A 563 10.05 -6.85 6.75
CA ILE A 563 11.50 -6.76 6.75
C ILE A 563 11.90 -5.27 6.90
N PRO A 564 12.51 -4.90 8.03
CA PRO A 564 12.64 -3.45 8.25
C PRO A 564 13.44 -2.76 7.15
N ASP A 565 14.40 -3.44 6.55
CA ASP A 565 15.23 -2.81 5.54
C ASP A 565 14.90 -3.11 4.09
N LEU A 566 13.65 -3.48 3.80
CA LEU A 566 13.15 -3.66 2.44
C LEU A 566 11.79 -2.96 2.34
N PRO A 567 11.51 -2.29 1.21
CA PRO A 567 12.30 -2.08 -0.01
C PRO A 567 13.51 -1.19 0.22
N GLN A 568 14.52 -1.34 -0.64
CA GLN A 568 15.60 -0.36 -0.71
C GLN A 568 15.67 0.26 -2.09
N ASP A 569 16.36 1.39 -2.17
CA ASP A 569 16.70 2.01 -3.46
C ASP A 569 17.41 0.98 -4.34
N THR A 570 17.27 1.15 -5.65
CA THR A 570 17.93 0.28 -6.61
C THR A 570 18.23 1.00 -7.92
N PHE A 571 18.87 0.28 -8.85
CA PHE A 571 19.22 0.80 -10.18
C PHE A 571 18.76 -0.26 -11.13
N ILE A 572 17.99 0.14 -12.14
CA ILE A 572 17.48 -0.78 -13.17
C ILE A 572 18.33 -0.67 -14.43
N GLN A 573 18.63 -1.83 -15.00
CA GLN A 573 19.50 -1.93 -16.16
C GLN A 573 18.82 -2.75 -17.26
N PHE A 574 19.20 -2.51 -18.51
CA PHE A 574 18.44 -3.08 -19.64
C PHE A 574 19.29 -3.89 -20.64
N PRO A 575 20.00 -4.92 -20.15
CA PRO A 575 20.83 -5.66 -21.09
C PRO A 575 20.04 -6.18 -22.29
N GLY A 576 20.42 -5.78 -23.50
CA GLY A 576 19.82 -6.36 -24.72
C GLY A 576 18.67 -5.54 -25.27
N TRP A 577 18.14 -4.61 -24.48
CA TRP A 577 17.14 -3.65 -24.96
C TRP A 577 17.86 -2.55 -25.77
N THR A 578 17.12 -1.63 -26.34
CA THR A 578 17.74 -0.66 -27.20
C THR A 578 17.38 0.78 -26.78
N LYS A 579 16.10 1.14 -26.92
CA LYS A 579 15.68 2.49 -26.53
C LYS A 579 14.22 2.48 -26.08
N GLY A 580 13.91 3.20 -25.01
CA GLY A 580 12.53 3.38 -24.61
C GLY A 580 12.30 4.06 -23.29
N GLN A 581 11.04 3.94 -22.82
CA GLN A 581 10.58 4.49 -21.56
C GLN A 581 10.27 3.37 -20.56
N VAL A 582 10.46 3.63 -19.28
CA VAL A 582 10.19 2.60 -18.27
C VAL A 582 9.37 3.16 -17.11
N TRP A 583 8.39 2.37 -16.67
CA TRP A 583 7.60 2.68 -15.47
C TRP A 583 7.71 1.55 -14.49
N ILE A 584 7.71 1.88 -13.19
CA ILE A 584 7.50 0.86 -12.16
C ILE A 584 6.31 1.32 -11.33
N ASN A 585 5.34 0.44 -11.17
CA ASN A 585 4.05 0.79 -10.57
C ASN A 585 3.44 2.09 -11.11
N GLY A 586 3.52 2.26 -12.43
CA GLY A 586 2.98 3.43 -13.10
C GLY A 586 3.74 4.72 -12.84
N PHE A 587 4.88 4.65 -12.16
CA PHE A 587 5.75 5.86 -11.99
C PHE A 587 6.74 5.90 -13.12
N ASN A 588 6.74 6.99 -13.89
CA ASN A 588 7.59 7.08 -15.07
C ASN A 588 9.04 7.44 -14.64
N LEU A 589 9.95 6.48 -14.74
CA LEU A 589 11.32 6.69 -14.25
C LEU A 589 12.22 7.48 -15.23
N GLY A 590 11.73 7.57 -16.48
CA GLY A 590 12.44 8.23 -17.57
C GLY A 590 12.81 7.29 -18.71
N ARG A 591 13.78 7.73 -19.51
CA ARG A 591 14.16 7.10 -20.77
C ARG A 591 15.41 6.31 -20.56
N TYR A 592 15.47 5.12 -21.19
CA TYR A 592 16.72 4.38 -21.19
C TYR A 592 17.23 4.37 -22.62
N TRP A 593 18.54 4.30 -22.77
CA TRP A 593 19.11 4.21 -24.12
C TRP A 593 20.51 3.62 -24.04
N PRO A 594 20.61 2.32 -23.69
CA PRO A 594 21.89 1.65 -23.49
C PRO A 594 22.66 1.55 -24.81
N ALA A 595 21.93 1.65 -25.92
CA ALA A 595 22.57 1.74 -27.22
C ALA A 595 23.50 2.95 -27.36
N ARG A 596 23.18 4.09 -26.73
CA ARG A 596 24.08 5.25 -26.82
C ARG A 596 24.89 5.46 -25.57
N GLY A 597 24.31 5.22 -24.39
CA GLY A 597 24.98 5.68 -23.17
C GLY A 597 25.09 7.21 -23.11
N PRO A 598 25.87 7.75 -22.14
CA PRO A 598 26.76 7.12 -21.17
C PRO A 598 25.97 6.39 -20.07
N GLN A 599 24.74 6.82 -19.84
CA GLN A 599 23.89 6.22 -18.84
C GLN A 599 23.38 4.82 -19.24
N LEU A 600 23.72 3.81 -18.44
CA LEU A 600 23.12 2.46 -18.62
C LEU A 600 21.96 2.20 -17.62
N THR A 601 22.20 2.44 -16.35
CA THR A 601 21.19 2.25 -15.33
C THR A 601 20.33 3.50 -15.11
N LEU A 602 19.12 3.25 -14.63
CA LEU A 602 18.27 4.34 -14.11
C LEU A 602 18.03 4.13 -12.63
N PHE A 603 18.00 5.26 -11.91
CA PHE A 603 17.71 5.31 -10.49
C PHE A 603 16.24 4.94 -10.19
N VAL A 604 16.07 4.08 -9.19
CA VAL A 604 14.74 3.69 -8.72
C VAL A 604 14.60 3.93 -7.23
N PRO A 605 13.93 5.02 -6.82
CA PRO A 605 13.74 5.34 -5.39
C PRO A 605 12.82 4.33 -4.72
N GLN A 606 13.13 3.94 -3.50
CA GLN A 606 12.45 2.81 -2.83
C GLN A 606 10.94 3.03 -2.54
N HIS A 607 10.52 4.30 -2.44
CA HIS A 607 9.18 4.62 -2.03
C HIS A 607 8.12 4.30 -3.09
N ILE A 608 8.50 4.09 -4.34
CA ILE A 608 7.52 3.65 -5.32
C ILE A 608 7.35 2.11 -5.31
N LEU A 609 8.18 1.40 -4.53
CA LEU A 609 8.14 -0.07 -4.50
C LEU A 609 7.22 -0.53 -3.39
N MET A 610 6.50 -1.64 -3.55
CA MET A 610 5.60 -2.07 -2.51
C MET A 610 6.03 -3.46 -2.01
N THR A 611 5.54 -3.84 -0.82
CA THR A 611 5.76 -5.22 -0.32
C THR A 611 4.44 -6.01 -0.30
N SER A 612 4.55 -7.35 -0.29
CA SER A 612 3.47 -8.30 -0.62
C SER A 612 2.88 -8.18 -2.05
N ALA A 613 2.25 -7.01 -2.34
CA ALA A 613 1.64 -6.72 -3.67
C ALA A 613 2.67 -6.67 -4.81
N PRO A 614 2.42 -7.36 -5.94
CA PRO A 614 3.45 -7.35 -6.97
C PRO A 614 3.79 -5.96 -7.53
N ASN A 615 5.07 -5.75 -7.80
CA ASN A 615 5.55 -4.49 -8.37
C ASN A 615 5.54 -4.67 -9.88
N THR A 616 4.84 -3.80 -10.60
CA THR A 616 4.68 -4.04 -12.03
C THR A 616 5.63 -3.15 -12.78
N ILE A 617 6.51 -3.76 -13.57
CA ILE A 617 7.43 -3.05 -14.44
C ILE A 617 6.82 -3.00 -15.84
N THR A 618 6.74 -1.79 -16.43
CA THR A 618 6.32 -1.63 -17.81
C THR A 618 7.45 -1.03 -18.61
N VAL A 619 7.82 -1.71 -19.69
CA VAL A 619 8.82 -1.17 -20.59
C VAL A 619 8.19 -0.90 -21.94
N LEU A 620 8.28 0.36 -22.41
CA LEU A 620 7.97 0.71 -23.80
C LEU A 620 9.27 0.72 -24.62
N GLU A 621 9.54 -0.36 -25.36
CA GLU A 621 10.71 -0.49 -26.25
C GLU A 621 10.36 0.04 -27.63
N LEU A 622 11.17 0.97 -28.15
CA LEU A 622 10.85 1.61 -29.44
C LEU A 622 11.52 1.03 -30.68
N GLU A 623 12.61 0.29 -30.50
CA GLU A 623 13.49 -0.07 -31.62
C GLU A 623 13.77 -1.56 -31.71
N TRP A 624 14.18 -2.19 -30.62
CA TRP A 624 14.47 -3.62 -30.65
C TRP A 624 14.48 -4.26 -29.27
N ALA A 625 13.60 -5.24 -29.05
CA ALA A 625 13.47 -5.91 -27.74
C ALA A 625 14.07 -7.31 -27.82
N PRO A 626 14.73 -7.77 -26.75
CA PRO A 626 15.42 -9.06 -26.77
C PRO A 626 14.48 -10.21 -26.43
N CYS A 627 13.37 -10.31 -27.13
CA CYS A 627 12.22 -11.05 -26.65
C CYS A 627 11.65 -11.95 -27.76
N SER A 628 12.48 -12.31 -28.72
CA SER A 628 11.98 -13.05 -29.85
C SER A 628 12.15 -14.53 -29.57
N SER A 629 13.40 -14.97 -29.55
CA SER A 629 13.76 -16.38 -29.44
C SER A 629 13.02 -17.18 -28.35
N ASP A 630 13.20 -18.51 -28.39
CA ASP A 630 12.68 -19.43 -27.37
C ASP A 630 12.93 -18.90 -25.97
N ASP A 631 14.18 -18.47 -25.71
CA ASP A 631 14.63 -18.14 -24.36
C ASP A 631 13.89 -16.93 -23.77
N PRO A 632 12.95 -17.19 -22.82
CA PRO A 632 12.20 -16.10 -22.24
C PRO A 632 13.08 -15.33 -21.28
N GLU A 633 14.08 -16.02 -20.74
CA GLU A 633 15.06 -15.47 -19.80
C GLU A 633 15.82 -14.27 -20.40
N LEU A 634 15.82 -14.14 -21.74
CA LEU A 634 16.45 -12.99 -22.36
C LEU A 634 15.53 -11.77 -22.28
N CYS A 635 14.24 -12.01 -22.18
CA CYS A 635 13.28 -10.91 -22.14
C CYS A 635 13.14 -10.49 -20.69
N ALA A 636 14.05 -9.64 -20.25
CA ALA A 636 14.29 -9.40 -18.83
C ALA A 636 15.05 -8.09 -18.58
N VAL A 637 14.83 -7.52 -17.41
CA VAL A 637 15.65 -6.43 -16.90
C VAL A 637 16.34 -6.90 -15.61
N THR A 638 17.33 -6.15 -15.15
CA THR A 638 18.06 -6.51 -13.94
C THR A 638 18.21 -5.31 -13.07
N PHE A 639 17.98 -5.49 -11.77
CA PHE A 639 18.20 -4.45 -10.77
C PHE A 639 19.55 -4.74 -10.13
N VAL A 640 20.40 -3.73 -10.05
CA VAL A 640 21.76 -3.85 -9.49
C VAL A 640 21.92 -2.79 -8.40
N ASP A 641 22.96 -2.90 -7.57
CA ASP A 641 23.09 -2.01 -6.42
C ASP A 641 24.11 -0.85 -6.60
N ARG A 642 24.64 -0.70 -7.80
CA ARG A 642 25.55 0.39 -8.14
C ARG A 642 25.12 1.00 -9.45
N PRO A 643 25.21 2.35 -9.57
CA PRO A 643 24.83 3.00 -10.80
C PRO A 643 25.94 2.83 -11.85
N VAL A 644 25.58 2.73 -13.13
CA VAL A 644 26.52 2.82 -14.23
C VAL A 644 26.06 3.98 -15.13
N ILE A 645 26.56 5.17 -14.83
CA ILE A 645 26.20 6.37 -15.60
C ILE A 645 27.36 6.90 -16.45
N GLY A 646 28.49 6.18 -16.44
CA GLY A 646 29.68 6.64 -17.16
C GLY A 646 30.62 5.54 -17.60
N SER A 647 30.08 4.52 -18.28
CA SER A 647 30.84 3.32 -18.73
C SER A 647 31.93 3.60 -19.81
N SER A 648 32.89 2.67 -19.93
CA SER A 648 34.07 2.80 -20.81
C SER A 648 33.78 3.48 -22.15
N GLN B 30 -13.59 42.27 -13.68
CA GLN B 30 -13.87 41.05 -14.50
C GLN B 30 -15.12 40.31 -13.96
N ARG B 31 -14.93 39.31 -13.09
CA ARG B 31 -16.04 38.60 -12.46
C ARG B 31 -16.55 39.37 -11.25
N MET B 32 -17.87 39.36 -11.04
CA MET B 32 -18.49 40.19 -10.01
C MET B 32 -19.59 39.43 -9.26
N PHE B 33 -19.61 39.57 -7.94
CA PHE B 33 -20.71 39.04 -7.15
C PHE B 33 -21.05 40.06 -6.08
N GLU B 34 -22.31 40.46 -5.98
CA GLU B 34 -22.64 41.56 -5.08
C GLU B 34 -24.06 41.46 -4.62
N ILE B 35 -24.33 42.08 -3.47
CA ILE B 35 -25.71 42.28 -3.04
C ILE B 35 -26.36 43.34 -3.93
N ASP B 36 -27.52 42.99 -4.45
CA ASP B 36 -28.31 43.91 -5.23
C ASP B 36 -29.33 44.50 -4.28
N TYR B 37 -28.99 45.66 -3.72
CA TYR B 37 -29.86 46.33 -2.75
C TYR B 37 -31.14 46.88 -3.39
N SER B 38 -31.16 47.08 -4.69
CA SER B 38 -32.38 47.57 -5.25
C SER B 38 -33.28 46.47 -5.85
N ARG B 39 -32.87 45.22 -5.76
CA ARG B 39 -33.81 44.14 -6.08
C ARG B 39 -33.93 43.11 -4.97
N ASP B 40 -33.37 43.41 -3.81
CA ASP B 40 -33.37 42.43 -2.71
C ASP B 40 -32.86 41.04 -3.12
N SER B 41 -31.74 41.01 -3.83
CA SER B 41 -31.12 39.72 -4.12
C SER B 41 -29.65 39.88 -4.35
N PHE B 42 -29.05 38.91 -5.03
CA PHE B 42 -27.64 39.00 -5.41
C PHE B 42 -27.56 39.23 -6.91
N LEU B 43 -26.51 39.93 -7.35
CA LEU B 43 -26.10 39.96 -8.77
C LEU B 43 -24.80 39.23 -8.95
N LYS B 44 -24.81 38.29 -9.89
CA LYS B 44 -23.62 37.51 -10.23
C LYS B 44 -23.32 37.81 -11.70
N ASP B 45 -22.20 38.48 -11.93
CA ASP B 45 -21.86 39.04 -13.25
C ASP B 45 -23.07 39.74 -13.86
N GLY B 46 -23.67 40.63 -13.08
CA GLY B 46 -24.75 41.47 -13.56
C GLY B 46 -26.12 40.81 -13.70
N GLN B 47 -26.25 39.54 -13.40
CA GLN B 47 -27.53 38.82 -13.53
C GLN B 47 -28.10 38.48 -12.14
N PRO B 48 -29.44 38.48 -11.98
CA PRO B 48 -29.99 38.13 -10.68
C PRO B 48 -29.60 36.72 -10.23
N PHE B 49 -29.30 36.55 -8.95
CA PHE B 49 -28.85 35.24 -8.44
C PHE B 49 -29.44 34.91 -7.08
N ARG B 50 -29.92 33.67 -6.90
CA ARG B 50 -30.38 33.22 -5.58
C ARG B 50 -29.71 31.88 -5.25
N TYR B 51 -29.12 31.74 -4.08
CA TYR B 51 -28.46 30.44 -3.81
C TYR B 51 -29.29 29.43 -3.07
N ILE B 52 -29.13 28.18 -3.47
CA ILE B 52 -29.74 27.06 -2.78
C ILE B 52 -28.54 26.19 -2.41
N SER B 53 -28.19 26.23 -1.12
CA SER B 53 -26.90 25.74 -0.68
C SER B 53 -27.11 24.57 0.26
N GLY B 54 -26.07 23.76 0.42
CA GLY B 54 -26.04 22.81 1.50
C GLY B 54 -24.73 22.83 2.28
N SER B 55 -24.80 22.55 3.57
CA SER B 55 -23.57 22.43 4.39
C SER B 55 -22.89 21.07 4.24
N ILE B 56 -21.58 21.14 4.05
CA ILE B 56 -20.71 19.99 4.06
C ILE B 56 -19.43 20.47 4.75
N HIS B 57 -18.98 19.74 5.77
CA HIS B 57 -17.72 20.09 6.44
C HIS B 57 -16.54 19.19 6.00
N TYR B 58 -15.57 19.76 5.28
CA TYR B 58 -14.46 18.97 4.73
C TYR B 58 -13.71 18.19 5.79
N SER B 59 -13.69 18.73 7.01
CA SER B 59 -13.02 18.11 8.15
C SER B 59 -13.80 16.92 8.74
N ARG B 60 -15.00 16.68 8.23
CA ARG B 60 -15.85 15.58 8.68
C ARG B 60 -16.07 14.51 7.60
N VAL B 61 -15.45 14.70 6.44
CA VAL B 61 -15.53 13.73 5.33
C VAL B 61 -14.10 13.43 4.94
N PRO B 62 -13.74 12.12 4.83
CA PRO B 62 -12.40 11.87 4.31
C PRO B 62 -12.24 12.51 2.90
N ARG B 63 -11.06 12.99 2.58
CA ARG B 63 -10.80 13.58 1.27
C ARG B 63 -11.05 12.57 0.11
N PHE B 64 -10.73 11.31 0.36
CA PHE B 64 -11.09 10.23 -0.54
C PHE B 64 -12.52 10.40 -1.07
N TYR B 65 -13.45 10.83 -0.22
CA TYR B 65 -14.86 10.91 -0.58
C TYR B 65 -15.35 12.35 -0.87
N TRP B 66 -14.48 13.36 -0.80
CA TRP B 66 -14.99 14.75 -1.08
C TRP B 66 -15.76 14.84 -2.38
N LYS B 67 -15.16 14.37 -3.48
CA LYS B 67 -15.85 14.43 -4.79
C LYS B 67 -17.19 13.72 -4.83
N ASP B 68 -17.24 12.49 -4.31
CA ASP B 68 -18.50 11.75 -4.16
C ASP B 68 -19.66 12.54 -3.51
N ARG B 69 -19.42 13.08 -2.31
CA ARG B 69 -20.42 13.89 -1.59
C ARG B 69 -20.78 15.19 -2.33
N LEU B 70 -19.77 15.88 -2.87
CA LEU B 70 -20.03 17.12 -3.62
C LEU B 70 -20.85 16.87 -4.90
N LEU B 71 -20.56 15.78 -5.62
CA LEU B 71 -21.35 15.43 -6.82
C LEU B 71 -22.82 15.12 -6.44
N LYS B 72 -23.01 14.34 -5.36
CA LYS B 72 -24.34 14.01 -4.86
C LYS B 72 -25.09 15.30 -4.54
N MET B 73 -24.38 16.27 -3.95
CA MET B 73 -24.93 17.59 -3.64
C MET B 73 -25.36 18.38 -4.86
N LYS B 74 -24.50 18.40 -5.89
CA LYS B 74 -24.81 19.01 -7.19
C LYS B 74 -26.05 18.34 -7.86
N MET B 75 -26.10 17.01 -7.79
CA MET B 75 -27.17 16.26 -8.40
C MET B 75 -28.54 16.53 -7.71
N ALA B 76 -28.53 16.95 -6.45
CA ALA B 76 -29.76 17.27 -5.75
C ALA B 76 -30.32 18.62 -6.23
N GLY B 77 -29.56 19.36 -7.01
CA GLY B 77 -30.04 20.68 -7.43
C GLY B 77 -29.44 21.86 -6.69
N LEU B 78 -28.49 21.63 -5.79
CA LEU B 78 -27.83 22.78 -5.13
C LEU B 78 -26.91 23.53 -6.09
N ASN B 79 -26.91 24.87 -6.02
CA ASN B 79 -25.95 25.62 -6.80
C ASN B 79 -24.78 26.16 -5.98
N ALA B 80 -24.79 25.91 -4.69
CA ALA B 80 -23.65 26.30 -3.85
C ALA B 80 -23.48 25.30 -2.72
N ILE B 81 -22.31 25.33 -2.06
CA ILE B 81 -22.18 24.62 -0.79
C ILE B 81 -21.67 25.61 0.26
N GLN B 82 -21.93 25.29 1.53
CA GLN B 82 -21.45 26.11 2.64
C GLN B 82 -20.54 25.22 3.53
N THR B 83 -19.45 25.79 4.05
CA THR B 83 -18.54 25.02 4.92
C THR B 83 -17.88 25.89 6.00
N TYR B 84 -17.43 25.25 7.08
CA TYR B 84 -16.68 25.91 8.16
C TYR B 84 -15.20 25.59 7.99
N VAL B 85 -14.35 26.58 8.25
CA VAL B 85 -12.89 26.34 8.40
C VAL B 85 -12.57 26.20 9.89
N PRO B 86 -12.35 24.98 10.41
CA PRO B 86 -12.12 24.94 11.86
C PRO B 86 -10.65 25.29 12.12
N TRP B 87 -10.41 26.38 12.85
CA TRP B 87 -9.05 26.86 13.14
C TRP B 87 -8.15 25.81 13.83
N ASN B 88 -8.70 25.10 14.80
CA ASN B 88 -7.94 24.08 15.52
C ASN B 88 -7.60 22.89 14.62
N PHE B 89 -8.34 22.73 13.53
CA PHE B 89 -8.06 21.69 12.53
C PHE B 89 -6.79 21.99 11.70
N HIS B 90 -6.46 23.28 11.54
CA HIS B 90 -5.34 23.69 10.72
C HIS B 90 -4.13 24.19 11.52
N GLU B 91 -4.33 24.59 12.77
CA GLU B 91 -3.21 25.02 13.61
C GLU B 91 -3.29 24.42 15.00
N PRO B 92 -3.09 23.10 15.12
CA PRO B 92 -3.22 22.47 16.45
C PRO B 92 -2.15 22.89 17.47
N TRP B 93 -1.03 23.45 16.98
CA TRP B 93 0.00 24.03 17.85
C TRP B 93 0.40 25.35 17.25
N PRO B 94 0.69 26.36 18.09
CA PRO B 94 0.88 27.65 17.40
C PRO B 94 2.00 27.55 16.34
N GLY B 95 1.81 28.19 15.19
CA GLY B 95 2.78 28.16 14.09
C GLY B 95 2.96 26.83 13.35
N GLN B 96 2.23 25.79 13.74
CA GLN B 96 2.34 24.52 13.03
C GLN B 96 1.07 24.22 12.24
N TYR B 97 1.13 24.45 10.92
CA TYR B 97 -0.07 24.50 10.12
C TYR B 97 -0.33 23.16 9.42
N GLN B 98 -1.60 22.82 9.26
CA GLN B 98 -1.96 21.61 8.53
C GLN B 98 -2.92 21.99 7.42
N PHE B 99 -2.40 21.98 6.20
CA PHE B 99 -3.19 22.30 5.01
C PHE B 99 -3.07 21.22 3.93
N SER B 100 -2.71 20.00 4.30
CA SER B 100 -2.44 18.95 3.30
C SER B 100 -3.36 17.78 3.46
N GLU B 101 -3.52 17.00 2.39
CA GLU B 101 -4.32 15.78 2.45
C GLU B 101 -5.71 16.08 3.00
N ASP B 102 -6.13 15.48 4.13
CA ASP B 102 -7.49 15.71 4.64
C ASP B 102 -7.69 17.13 5.18
N HIS B 103 -6.62 17.91 5.24
CA HIS B 103 -6.72 19.26 5.73
C HIS B 103 -6.60 20.29 4.61
N ASP B 104 -6.59 19.81 3.36
CA ASP B 104 -6.43 20.72 2.21
C ASP B 104 -7.70 21.48 1.87
N VAL B 105 -8.00 22.51 2.66
CA VAL B 105 -9.19 23.34 2.39
C VAL B 105 -9.16 24.00 1.01
N GLU B 106 -7.95 24.39 0.57
CA GLU B 106 -7.78 24.99 -0.78
C GLU B 106 -8.24 24.05 -1.89
N TYR B 107 -7.86 22.79 -1.77
CA TYR B 107 -8.21 21.78 -2.75
C TYR B 107 -9.69 21.49 -2.68
N PHE B 108 -10.26 21.47 -1.47
CA PHE B 108 -11.71 21.22 -1.31
C PHE B 108 -12.48 22.27 -2.08
N LEU B 109 -12.12 23.55 -1.90
CA LEU B 109 -12.77 24.65 -2.62
C LEU B 109 -12.59 24.57 -4.13
N ARG B 110 -11.38 24.20 -4.60
CA ARG B 110 -11.13 24.04 -6.05
C ARG B 110 -11.96 22.91 -6.63
N LEU B 111 -12.13 21.85 -5.84
CA LEU B 111 -12.95 20.72 -6.24
C LEU B 111 -14.42 21.11 -6.36
N ALA B 112 -14.96 21.82 -5.36
CA ALA B 112 -16.32 22.36 -5.48
C ALA B 112 -16.45 23.22 -6.75
N HIS B 113 -15.49 24.11 -6.98
CA HIS B 113 -15.53 24.96 -8.17
C HIS B 113 -15.54 24.18 -9.51
N GLU B 114 -14.65 23.18 -9.65
CA GLU B 114 -14.63 22.33 -10.85
C GLU B 114 -15.94 21.62 -11.10
N LEU B 115 -16.71 21.38 -10.04
CA LEU B 115 -18.03 20.78 -10.21
C LEU B 115 -19.11 21.80 -10.52
N GLY B 116 -18.72 23.06 -10.65
CA GLY B 116 -19.70 24.12 -10.87
C GLY B 116 -20.51 24.50 -9.64
N LEU B 117 -19.99 24.25 -8.44
CA LEU B 117 -20.66 24.75 -7.23
C LEU B 117 -19.98 26.00 -6.75
N LEU B 118 -20.76 26.96 -6.28
CA LEU B 118 -20.20 28.14 -5.62
C LEU B 118 -20.04 27.82 -4.12
N VAL B 119 -19.39 28.70 -3.37
CA VAL B 119 -19.07 28.39 -1.98
C VAL B 119 -19.41 29.57 -1.08
N ILE B 120 -20.14 29.28 -0.01
CA ILE B 120 -20.25 30.21 1.10
C ILE B 120 -19.24 29.78 2.16
N LEU B 121 -18.27 30.63 2.41
CA LEU B 121 -17.18 30.26 3.36
C LEU B 121 -17.45 30.84 4.75
N ARG B 122 -17.33 29.98 5.76
CA ARG B 122 -17.53 30.39 7.14
C ARG B 122 -16.26 30.09 7.98
N PRO B 123 -15.29 31.01 7.96
CA PRO B 123 -13.98 30.78 8.54
C PRO B 123 -13.86 31.19 10.02
N GLY B 124 -14.97 31.51 10.68
CA GLY B 124 -14.95 31.78 12.10
C GLY B 124 -14.45 33.19 12.43
N PRO B 125 -13.47 33.31 13.35
CA PRO B 125 -12.58 32.26 13.92
C PRO B 125 -13.22 31.22 14.83
N TYR B 126 -14.39 31.54 15.40
CA TYR B 126 -15.24 30.61 16.12
C TYR B 126 -16.39 30.15 15.21
N ILE B 127 -16.63 28.84 15.19
CA ILE B 127 -17.62 28.24 14.27
C ILE B 127 -18.73 27.43 14.98
N CYS B 128 -18.59 27.19 16.29
CA CYS B 128 -19.56 26.40 17.06
C CYS B 128 -19.55 24.92 16.56
N ALA B 129 -20.58 24.56 15.78
CA ALA B 129 -20.52 23.42 14.86
C ALA B 129 -20.46 22.04 15.52
N GLU B 130 -20.74 21.94 16.82
CA GLU B 130 -20.59 20.67 17.56
C GLU B 130 -19.18 20.13 17.36
N TRP B 131 -18.26 21.08 17.29
CA TRP B 131 -16.85 20.76 17.05
C TRP B 131 -16.00 21.22 18.24
N GLU B 132 -14.97 20.45 18.60
CA GLU B 132 -14.09 20.75 19.74
C GLU B 132 -13.89 22.25 19.95
N MET B 133 -14.28 22.76 21.11
CA MET B 133 -14.07 24.17 21.47
C MET B 133 -14.56 25.14 20.39
N GLY B 134 -15.53 24.71 19.59
CA GLY B 134 -16.10 25.59 18.55
C GLY B 134 -15.04 26.02 17.54
N GLY B 135 -14.08 25.14 17.31
CA GLY B 135 -12.99 25.41 16.37
C GLY B 135 -11.79 26.17 16.92
N LEU B 136 -11.93 26.79 18.09
CA LEU B 136 -10.83 27.53 18.73
C LEU B 136 -9.71 26.60 19.23
N PRO B 137 -8.44 26.96 18.98
CA PRO B 137 -7.37 26.06 19.44
C PRO B 137 -7.27 26.09 20.97
N ALA B 138 -7.10 24.92 21.57
CA ALA B 138 -6.89 24.78 23.05
C ALA B 138 -5.71 25.59 23.59
N TRP B 139 -4.73 25.86 22.73
CA TRP B 139 -3.56 26.60 23.18
C TRP B 139 -3.86 28.08 23.50
N LEU B 140 -5.03 28.58 23.11
CA LEU B 140 -5.45 29.94 23.52
C LEU B 140 -5.53 30.03 25.05
N LEU B 141 -5.82 28.88 25.69
CA LEU B 141 -6.04 28.79 27.13
C LEU B 141 -4.76 28.87 27.99
N GLU B 142 -3.61 28.91 27.32
CA GLU B 142 -2.33 29.06 28.01
C GLU B 142 -2.33 30.39 28.76
N LYS B 143 -3.12 31.34 28.26
CA LYS B 143 -3.51 32.48 29.08
C LYS B 143 -4.79 32.10 29.81
N GLU B 144 -4.68 31.78 31.11
CA GLU B 144 -5.81 31.15 31.79
C GLU B 144 -7.00 32.07 32.01
N SER B 145 -6.76 33.38 32.08
CA SER B 145 -7.83 34.35 32.25
C SER B 145 -8.35 34.90 30.92
N ILE B 146 -7.92 34.31 29.80
CA ILE B 146 -8.36 34.78 28.46
C ILE B 146 -9.88 34.91 28.32
N LEU B 147 -10.36 36.01 27.74
CA LEU B 147 -11.79 36.08 27.43
C LEU B 147 -11.94 35.81 25.93
N LEU B 148 -12.30 34.57 25.60
CA LEU B 148 -12.47 34.14 24.22
C LEU B 148 -13.58 34.97 23.55
N ARG B 149 -13.51 35.12 22.24
CA ARG B 149 -14.47 35.91 21.45
C ARG B 149 -14.70 37.36 21.99
N SER B 150 -13.63 38.11 22.18
CA SER B 150 -13.76 39.47 22.71
C SER B 150 -12.58 40.26 22.19
N SER B 151 -12.49 41.55 22.56
CA SER B 151 -11.28 42.34 22.23
C SER B 151 -10.11 42.12 23.19
N ASP B 152 -10.18 41.07 24.02
CA ASP B 152 -9.02 40.62 24.82
C ASP B 152 -7.79 40.65 23.89
N PRO B 153 -6.74 41.46 24.22
CA PRO B 153 -5.64 41.65 23.23
C PRO B 153 -4.83 40.40 22.91
N ASP B 154 -4.81 39.42 23.80
CA ASP B 154 -4.11 38.18 23.50
C ASP B 154 -4.93 37.32 22.54
N TYR B 155 -6.25 37.30 22.70
CA TYR B 155 -7.17 36.65 21.75
C TYR B 155 -7.09 37.29 20.34
N LEU B 156 -7.25 38.63 20.26
CA LEU B 156 -7.10 39.39 19.01
C LEU B 156 -5.75 39.13 18.33
N ALA B 157 -4.68 39.09 19.12
CA ALA B 157 -3.37 38.86 18.52
C ALA B 157 -3.29 37.46 17.91
N ALA B 158 -3.80 36.43 18.58
CA ALA B 158 -3.73 35.08 18.02
C ALA B 158 -4.64 35.04 16.79
N VAL B 159 -5.82 35.65 16.89
CA VAL B 159 -6.72 35.68 15.75
C VAL B 159 -6.09 36.38 14.55
N ASP B 160 -5.39 37.48 14.81
CA ASP B 160 -4.81 38.28 13.73
C ASP B 160 -3.80 37.47 12.95
N LYS B 161 -3.01 36.68 13.66
CA LYS B 161 -1.94 35.93 13.06
C LYS B 161 -2.54 34.78 12.19
N TRP B 162 -3.64 34.19 12.65
CA TRP B 162 -4.34 33.12 11.92
C TRP B 162 -4.97 33.63 10.64
N LEU B 163 -5.74 34.73 10.74
CA LEU B 163 -6.29 35.41 9.58
C LEU B 163 -5.19 35.74 8.60
N GLY B 164 -4.05 36.18 9.13
CA GLY B 164 -2.86 36.46 8.29
C GLY B 164 -2.37 35.25 7.48
N VAL B 165 -2.66 34.03 7.91
CA VAL B 165 -2.22 32.81 7.22
C VAL B 165 -3.33 32.27 6.30
N LEU B 166 -4.54 32.21 6.86
CA LEU B 166 -5.69 31.67 6.16
C LEU B 166 -6.24 32.60 5.08
N LEU B 167 -6.46 33.87 5.41
CA LEU B 167 -7.16 34.72 4.43
C LEU B 167 -6.43 34.93 3.11
N PRO B 168 -5.09 35.11 3.12
CA PRO B 168 -4.46 35.21 1.82
C PRO B 168 -4.54 33.92 0.98
N LYS B 169 -4.68 32.75 1.61
CA LYS B 169 -4.94 31.53 0.82
C LYS B 169 -6.34 31.58 0.19
N MET B 170 -7.29 32.19 0.90
CA MET B 170 -8.68 32.25 0.41
C MET B 170 -8.84 33.31 -0.68
N LYS B 171 -7.99 34.33 -0.64
CA LYS B 171 -8.13 35.44 -1.60
C LYS B 171 -8.30 35.03 -3.10
N PRO B 172 -7.40 34.19 -3.67
CA PRO B 172 -7.57 33.71 -5.06
C PRO B 172 -8.82 32.85 -5.28
N LEU B 173 -9.38 32.30 -4.20
CA LEU B 173 -10.59 31.49 -4.35
C LEU B 173 -11.89 32.34 -4.32
N LEU B 174 -11.76 33.63 -4.07
CA LEU B 174 -12.91 34.58 -4.19
C LEU B 174 -13.46 34.59 -5.59
N TYR B 175 -14.78 34.70 -5.71
CA TYR B 175 -15.44 34.75 -7.01
C TYR B 175 -14.75 35.75 -7.94
N GLN B 176 -14.49 36.95 -7.43
CA GLN B 176 -13.95 38.02 -8.25
C GLN B 176 -12.56 37.71 -8.81
N ASN B 177 -11.86 36.76 -8.18
CA ASN B 177 -10.54 36.39 -8.62
C ASN B 177 -10.53 35.05 -9.36
N GLY B 178 -11.69 34.57 -9.78
CA GLY B 178 -11.75 33.32 -10.52
C GLY B 178 -12.16 32.07 -9.76
N GLY B 179 -12.31 32.19 -8.43
CA GLY B 179 -12.73 31.03 -7.61
C GLY B 179 -14.24 30.87 -7.32
N PRO B 180 -14.58 29.95 -6.39
CA PRO B 180 -15.99 29.68 -6.10
C PRO B 180 -16.64 30.55 -5.01
N VAL B 181 -15.84 31.20 -4.19
CA VAL B 181 -16.34 31.77 -2.93
C VAL B 181 -17.12 33.09 -3.15
N ILE B 182 -18.41 33.06 -2.86
CA ILE B 182 -19.29 34.19 -3.18
C ILE B 182 -19.52 35.08 -1.98
N THR B 183 -19.55 34.48 -0.79
CA THR B 183 -19.79 35.22 0.44
C THR B 183 -19.02 34.58 1.59
N VAL B 184 -18.69 35.39 2.59
CA VAL B 184 -17.89 34.96 3.69
C VAL B 184 -18.47 35.40 5.00
N GLN B 185 -18.73 34.44 5.87
CA GLN B 185 -19.30 34.74 7.19
C GLN B 185 -18.23 35.18 8.18
N VAL B 186 -18.51 36.26 8.91
CA VAL B 186 -17.67 36.76 9.96
C VAL B 186 -18.21 36.27 11.32
N GLU B 187 -17.35 35.61 12.09
CA GLU B 187 -17.74 35.01 13.39
C GLU B 187 -18.88 34.02 13.13
N ASN B 188 -19.67 33.69 14.17
CA ASN B 188 -20.77 32.72 14.05
C ASN B 188 -21.73 32.88 15.21
N GLU B 189 -22.86 33.54 14.99
CA GLU B 189 -23.91 33.72 16.02
C GLU B 189 -23.34 34.41 17.25
N TYR B 190 -22.58 35.47 17.00
CA TYR B 190 -21.98 36.21 18.11
C TYR B 190 -23.04 36.81 19.06
N GLY B 191 -24.26 37.03 18.54
CA GLY B 191 -25.35 37.54 19.36
C GLY B 191 -25.84 36.52 20.37
N SER B 192 -25.47 35.24 20.22
CA SER B 192 -25.84 34.27 21.25
C SER B 192 -24.82 34.21 22.40
N TYR B 193 -23.69 34.91 22.28
CA TYR B 193 -22.64 34.89 23.30
C TYR B 193 -22.78 36.08 24.25
N PHE B 194 -22.28 35.96 25.46
CA PHE B 194 -22.58 36.98 26.46
C PHE B 194 -21.81 38.30 26.28
N ALA B 195 -20.60 38.24 25.69
CA ALA B 195 -19.62 39.35 25.78
C ALA B 195 -20.05 40.64 25.08
N CYS B 196 -20.81 40.52 23.99
CA CYS B 196 -21.31 41.69 23.26
C CYS B 196 -20.23 42.75 23.01
N ASP B 197 -19.06 42.27 22.59
CA ASP B 197 -17.92 43.15 22.28
C ASP B 197 -17.96 43.55 20.79
N PHE B 198 -18.41 44.78 20.53
CA PHE B 198 -18.52 45.28 19.16
C PHE B 198 -17.17 45.64 18.57
N ASP B 199 -16.23 46.06 19.41
CA ASP B 199 -14.87 46.30 18.94
C ASP B 199 -14.28 45.01 18.34
N TYR B 200 -14.55 43.86 18.94
CA TYR B 200 -14.13 42.54 18.35
C TYR B 200 -14.70 42.37 16.98
N LEU B 201 -15.99 42.60 16.80
CA LEU B 201 -16.55 42.42 15.45
C LEU B 201 -15.97 43.41 14.44
N ARG B 202 -15.84 44.70 14.82
CA ARG B 202 -15.20 45.69 13.95
C ARG B 202 -13.76 45.25 13.64
N PHE B 203 -13.05 44.71 14.63
CA PHE B 203 -11.69 44.22 14.33
C PHE B 203 -11.73 43.13 13.24
N LEU B 204 -12.68 42.18 13.36
CA LEU B 204 -12.77 41.14 12.35
C LEU B 204 -13.09 41.71 10.99
N GLN B 205 -14.08 42.60 10.96
CA GLN B 205 -14.45 43.26 9.70
C GLN B 205 -13.24 43.89 9.01
N LYS B 206 -12.45 44.61 9.79
CA LYS B 206 -11.29 45.31 9.31
C LYS B 206 -10.21 44.34 8.81
N ARG B 207 -9.94 43.25 9.54
CA ARG B 207 -8.94 42.29 9.07
C ARG B 207 -9.41 41.49 7.86
N PHE B 208 -10.68 41.10 7.84
CA PHE B 208 -11.21 40.40 6.66
C PHE B 208 -11.05 41.29 5.39
N ARG B 209 -11.50 42.54 5.50
CA ARG B 209 -11.37 43.52 4.43
C ARG B 209 -9.92 43.71 4.03
N HIS B 210 -9.02 43.76 5.00
CA HIS B 210 -7.60 43.97 4.72
C HIS B 210 -7.06 42.87 3.81
N HIS B 211 -7.33 41.62 4.16
CA HIS B 211 -6.86 40.45 3.39
C HIS B 211 -7.68 40.09 2.15
N LEU B 212 -8.98 40.38 2.16
CA LEU B 212 -9.85 39.90 1.09
C LEU B 212 -10.29 40.98 0.08
N GLY B 213 -10.19 42.26 0.48
CA GLY B 213 -10.55 43.36 -0.43
C GLY B 213 -11.95 43.87 -0.14
N ASP B 214 -12.32 44.99 -0.76
CA ASP B 214 -13.56 45.68 -0.43
C ASP B 214 -14.78 45.19 -1.18
N ASP B 215 -14.62 44.29 -2.13
CA ASP B 215 -15.78 43.78 -2.86
C ASP B 215 -16.42 42.55 -2.30
N VAL B 216 -15.69 41.76 -1.52
CA VAL B 216 -16.25 40.46 -1.08
C VAL B 216 -17.46 40.70 -0.16
N VAL B 217 -18.53 39.95 -0.37
CA VAL B 217 -19.68 40.01 0.51
C VAL B 217 -19.43 39.36 1.88
N LEU B 218 -19.42 40.20 2.92
CA LEU B 218 -19.26 39.76 4.30
C LEU B 218 -20.62 39.79 5.02
N PHE B 219 -20.91 38.73 5.79
CA PHE B 219 -22.16 38.61 6.50
C PHE B 219 -22.00 37.93 7.86
N THR B 220 -23.04 38.03 8.67
CA THR B 220 -23.11 37.40 9.98
C THR B 220 -24.36 36.53 9.98
N THR B 221 -24.44 35.60 10.93
CA THR B 221 -25.62 34.78 11.11
C THR B 221 -25.97 34.73 12.58
N ASP B 222 -27.24 34.96 12.88
CA ASP B 222 -27.76 34.95 14.24
C ASP B 222 -29.16 34.32 14.32
N GLY B 223 -29.58 33.92 15.53
CA GLY B 223 -30.96 33.44 15.74
C GLY B 223 -31.95 34.48 15.24
N ALA B 224 -33.08 34.05 14.71
CA ALA B 224 -34.02 34.99 14.09
C ALA B 224 -34.91 35.69 15.11
N HIS B 225 -34.32 36.57 15.92
CA HIS B 225 -35.08 37.31 16.94
C HIS B 225 -34.26 38.50 17.32
N LYS B 226 -34.90 39.65 17.46
CA LYS B 226 -34.18 40.88 17.84
C LYS B 226 -33.24 40.67 19.04
N THR B 227 -33.58 39.78 19.97
CA THR B 227 -32.67 39.54 21.10
C THR B 227 -31.32 38.90 20.71
N PHE B 228 -31.29 38.05 19.68
CA PHE B 228 -29.99 37.53 19.18
C PHE B 228 -29.28 38.52 18.25
N LEU B 229 -30.06 39.30 17.51
CA LEU B 229 -29.51 40.19 16.49
C LEU B 229 -28.85 41.42 17.10
N LYS B 230 -29.35 41.82 18.26
CA LYS B 230 -28.86 42.96 19.05
C LYS B 230 -27.32 42.96 19.24
N CYS B 231 -26.75 41.83 19.61
CA CYS B 231 -25.29 41.74 19.77
C CYS B 231 -24.51 41.15 18.57
N GLY B 232 -25.21 40.54 17.63
CA GLY B 232 -24.57 39.85 16.50
C GLY B 232 -24.40 40.67 15.23
N ALA B 233 -25.34 41.57 14.98
CA ALA B 233 -25.38 42.39 13.75
C ALA B 233 -24.41 43.56 13.84
N LEU B 234 -23.74 43.86 12.73
CA LEU B 234 -22.83 45.01 12.66
C LEU B 234 -23.02 45.78 11.36
N GLN B 235 -22.91 47.09 11.45
CA GLN B 235 -22.87 47.96 10.29
C GLN B 235 -21.74 47.53 9.32
N GLY B 236 -22.08 47.38 8.04
CA GLY B 236 -21.11 46.96 7.04
C GLY B 236 -20.95 45.45 6.90
N LEU B 237 -21.62 44.67 7.74
CA LEU B 237 -21.69 43.21 7.55
C LEU B 237 -23.17 42.90 7.28
N TYR B 238 -23.51 42.25 6.18
CA TYR B 238 -24.91 41.92 5.93
C TYR B 238 -25.46 40.92 6.95
N THR B 239 -26.63 41.22 7.51
CA THR B 239 -27.22 40.43 8.59
C THR B 239 -28.08 39.30 8.02
N THR B 240 -27.78 38.06 8.40
CA THR B 240 -28.62 36.91 8.05
C THR B 240 -29.11 36.20 9.30
N VAL B 241 -30.14 35.37 9.16
CA VAL B 241 -30.66 34.63 10.31
C VAL B 241 -30.53 33.11 10.03
N ASP B 242 -30.76 32.31 11.05
CA ASP B 242 -31.00 30.88 10.80
C ASP B 242 -32.26 30.44 11.53
N PHE B 243 -32.85 29.33 11.11
CA PHE B 243 -34.03 28.79 11.76
C PHE B 243 -34.38 27.50 11.08
N GLY B 244 -35.02 26.57 11.80
CA GLY B 244 -35.42 25.29 11.24
C GLY B 244 -36.89 25.11 11.02
N THR B 245 -37.30 23.86 10.87
CA THR B 245 -38.66 23.51 10.47
C THR B 245 -39.71 23.89 11.52
N GLY B 246 -39.28 24.16 12.75
CA GLY B 246 -40.23 24.45 13.81
C GLY B 246 -40.64 25.92 13.83
N SER B 247 -39.95 26.76 13.07
CA SER B 247 -40.10 28.21 13.19
C SER B 247 -41.16 28.81 12.27
N ASN B 248 -41.73 29.92 12.70
CA ASN B 248 -42.60 30.68 11.83
C ASN B 248 -41.74 31.49 10.85
N ILE B 249 -41.87 31.13 9.58
CA ILE B 249 -41.04 31.70 8.53
C ILE B 249 -41.20 33.21 8.36
N THR B 250 -42.45 33.67 8.31
CA THR B 250 -42.73 35.10 8.14
C THR B 250 -42.05 35.87 9.24
N ASP B 251 -42.20 35.39 10.47
CA ASP B 251 -41.64 36.06 11.65
C ASP B 251 -40.12 36.04 11.63
N ALA B 252 -39.54 34.91 11.23
CA ALA B 252 -38.09 34.82 11.18
C ALA B 252 -37.56 35.85 10.16
N PHE B 253 -38.16 35.90 8.96
CA PHE B 253 -37.70 36.83 7.95
C PHE B 253 -37.97 38.31 8.29
N LEU B 254 -39.06 38.61 9.01
CA LEU B 254 -39.31 39.98 9.49
C LEU B 254 -38.18 40.44 10.41
N SER B 255 -37.62 39.52 11.20
CA SER B 255 -36.56 39.93 12.11
C SER B 255 -35.32 40.26 11.30
N GLN B 256 -35.05 39.51 10.23
CA GLN B 256 -33.91 39.83 9.39
C GLN B 256 -34.15 41.18 8.68
N ARG B 257 -35.36 41.36 8.15
CA ARG B 257 -35.76 42.55 7.36
C ARG B 257 -35.66 43.84 8.18
N LYS B 258 -35.95 43.74 9.46
CA LYS B 258 -35.77 44.80 10.45
C LYS B 258 -34.30 45.22 10.55
N CYS B 259 -33.35 44.29 10.44
CA CYS B 259 -31.91 44.68 10.38
C CYS B 259 -31.43 45.11 9.02
N GLU B 260 -32.03 44.54 7.96
CA GLU B 260 -31.61 44.84 6.61
C GLU B 260 -32.84 45.14 5.76
N PRO B 261 -33.25 46.41 5.73
CA PRO B 261 -34.45 46.83 4.97
C PRO B 261 -34.37 46.47 3.48
N LYS B 262 -33.14 46.44 2.94
CA LYS B 262 -32.92 46.08 1.55
C LYS B 262 -31.84 45.00 1.41
N GLY B 263 -32.02 44.14 0.43
CA GLY B 263 -31.09 43.04 0.23
C GLY B 263 -31.82 41.74 0.34
N PRO B 264 -31.14 40.63 0.01
CA PRO B 264 -31.80 39.32 -0.01
C PRO B 264 -32.22 38.81 1.36
N LEU B 265 -33.35 38.10 1.40
CA LEU B 265 -33.66 37.25 2.55
C LEU B 265 -32.72 36.02 2.52
N ILE B 266 -32.10 35.69 3.67
CA ILE B 266 -31.18 34.54 3.74
C ILE B 266 -31.40 33.81 5.03
N ASN B 267 -31.60 32.50 4.91
CA ASN B 267 -31.52 31.63 6.05
C ASN B 267 -30.25 30.80 5.87
N SER B 268 -29.20 31.16 6.62
CA SER B 268 -27.89 30.52 6.57
C SER B 268 -27.79 29.11 7.18
N GLU B 269 -28.75 28.72 7.99
CA GLU B 269 -28.79 27.37 8.58
C GLU B 269 -30.25 26.95 8.78
N PHE B 270 -30.81 26.36 7.72
CA PHE B 270 -32.11 25.78 7.76
C PHE B 270 -31.92 24.32 8.14
N TYR B 271 -32.29 23.98 9.36
CA TYR B 271 -31.89 22.71 9.95
C TYR B 271 -32.62 21.53 9.28
N THR B 272 -31.86 20.63 8.66
CA THR B 272 -32.43 19.38 8.10
C THR B 272 -32.64 18.26 9.14
N GLY B 273 -32.06 18.47 10.30
CA GLY B 273 -31.90 17.43 11.33
C GLY B 273 -31.52 18.17 12.59
N TRP B 274 -30.87 17.48 13.50
CA TRP B 274 -30.31 18.11 14.70
C TRP B 274 -29.15 17.26 15.26
N LEU B 275 -28.38 17.84 16.21
CA LEU B 275 -27.25 17.20 16.85
C LEU B 275 -27.72 16.18 17.88
N ASP B 276 -26.77 15.37 18.32
CA ASP B 276 -27.00 14.28 19.26
C ASP B 276 -26.12 14.47 20.51
N HIS B 277 -26.50 13.79 21.59
CA HIS B 277 -25.62 13.63 22.76
C HIS B 277 -25.50 12.18 23.18
N TRP B 278 -24.32 11.75 23.62
CA TRP B 278 -24.22 10.39 24.17
C TRP B 278 -25.32 10.21 25.18
N GLY B 279 -26.02 9.08 25.12
CA GLY B 279 -27.00 8.81 26.15
C GLY B 279 -28.41 9.36 25.95
N GLN B 280 -28.63 10.10 24.87
CA GLN B 280 -29.95 10.60 24.46
C GLN B 280 -30.35 9.91 23.17
N PRO B 281 -31.67 9.80 22.89
CA PRO B 281 -32.08 9.20 21.60
C PRO B 281 -31.58 10.01 20.42
N HIS B 282 -31.28 9.31 19.33
CA HIS B 282 -30.78 9.95 18.13
C HIS B 282 -31.79 10.96 17.58
N SER B 283 -31.36 12.17 17.24
CA SER B 283 -32.32 13.21 16.75
C SER B 283 -32.69 12.96 15.28
N THR B 284 -33.96 13.17 14.96
CA THR B 284 -34.45 13.06 13.59
C THR B 284 -35.46 14.16 13.31
N ILE B 285 -35.51 14.63 12.08
CA ILE B 285 -36.56 15.57 11.65
C ILE B 285 -37.21 14.87 10.49
N LYS B 286 -38.54 14.85 10.48
CA LYS B 286 -39.30 14.20 9.39
C LYS B 286 -39.08 14.84 8.01
N THR B 287 -39.04 14.02 6.97
CA THR B 287 -38.80 14.48 5.61
C THR B 287 -39.79 15.55 5.16
N GLU B 288 -41.06 15.32 5.48
CA GLU B 288 -42.16 16.19 5.09
C GLU B 288 -42.03 17.58 5.68
N ALA B 289 -41.51 17.63 6.91
CA ALA B 289 -41.31 18.92 7.60
C ALA B 289 -40.19 19.74 6.93
N VAL B 290 -39.06 19.09 6.67
CA VAL B 290 -37.98 19.75 5.90
C VAL B 290 -38.46 20.17 4.48
N ALA B 291 -39.11 19.25 3.77
CA ALA B 291 -39.53 19.54 2.40
C ALA B 291 -40.52 20.75 2.29
N SER B 292 -41.56 20.76 3.12
CA SER B 292 -42.57 21.84 3.10
C SER B 292 -41.96 23.18 3.53
N SER B 293 -41.15 23.18 4.57
CA SER B 293 -40.46 24.42 4.95
C SER B 293 -39.50 24.90 3.85
N LEU B 294 -38.74 23.98 3.25
CA LEU B 294 -37.84 24.38 2.15
C LEU B 294 -38.64 25.02 1.02
N TYR B 295 -39.76 24.40 0.66
CA TYR B 295 -40.64 24.99 -0.36
C TYR B 295 -41.06 26.42 0.00
N ASP B 296 -41.48 26.62 1.25
CA ASP B 296 -41.94 27.93 1.74
C ASP B 296 -40.86 28.99 1.69
N ILE B 297 -39.66 28.63 2.14
CA ILE B 297 -38.52 29.54 2.13
C ILE B 297 -38.18 29.92 0.68
N LEU B 298 -38.09 28.93 -0.21
CA LEU B 298 -37.78 29.22 -1.64
C LEU B 298 -38.82 30.11 -2.34
N ALA B 299 -40.10 29.85 -2.05
CA ALA B 299 -41.20 30.64 -2.63
C ALA B 299 -41.16 32.10 -2.20
N ARG B 300 -40.43 32.42 -1.14
CA ARG B 300 -40.22 33.84 -0.76
C ARG B 300 -39.12 34.51 -1.55
N GLY B 301 -38.43 33.76 -2.38
CA GLY B 301 -37.30 34.32 -3.11
C GLY B 301 -36.00 34.35 -2.30
N ALA B 302 -36.02 33.74 -1.11
CA ALA B 302 -34.86 33.77 -0.21
C ALA B 302 -33.75 32.87 -0.72
N SER B 303 -32.51 33.24 -0.39
CA SER B 303 -31.37 32.35 -0.44
C SER B 303 -31.40 31.48 0.82
N VAL B 304 -31.00 30.21 0.70
CA VAL B 304 -31.10 29.30 1.82
C VAL B 304 -29.95 28.29 1.80
N ASN B 305 -29.45 27.98 2.99
CA ASN B 305 -28.51 26.88 3.16
C ASN B 305 -29.06 25.77 4.07
N LEU B 306 -29.05 24.54 3.58
CA LEU B 306 -29.46 23.36 4.34
C LEU B 306 -28.34 22.88 5.27
N TYR B 307 -28.56 23.01 6.58
CA TYR B 307 -27.59 22.59 7.57
C TYR B 307 -28.11 21.32 8.33
N MET B 308 -27.51 20.13 8.20
CA MET B 308 -26.41 19.73 7.34
C MET B 308 -27.01 19.14 6.08
N PHE B 309 -26.28 19.20 4.96
CA PHE B 309 -26.67 18.38 3.82
C PHE B 309 -26.07 16.97 3.92
N ILE B 310 -24.76 16.92 4.22
CA ILE B 310 -24.17 15.69 4.74
C ILE B 310 -23.45 16.08 6.01
N GLY B 311 -23.66 15.31 7.07
CA GLY B 311 -22.99 15.61 8.35
C GLY B 311 -21.61 15.00 8.49
N GLY B 312 -21.52 13.69 8.22
CA GLY B 312 -20.25 13.01 8.26
C GLY B 312 -19.86 12.55 9.66
N THR B 313 -18.58 12.62 9.98
CA THR B 313 -18.07 11.99 11.19
C THR B 313 -17.15 12.94 11.96
N ASN B 314 -17.23 12.88 13.30
CA ASN B 314 -16.19 13.47 14.15
C ASN B 314 -15.14 12.40 14.43
N PHE B 315 -14.13 12.31 13.58
CA PHE B 315 -13.06 11.35 13.76
C PHE B 315 -12.19 11.80 14.95
N ALA B 316 -11.38 10.89 15.48
CA ALA B 316 -10.41 11.20 16.54
C ALA B 316 -11.12 11.85 17.71
N TYR B 317 -10.74 13.07 18.08
CA TYR B 317 -11.30 13.74 19.31
C TYR B 317 -12.01 15.02 18.92
N TRP B 318 -12.47 15.12 17.67
CA TRP B 318 -12.96 16.39 17.12
C TRP B 318 -14.37 16.82 17.55
N ASN B 319 -15.11 15.93 18.21
CA ASN B 319 -16.43 16.27 18.70
C ASN B 319 -16.38 17.40 19.75
N GLY B 320 -17.48 18.12 19.89
CA GLY B 320 -17.66 19.09 20.99
C GLY B 320 -18.59 18.60 22.07
N ALA B 321 -19.18 19.56 22.79
CA ALA B 321 -20.03 19.31 23.94
C ALA B 321 -20.86 20.55 24.22
N ASN B 322 -21.92 20.38 24.99
CA ASN B 322 -22.73 21.48 25.45
C ASN B 322 -22.76 21.52 26.96
N SER B 323 -23.20 22.65 27.51
CA SER B 323 -23.24 22.87 28.95
C SER B 323 -24.72 22.86 29.37
N PRO B 324 -25.07 22.21 30.50
CA PRO B 324 -24.27 21.42 31.44
C PRO B 324 -23.67 20.23 30.72
N TYR B 325 -22.46 19.84 31.11
CA TYR B 325 -21.60 19.00 30.31
C TYR B 325 -22.24 17.75 29.75
N ALA B 326 -22.34 17.72 28.40
CA ALA B 326 -22.86 16.57 27.63
C ALA B 326 -22.17 16.60 26.26
N ALA B 327 -21.29 15.62 26.03
CA ALA B 327 -20.54 15.50 24.77
C ALA B 327 -21.44 15.04 23.62
N GLN B 328 -21.19 15.59 22.42
CA GLN B 328 -21.74 15.03 21.17
C GLN B 328 -20.97 13.78 20.78
N PRO B 329 -21.65 12.77 20.18
CA PRO B 329 -20.98 11.52 19.85
C PRO B 329 -20.13 11.58 18.56
N THR B 330 -19.51 10.44 18.21
CA THR B 330 -18.60 10.32 17.08
C THR B 330 -19.31 10.56 15.75
N SER B 331 -20.47 9.94 15.57
CA SER B 331 -21.24 10.15 14.35
C SER B 331 -21.79 11.61 14.28
N TYR B 332 -21.66 12.27 13.13
CA TYR B 332 -22.41 13.55 12.91
C TYR B 332 -23.42 13.29 11.78
N ASP B 333 -24.03 12.11 11.79
CA ASP B 333 -25.03 11.78 10.81
C ASP B 333 -26.10 12.87 10.63
N TYR B 334 -26.60 13.37 11.75
CA TYR B 334 -27.43 14.58 11.80
C TYR B 334 -28.85 14.30 11.30
N ASP B 335 -29.11 13.06 10.86
CA ASP B 335 -30.31 12.71 10.09
C ASP B 335 -30.37 13.56 8.80
N ALA B 336 -29.19 13.91 8.27
CA ALA B 336 -29.04 14.78 7.10
C ALA B 336 -29.57 14.03 5.86
N PRO B 337 -29.88 14.76 4.78
CA PRO B 337 -30.31 14.12 3.53
C PRO B 337 -29.30 13.10 2.95
N LEU B 338 -28.01 13.35 3.11
CA LEU B 338 -26.97 12.34 2.87
C LEU B 338 -26.54 11.77 4.22
N SER B 339 -26.51 10.44 4.32
CA SER B 339 -26.22 9.76 5.55
C SER B 339 -24.75 9.92 5.88
N GLU B 340 -24.37 9.46 7.07
CA GLU B 340 -22.99 9.65 7.51
C GLU B 340 -22.02 9.15 6.45
N ALA B 341 -22.34 8.01 5.83
CA ALA B 341 -21.48 7.35 4.84
C ALA B 341 -21.78 7.81 3.43
N GLY B 342 -22.56 8.87 3.31
CA GLY B 342 -22.82 9.45 1.99
C GLY B 342 -24.01 8.84 1.27
N ASP B 343 -24.85 8.08 1.95
CA ASP B 343 -25.96 7.38 1.28
C ASP B 343 -27.08 8.36 0.91
N LEU B 344 -27.70 8.08 -0.24
CA LEU B 344 -28.91 8.74 -0.73
C LEU B 344 -30.09 8.29 0.14
N THR B 345 -30.85 9.23 0.69
CA THR B 345 -31.94 8.84 1.58
C THR B 345 -33.28 9.27 0.97
N GLU B 346 -34.37 8.86 1.60
CA GLU B 346 -35.68 9.40 1.26
C GLU B 346 -35.65 10.93 1.27
N LYS B 347 -35.01 11.49 2.29
CA LYS B 347 -35.00 12.91 2.49
C LYS B 347 -34.26 13.62 1.34
N TYR B 348 -33.23 12.95 0.82
CA TYR B 348 -32.47 13.48 -0.29
C TYR B 348 -33.35 13.62 -1.57
N PHE B 349 -34.10 12.58 -1.90
CA PHE B 349 -34.95 12.67 -3.07
C PHE B 349 -36.09 13.65 -2.90
N ALA B 350 -36.69 13.68 -1.70
CA ALA B 350 -37.75 14.65 -1.42
C ALA B 350 -37.28 16.10 -1.58
N LEU B 351 -36.03 16.40 -1.17
CA LEU B 351 -35.51 17.77 -1.19
C LEU B 351 -35.13 18.17 -2.60
N ARG B 352 -34.58 17.21 -3.35
CA ARG B 352 -34.31 17.37 -4.79
C ARG B 352 -35.60 17.70 -5.54
N ASN B 353 -36.66 16.95 -5.23
CA ASN B 353 -37.99 17.18 -5.78
C ASN B 353 -38.54 18.60 -5.53
N ILE B 354 -38.30 19.15 -4.35
CA ILE B 354 -38.70 20.54 -4.04
C ILE B 354 -37.89 21.52 -4.88
N ILE B 355 -36.58 21.27 -4.98
CA ILE B 355 -35.70 22.18 -5.71
C ILE B 355 -36.11 22.21 -7.18
N GLN B 356 -36.48 21.05 -7.72
CA GLN B 356 -36.95 20.93 -9.10
C GLN B 356 -38.13 21.80 -9.45
N LYS B 357 -38.96 22.13 -8.46
CA LYS B 357 -40.10 23.02 -8.67
C LYS B 357 -39.66 24.47 -8.86
N PHE B 358 -38.41 24.78 -8.54
CA PHE B 358 -37.93 26.16 -8.64
C PHE B 358 -36.93 26.30 -9.77
N GLU B 359 -36.19 25.23 -10.06
CA GLU B 359 -35.33 25.23 -11.23
C GLU B 359 -34.94 23.84 -11.68
N LYS B 360 -34.36 23.76 -12.88
CA LYS B 360 -33.84 22.51 -13.45
C LYS B 360 -32.70 21.97 -12.58
N VAL B 361 -32.78 20.70 -12.22
CA VAL B 361 -31.65 20.02 -11.60
C VAL B 361 -30.79 19.29 -12.67
N PRO B 362 -29.50 19.04 -12.39
CA PRO B 362 -28.69 18.37 -13.43
C PRO B 362 -29.25 17.02 -13.91
N GLU B 363 -28.98 16.69 -15.17
CA GLU B 363 -29.44 15.44 -15.77
C GLU B 363 -28.39 14.32 -15.59
N GLY B 364 -28.81 13.08 -15.74
CA GLY B 364 -27.91 11.95 -15.60
C GLY B 364 -28.22 11.14 -14.34
N PRO B 365 -27.71 9.91 -14.28
CA PRO B 365 -27.92 9.19 -13.03
C PRO B 365 -27.02 9.77 -11.87
N ILE B 366 -27.51 9.67 -10.65
CA ILE B 366 -26.83 10.16 -9.45
C ILE B 366 -25.82 9.09 -8.93
N PRO B 367 -24.59 9.50 -8.55
CA PRO B 367 -23.64 8.50 -7.98
C PRO B 367 -24.28 7.75 -6.82
N PRO B 368 -24.03 6.44 -6.71
CA PRO B 368 -24.83 5.65 -5.77
C PRO B 368 -24.33 5.75 -4.29
N SER B 369 -25.19 5.38 -3.35
CA SER B 369 -24.74 4.92 -2.04
C SER B 369 -23.60 3.89 -2.27
N THR B 370 -22.53 4.02 -1.49
CA THR B 370 -21.37 3.13 -1.66
C THR B 370 -21.78 1.73 -1.21
N PRO B 371 -21.22 0.71 -1.85
CA PRO B 371 -21.40 -0.66 -1.31
C PRO B 371 -20.80 -0.75 0.12
N LYS B 372 -21.46 -1.51 1.01
CA LYS B 372 -20.98 -1.81 2.34
C LYS B 372 -20.74 -3.32 2.53
N PHE B 373 -19.69 -3.68 3.25
CA PHE B 373 -19.36 -5.09 3.41
C PHE B 373 -19.24 -5.48 4.89
N ALA B 374 -19.85 -6.62 5.22
CA ALA B 374 -19.75 -7.21 6.53
C ALA B 374 -18.49 -8.06 6.60
N TYR B 375 -17.37 -7.49 7.01
CA TYR B 375 -16.15 -8.31 7.17
C TYR B 375 -16.29 -9.37 8.28
N GLY B 376 -17.24 -9.21 9.18
CA GLY B 376 -17.46 -10.19 10.25
C GLY B 376 -16.68 -9.95 11.55
N LYS B 377 -16.58 -10.99 12.34
CA LYS B 377 -15.94 -10.93 13.65
C LYS B 377 -14.43 -10.97 13.50
N VAL B 378 -13.71 -10.13 14.26
CA VAL B 378 -12.24 -10.17 14.29
C VAL B 378 -11.80 -10.19 15.75
N THR B 379 -11.04 -11.21 16.12
CA THR B 379 -10.58 -11.36 17.48
C THR B 379 -9.41 -10.44 17.77
N LEU B 380 -9.40 -9.88 18.98
CA LEU B 380 -8.32 -9.04 19.47
C LEU B 380 -7.69 -9.73 20.67
N GLU B 381 -6.50 -9.30 21.03
CA GLU B 381 -5.92 -9.74 22.31
C GLU B 381 -5.27 -8.54 22.96
N LYS B 382 -5.23 -8.59 24.27
CA LYS B 382 -4.62 -7.52 25.01
C LYS B 382 -3.14 -7.49 24.70
N LEU B 383 -2.64 -6.29 24.40
CA LEU B 383 -1.23 -6.15 24.14
C LEU B 383 -0.49 -5.62 25.36
N LYS B 384 -0.93 -4.49 25.92
CA LYS B 384 -0.32 -3.80 27.07
C LYS B 384 -1.36 -2.91 27.74
N THR B 385 -1.27 -2.71 29.06
CA THR B 385 -2.05 -1.66 29.73
C THR B 385 -1.46 -0.29 29.40
N VAL B 386 -2.25 0.74 29.59
CA VAL B 386 -1.75 2.10 29.47
C VAL B 386 -0.58 2.27 30.44
N GLY B 387 -0.76 1.79 31.68
CA GLY B 387 0.30 1.80 32.68
C GLY B 387 1.59 1.15 32.21
N ALA B 388 1.50 -0.02 31.58
CA ALA B 388 2.70 -0.68 31.07
C ALA B 388 3.31 0.03 29.85
N ALA B 389 2.55 0.89 29.17
CA ALA B 389 3.02 1.52 27.91
C ALA B 389 3.46 2.98 28.08
N LEU B 390 3.76 3.39 29.30
CA LEU B 390 4.08 4.82 29.58
C LEU B 390 5.33 5.34 28.88
N ASP B 391 6.32 4.46 28.74
CA ASP B 391 7.58 4.78 28.06
C ASP B 391 7.31 5.15 26.62
N ILE B 392 6.56 4.30 25.93
CA ILE B 392 6.18 4.65 24.57
C ILE B 392 5.17 5.82 24.52
N LEU B 393 4.27 5.92 25.50
CA LEU B 393 3.26 6.98 25.44
C LEU B 393 3.80 8.39 25.78
N CYS B 394 4.89 8.42 26.53
CA CYS B 394 5.39 9.69 27.03
C CYS B 394 6.89 9.66 26.90
N PRO B 395 7.41 9.68 25.66
CA PRO B 395 8.87 9.53 25.45
C PRO B 395 9.77 10.63 26.04
N SER B 396 9.27 11.86 26.23
CA SER B 396 10.04 12.92 26.91
C SER B 396 9.94 12.93 28.45
N GLY B 397 9.17 12.01 29.03
CA GLY B 397 9.07 11.92 30.48
C GLY B 397 7.94 12.80 31.03
N PRO B 398 7.53 12.55 32.26
CA PRO B 398 6.40 13.25 32.88
C PRO B 398 6.75 14.67 33.38
N ILE B 399 5.76 15.42 33.86
CA ILE B 399 5.97 16.73 34.47
C ILE B 399 5.59 16.51 35.92
N LYS B 400 6.46 16.93 36.83
CA LYS B 400 6.27 16.80 38.27
C LYS B 400 5.67 18.08 38.80
N SER B 401 4.67 17.94 39.66
CA SER B 401 3.95 19.09 40.12
C SER B 401 3.41 18.83 41.51
N LEU B 402 3.37 19.89 42.32
CA LEU B 402 2.87 19.80 43.69
C LEU B 402 1.37 19.50 43.72
N TYR B 403 0.59 20.28 42.96
CA TYR B 403 -0.84 20.04 42.75
C TYR B 403 -1.07 19.66 41.28
N PRO B 404 -2.27 19.13 40.93
CA PRO B 404 -2.43 18.74 39.51
C PRO B 404 -2.42 19.95 38.54
N LEU B 405 -1.92 19.74 37.32
CA LEU B 405 -1.99 20.70 36.23
C LEU B 405 -3.09 20.28 35.29
N THR B 406 -3.66 21.24 34.56
CA THR B 406 -4.60 20.96 33.45
C THR B 406 -3.89 20.38 32.21
N PHE B 407 -4.67 19.84 31.26
CA PHE B 407 -4.17 19.45 29.91
C PHE B 407 -3.32 20.56 29.30
N ILE B 408 -3.89 21.76 29.22
CA ILE B 408 -3.17 22.90 28.66
C ILE B 408 -1.79 23.10 29.26
N GLN B 409 -1.69 23.01 30.59
CA GLN B 409 -0.42 23.29 31.28
C GLN B 409 0.66 22.24 31.00
N VAL B 410 0.28 21.00 30.67
CA VAL B 410 1.26 20.00 30.32
C VAL B 410 1.31 19.81 28.81
N LYS B 411 0.75 20.77 28.07
CA LYS B 411 0.88 20.86 26.61
C LYS B 411 0.13 19.75 25.86
N GLN B 412 -0.95 19.26 26.43
CA GLN B 412 -1.72 18.24 25.78
C GLN B 412 -3.03 18.89 25.42
N HIS B 413 -3.54 18.71 24.21
CA HIS B 413 -4.82 19.36 23.88
C HIS B 413 -5.97 18.36 23.85
N TYR B 414 -5.73 17.17 23.26
CA TYR B 414 -6.78 16.20 23.04
C TYR B 414 -6.38 14.84 23.63
N GLY B 415 -7.38 14.02 23.93
CA GLY B 415 -7.09 12.63 24.30
C GLY B 415 -6.95 12.45 25.81
N PHE B 416 -5.78 11.98 26.27
CA PHE B 416 -5.67 11.36 27.58
C PHE B 416 -4.42 11.82 28.30
N VAL B 417 -4.54 11.99 29.62
CA VAL B 417 -3.40 12.32 30.45
C VAL B 417 -3.42 11.41 31.66
N LEU B 418 -2.30 10.78 31.96
CA LEU B 418 -2.23 9.97 33.18
C LEU B 418 -1.68 10.84 34.38
N TYR B 419 -2.46 10.95 35.46
CA TYR B 419 -2.01 11.60 36.70
C TYR B 419 -1.63 10.57 37.73
N ARG B 420 -0.39 10.63 38.22
CA ARG B 420 0.11 9.66 39.20
C ARG B 420 0.59 10.27 40.54
N THR B 421 0.30 9.56 41.63
CA THR B 421 0.81 9.91 42.95
C THR B 421 0.90 8.64 43.78
N THR B 422 1.19 8.78 45.08
CA THR B 422 1.13 7.64 45.98
C THR B 422 0.20 7.90 47.13
N LEU B 423 -0.34 6.83 47.72
CA LEU B 423 -1.26 6.99 48.83
C LEU B 423 -0.44 7.38 50.05
N PRO B 424 -0.71 8.58 50.63
CA PRO B 424 -0.01 9.07 51.84
C PRO B 424 -0.41 8.33 53.12
N GLN B 425 -1.58 7.69 53.14
CA GLN B 425 -2.06 6.87 54.27
C GLN B 425 -2.40 5.43 53.84
N ASP B 426 -2.51 4.52 54.81
CA ASP B 426 -3.04 3.18 54.52
C ASP B 426 -4.56 3.25 54.27
N CYS B 427 -5.05 2.50 53.29
CA CYS B 427 -6.47 2.50 52.93
C CYS B 427 -6.93 1.07 52.84
N SER B 428 -6.60 0.30 53.87
CA SER B 428 -7.08 -1.08 53.95
C SER B 428 -8.60 -1.02 54.05
N ASN B 429 -9.11 0.01 54.72
CA ASN B 429 -10.54 0.27 54.69
C ASN B 429 -10.85 1.38 53.68
N PRO B 430 -11.94 1.22 52.93
CA PRO B 430 -12.18 2.14 51.80
C PRO B 430 -12.13 3.59 52.25
N ALA B 431 -11.47 4.43 51.47
CA ALA B 431 -11.32 5.82 51.81
C ALA B 431 -11.81 6.65 50.63
N PRO B 432 -12.51 7.74 50.91
CA PRO B 432 -13.05 8.43 49.77
C PRO B 432 -11.98 9.29 49.05
N LEU B 433 -11.82 9.02 47.75
CA LEU B 433 -11.05 9.87 46.83
C LEU B 433 -12.05 10.79 46.12
N SER B 434 -11.79 12.09 46.16
CA SER B 434 -12.83 13.04 45.81
C SER B 434 -12.27 14.28 45.11
N SER B 435 -13.08 14.87 44.25
CA SER B 435 -12.74 16.16 43.65
C SER B 435 -13.82 17.11 44.12
N PRO B 436 -13.61 17.73 45.28
CA PRO B 436 -14.68 18.50 45.98
C PRO B 436 -15.22 19.63 45.15
N LEU B 437 -14.42 20.25 44.28
CA LEU B 437 -14.94 21.32 43.43
C LEU B 437 -15.36 20.83 42.05
N ASN B 438 -15.63 19.53 41.92
CA ASN B 438 -16.16 18.98 40.68
C ASN B 438 -15.20 19.28 39.54
N GLY B 439 -13.92 18.95 39.73
CA GLY B 439 -12.89 19.29 38.76
C GLY B 439 -12.21 18.13 38.07
N VAL B 440 -12.94 17.04 37.84
CA VAL B 440 -12.51 15.99 36.88
C VAL B 440 -13.12 16.33 35.51
N HIS B 441 -12.32 16.85 34.60
CA HIS B 441 -12.82 17.23 33.30
C HIS B 441 -12.18 16.29 32.27
N ASP B 442 -12.85 15.20 31.89
CA ASP B 442 -14.29 15.03 32.10
C ASP B 442 -14.59 13.66 32.70
N ARG B 443 -13.61 12.77 32.68
CA ARG B 443 -13.81 11.41 33.13
C ARG B 443 -12.44 10.87 33.59
N ALA B 444 -12.37 10.18 34.72
CA ALA B 444 -11.11 9.56 35.15
C ALA B 444 -11.32 8.09 35.49
N TYR B 445 -10.45 7.24 34.95
CA TYR B 445 -10.33 5.80 35.25
C TYR B 445 -9.22 5.61 36.28
N VAL B 446 -9.64 5.19 37.47
CA VAL B 446 -8.81 5.16 38.66
C VAL B 446 -8.31 3.74 38.95
N ALA B 447 -7.01 3.61 39.22
CA ALA B 447 -6.42 2.36 39.65
C ALA B 447 -5.48 2.61 40.85
N VAL B 448 -5.45 1.65 41.77
CA VAL B 448 -4.49 1.60 42.87
C VAL B 448 -3.69 0.28 42.80
N ASP B 449 -2.36 0.41 42.72
CA ASP B 449 -1.44 -0.70 42.43
C ASP B 449 -1.95 -1.69 41.41
N GLY B 450 -2.42 -1.16 40.29
CA GLY B 450 -2.81 -1.98 39.18
C GLY B 450 -4.17 -2.58 39.35
N ILE B 451 -4.91 -2.14 40.38
CA ILE B 451 -6.26 -2.62 40.63
C ILE B 451 -7.25 -1.50 40.31
N PRO B 452 -8.08 -1.71 39.29
CA PRO B 452 -9.00 -0.62 38.92
C PRO B 452 -10.04 -0.40 40.04
N GLN B 453 -10.41 0.86 40.30
CA GLN B 453 -11.32 1.17 41.39
C GLN B 453 -12.67 1.71 40.90
N GLY B 454 -12.77 2.01 39.61
CA GLY B 454 -13.98 2.63 39.08
C GLY B 454 -13.66 3.98 38.45
N VAL B 455 -14.68 4.83 38.41
CA VAL B 455 -14.65 6.01 37.57
C VAL B 455 -15.11 7.29 38.26
N LEU B 456 -14.38 8.38 38.10
CA LEU B 456 -14.89 9.73 38.46
C LEU B 456 -15.39 10.43 37.21
N GLU B 457 -16.51 11.14 37.37
CA GLU B 457 -17.20 11.72 36.21
C GLU B 457 -17.60 13.16 36.51
N ARG B 458 -17.34 14.06 35.56
CA ARG B 458 -17.75 15.45 35.68
C ARG B 458 -19.25 15.51 36.00
N ASN B 459 -19.62 16.29 37.00
CA ASN B 459 -21.01 16.44 37.46
C ASN B 459 -21.52 15.22 38.24
N ASN B 460 -21.56 14.05 37.60
CA ASN B 460 -22.22 12.88 38.13
C ASN B 460 -21.66 12.21 39.37
N VAL B 461 -20.34 12.00 39.41
CA VAL B 461 -19.70 11.25 40.51
C VAL B 461 -18.38 11.92 40.84
N ILE B 462 -18.37 12.69 41.92
CA ILE B 462 -17.18 13.41 42.29
C ILE B 462 -16.43 12.73 43.44
N THR B 463 -16.95 11.60 43.92
CA THR B 463 -16.29 10.77 44.96
C THR B 463 -16.31 9.28 44.61
N LEU B 464 -15.20 8.60 44.88
CA LEU B 464 -15.06 7.16 44.66
C LEU B 464 -14.24 6.60 45.83
N ASN B 465 -14.71 5.52 46.42
CA ASN B 465 -13.97 4.83 47.46
C ASN B 465 -12.90 3.93 46.88
N ILE B 466 -11.71 4.03 47.44
CA ILE B 466 -10.55 3.28 46.97
C ILE B 466 -9.90 2.55 48.14
N THR B 467 -9.26 1.43 47.86
CA THR B 467 -8.46 0.74 48.88
C THR B 467 -7.03 0.48 48.36
N GLY B 468 -6.07 0.41 49.29
CA GLY B 468 -4.71 -0.01 48.97
C GLY B 468 -3.75 0.31 50.12
N LYS B 469 -2.51 -0.14 50.01
CA LYS B 469 -1.55 0.05 51.09
C LYS B 469 -0.98 1.45 51.04
N ALA B 470 -0.54 1.93 52.20
CA ALA B 470 0.26 3.15 52.26
C ALA B 470 1.37 3.04 51.22
N GLY B 471 1.58 4.12 50.49
CA GLY B 471 2.64 4.18 49.50
C GLY B 471 2.28 3.53 48.18
N ALA B 472 1.08 2.97 48.04
CA ALA B 472 0.65 2.39 46.74
C ALA B 472 0.52 3.46 45.66
N THR B 473 0.72 3.06 44.41
CA THR B 473 0.61 3.98 43.28
C THR B 473 -0.86 4.22 42.92
N LEU B 474 -1.26 5.50 42.98
CA LEU B 474 -2.61 5.91 42.61
C LEU B 474 -2.54 6.60 41.25
N ASP B 475 -3.24 5.99 40.26
CA ASP B 475 -3.29 6.46 38.86
C ASP B 475 -4.69 6.92 38.51
N LEU B 476 -4.76 8.10 37.88
CA LEU B 476 -6.00 8.55 37.24
C LEU B 476 -5.75 8.84 35.76
N LEU B 477 -6.27 7.98 34.88
CA LEU B 477 -6.27 8.22 33.46
C LEU B 477 -7.42 9.20 33.18
N VAL B 478 -7.14 10.44 32.80
CA VAL B 478 -8.22 11.44 32.60
C VAL B 478 -8.46 11.70 31.11
N GLU B 479 -9.72 11.58 30.69
CA GLU B 479 -10.13 11.80 29.31
C GLU B 479 -10.78 13.18 29.14
N ASN B 480 -10.30 13.95 28.16
CA ASN B 480 -11.01 15.09 27.62
C ASN B 480 -12.05 14.52 26.67
N MET B 481 -13.32 14.63 27.03
CA MET B 481 -14.43 14.11 26.20
C MET B 481 -14.97 15.07 25.15
N GLY B 482 -14.31 16.22 25.02
CA GLY B 482 -14.71 17.28 24.09
C GLY B 482 -14.92 18.63 24.77
N ARG B 483 -14.25 19.66 24.29
CA ARG B 483 -14.48 21.00 24.84
C ARG B 483 -15.76 21.58 24.36
N VAL B 484 -16.51 22.15 25.32
CA VAL B 484 -17.79 22.82 25.09
C VAL B 484 -17.66 23.79 23.92
N ASN B 485 -18.61 23.73 23.00
CA ASN B 485 -18.49 24.50 21.78
C ASN B 485 -19.48 25.67 21.65
N TYR B 486 -20.26 25.88 22.72
CA TYR B 486 -21.38 26.82 22.71
C TYR B 486 -21.68 27.35 24.12
N GLY B 487 -21.94 28.66 24.21
CA GLY B 487 -22.36 29.26 25.49
C GLY B 487 -21.14 29.91 26.14
N ALA B 488 -21.34 30.49 27.33
CA ALA B 488 -20.25 31.14 28.09
C ALA B 488 -19.05 30.24 28.39
N TYR B 489 -19.26 28.94 28.53
CA TYR B 489 -18.20 28.08 29.07
C TYR B 489 -17.35 27.33 28.05
N ILE B 490 -17.02 28.00 26.94
CA ILE B 490 -16.18 27.42 25.92
C ILE B 490 -14.71 27.45 26.33
N ASN B 491 -14.37 28.20 27.38
CA ASN B 491 -13.00 28.18 27.91
C ASN B 491 -12.87 26.99 28.87
N ASP B 492 -12.75 25.80 28.29
CA ASP B 492 -13.02 24.54 29.00
C ASP B 492 -11.67 23.82 29.16
N PHE B 493 -11.06 23.85 30.34
CA PHE B 493 -9.62 23.55 30.45
C PHE B 493 -9.10 22.09 30.25
N LYS B 494 -9.85 21.15 30.84
CA LYS B 494 -9.63 19.67 30.85
C LYS B 494 -8.50 19.17 31.73
N GLY B 495 -8.64 17.94 32.21
CA GLY B 495 -7.67 17.38 33.16
C GLY B 495 -8.19 17.41 34.58
N LEU B 496 -7.29 17.31 35.56
CA LEU B 496 -7.73 17.58 36.94
C LEU B 496 -7.62 19.09 37.07
N VAL B 497 -8.75 19.81 37.07
CA VAL B 497 -8.69 21.28 37.04
C VAL B 497 -8.81 21.90 38.44
N SER B 498 -9.03 21.05 39.43
CA SER B 498 -8.88 21.44 40.84
C SER B 498 -8.30 20.26 41.62
N ASN B 499 -8.04 20.43 42.92
CA ASN B 499 -7.45 19.38 43.73
C ASN B 499 -8.20 18.09 43.92
N LEU B 500 -7.49 16.98 44.12
CA LEU B 500 -8.13 15.77 44.65
C LEU B 500 -7.96 15.69 46.17
N THR B 501 -8.96 15.18 46.90
CA THR B 501 -8.73 14.90 48.31
C THR B 501 -8.86 13.39 48.55
N LEU B 502 -8.12 12.88 49.53
CA LEU B 502 -8.27 11.53 50.04
C LEU B 502 -8.58 11.62 51.55
N SER B 503 -9.73 11.06 51.95
CA SER B 503 -10.25 11.25 53.31
C SER B 503 -10.20 12.73 53.69
N SER B 504 -10.46 13.60 52.71
CA SER B 504 -10.53 15.06 52.92
C SER B 504 -9.22 15.82 52.92
N ASN B 505 -8.10 15.12 52.81
CA ASN B 505 -6.76 15.76 52.79
C ASN B 505 -6.29 15.92 51.36
N ILE B 506 -5.90 17.15 50.98
CA ILE B 506 -5.50 17.44 49.60
C ILE B 506 -4.35 16.52 49.24
N LEU B 507 -4.44 15.85 48.08
CA LEU B 507 -3.36 14.99 47.63
C LEU B 507 -2.35 15.82 46.89
N THR B 508 -1.07 15.65 47.23
CA THR B 508 -0.03 16.45 46.61
C THR B 508 1.05 15.52 46.07
N ASP B 509 1.98 16.08 45.29
CA ASP B 509 3.13 15.33 44.71
C ASP B 509 2.76 14.42 43.54
N TRP B 510 2.53 15.07 42.40
CA TRP B 510 2.02 14.46 41.21
C TRP B 510 3.06 14.30 40.11
N THR B 511 3.02 13.12 39.49
CA THR B 511 3.79 12.86 38.30
C THR B 511 2.80 12.66 37.15
N ILE B 512 2.85 13.60 36.20
CA ILE B 512 1.84 13.73 35.18
C ILE B 512 2.40 13.43 33.78
N PHE B 513 1.75 12.47 33.13
CA PHE B 513 2.13 11.92 31.84
C PHE B 513 1.17 12.36 30.71
N PRO B 514 1.53 13.40 29.92
CA PRO B 514 0.84 13.61 28.67
C PRO B 514 1.03 12.36 27.80
N LEU B 515 -0.03 11.89 27.15
CA LEU B 515 0.07 10.61 26.45
C LEU B 515 -0.06 10.80 24.96
N ASP B 516 0.97 10.43 24.23
CA ASP B 516 1.00 10.53 22.78
C ASP B 516 0.34 9.28 22.16
N THR B 517 -0.95 9.11 22.41
CA THR B 517 -1.66 7.91 21.93
C THR B 517 -1.56 7.71 20.41
N GLU B 518 -1.57 8.80 19.63
CA GLU B 518 -1.62 8.67 18.16
C GLU B 518 -0.32 8.08 17.63
N ASP B 519 0.81 8.67 18.02
CA ASP B 519 2.16 8.18 17.63
C ASP B 519 2.37 6.73 18.12
N ALA B 520 1.98 6.48 19.37
CA ALA B 520 2.23 5.18 19.97
C ALA B 520 1.48 4.08 19.24
N VAL B 521 0.21 4.34 18.89
CA VAL B 521 -0.60 3.38 18.13
C VAL B 521 -0.04 3.19 16.72
N ARG B 522 0.35 4.29 16.08
CA ARG B 522 1.00 4.21 14.76
C ARG B 522 2.30 3.40 14.75
N SER B 523 3.01 3.34 15.87
CA SER B 523 4.22 2.52 15.95
C SER B 523 3.95 1.16 16.61
N HIS B 524 2.66 0.78 16.73
CA HIS B 524 2.26 -0.46 17.43
C HIS B 524 2.86 -0.52 18.84
N LEU B 525 2.76 0.59 19.57
CA LEU B 525 3.35 0.73 20.90
C LEU B 525 4.86 0.47 20.85
N GLY B 526 5.51 0.89 19.77
CA GLY B 526 6.96 0.76 19.64
C GLY B 526 7.38 -0.56 19.02
N GLY B 527 6.44 -1.49 18.82
CA GLY B 527 6.75 -2.76 18.17
C GLY B 527 7.34 -2.65 16.76
N TRP B 528 7.00 -1.57 16.04
CA TRP B 528 7.51 -1.36 14.67
C TRP B 528 8.61 -0.32 14.58
N GLY B 529 9.21 0.03 15.70
CA GLY B 529 10.26 1.04 15.66
C GLY B 529 9.70 2.42 15.32
N HIS B 530 10.59 3.29 14.89
CA HIS B 530 10.33 4.70 14.75
C HIS B 530 10.83 5.21 13.41
N ARG B 531 11.14 4.30 12.49
CA ARG B 531 11.29 4.72 11.09
C ARG B 531 9.97 5.23 10.51
N ASN B 546 -17.79 -3.59 38.03
CA ASN B 546 -16.57 -4.33 37.65
C ASN B 546 -15.79 -3.71 36.45
N TYR B 547 -14.48 -3.64 36.58
CA TYR B 547 -13.67 -2.86 35.65
C TYR B 547 -12.41 -3.64 35.35
N THR B 548 -11.83 -3.39 34.19
CA THR B 548 -10.48 -3.81 33.88
C THR B 548 -9.62 -2.55 33.69
N LEU B 549 -8.32 -2.67 33.88
CA LEU B 549 -7.37 -1.57 33.65
C LEU B 549 -7.42 -1.08 32.21
N PRO B 550 -7.38 0.24 32.02
CA PRO B 550 -7.26 0.75 30.63
C PRO B 550 -6.12 0.05 29.90
N ALA B 551 -6.41 -0.47 28.70
CA ALA B 551 -5.41 -1.27 27.94
C ALA B 551 -5.68 -1.24 26.44
N PHE B 552 -4.65 -1.52 25.65
CA PHE B 552 -4.70 -1.59 24.20
C PHE B 552 -4.88 -3.07 23.80
N TYR B 553 -5.92 -3.35 23.01
CA TYR B 553 -6.20 -4.67 22.41
C TYR B 553 -6.02 -4.59 20.88
N MET B 554 -5.31 -5.58 20.31
CA MET B 554 -4.90 -5.57 18.91
C MET B 554 -5.35 -6.81 18.22
N GLY B 555 -5.70 -6.68 16.95
CA GLY B 555 -6.07 -7.85 16.13
C GLY B 555 -5.91 -7.44 14.69
N ASN B 556 -5.63 -8.40 13.84
CA ASN B 556 -5.45 -8.21 12.43
C ASN B 556 -6.52 -8.92 11.60
N PHE B 557 -6.83 -8.41 10.43
CA PHE B 557 -7.62 -9.17 9.48
C PHE B 557 -7.15 -8.80 8.09
N SER B 558 -7.21 -9.80 7.21
CA SER B 558 -6.77 -9.65 5.85
C SER B 558 -7.92 -9.54 4.85
N ILE B 559 -7.68 -8.85 3.74
CA ILE B 559 -8.69 -8.73 2.68
C ILE B 559 -7.95 -9.16 1.41
N PRO B 560 -8.56 -10.03 0.57
CA PRO B 560 -7.85 -10.42 -0.69
C PRO B 560 -7.57 -9.26 -1.65
N SER B 561 -6.44 -9.31 -2.35
CA SER B 561 -6.15 -8.40 -3.44
C SER B 561 -6.76 -8.92 -4.74
N GLY B 562 -6.76 -8.07 -5.76
CA GLY B 562 -7.20 -8.46 -7.08
C GLY B 562 -8.70 -8.67 -7.19
N ILE B 563 -9.43 -8.20 -6.18
CA ILE B 563 -10.90 -8.22 -6.18
C ILE B 563 -11.36 -6.79 -6.38
N PRO B 564 -12.00 -6.50 -7.54
CA PRO B 564 -12.31 -5.11 -7.91
C PRO B 564 -13.18 -4.45 -6.86
N ASP B 565 -14.02 -5.23 -6.20
CA ASP B 565 -14.89 -4.59 -5.22
C ASP B 565 -14.53 -4.83 -3.77
N LEU B 566 -13.23 -5.00 -3.48
CA LEU B 566 -12.77 -5.05 -2.10
C LEU B 566 -11.45 -4.27 -2.02
N PRO B 567 -11.29 -3.45 -0.98
CA PRO B 567 -12.16 -3.24 0.15
C PRO B 567 -13.40 -2.39 -0.14
N GLN B 568 -14.46 -2.64 0.64
CA GLN B 568 -15.61 -1.72 0.74
C GLN B 568 -15.69 -1.07 2.12
N ASP B 569 -16.47 0.01 2.20
CA ASP B 569 -16.85 0.63 3.43
C ASP B 569 -17.51 -0.39 4.35
N THR B 570 -17.46 -0.13 5.64
CA THR B 570 -18.03 -1.01 6.65
C THR B 570 -18.35 -0.19 7.90
N PHE B 571 -18.91 -0.87 8.89
CA PHE B 571 -19.25 -0.29 10.17
C PHE B 571 -18.71 -1.23 11.22
N ILE B 572 -18.05 -0.66 12.22
CA ILE B 572 -17.49 -1.50 13.28
C ILE B 572 -18.36 -1.44 14.53
N GLN B 573 -18.54 -2.61 15.18
CA GLN B 573 -19.44 -2.76 16.34
C GLN B 573 -18.64 -3.43 17.48
N PHE B 574 -18.98 -3.13 18.75
CA PHE B 574 -18.17 -3.56 19.89
C PHE B 574 -19.01 -4.31 20.96
N PRO B 575 -19.63 -5.44 20.58
CA PRO B 575 -20.43 -6.16 21.56
C PRO B 575 -19.60 -6.61 22.77
N GLY B 576 -20.06 -6.32 23.97
CA GLY B 576 -19.35 -6.72 25.22
C GLY B 576 -18.30 -5.73 25.73
N TRP B 577 -17.82 -4.84 24.84
CA TRP B 577 -16.93 -3.71 25.20
C TRP B 577 -17.76 -2.60 25.90
N THR B 578 -17.10 -1.59 26.46
CA THR B 578 -17.81 -0.61 27.26
C THR B 578 -17.63 0.81 26.75
N LYS B 579 -16.40 1.32 26.78
CA LYS B 579 -16.12 2.69 26.33
C LYS B 579 -14.64 2.78 25.92
N GLY B 580 -14.35 3.43 24.79
CA GLY B 580 -12.96 3.60 24.35
C GLY B 580 -12.76 4.31 23.01
N GLN B 581 -11.54 4.18 22.50
CA GLN B 581 -11.11 4.78 21.26
C GLN B 581 -10.70 3.65 20.31
N VAL B 582 -10.92 3.80 19.00
CA VAL B 582 -10.49 2.75 18.06
C VAL B 582 -9.70 3.33 16.87
N TRP B 583 -8.62 2.65 16.52
CA TRP B 583 -7.89 2.91 15.30
C TRP B 583 -7.91 1.69 14.39
N ILE B 584 -7.92 1.95 13.08
CA ILE B 584 -7.60 0.89 12.13
C ILE B 584 -6.45 1.38 11.27
N ASN B 585 -5.42 0.54 11.21
CA ASN B 585 -4.17 0.91 10.55
C ASN B 585 -3.69 2.28 11.00
N GLY B 586 -3.84 2.58 12.28
CA GLY B 586 -3.36 3.84 12.84
C GLY B 586 -4.26 5.06 12.56
N PHE B 587 -5.37 4.86 11.84
CA PHE B 587 -6.33 5.95 11.62
C PHE B 587 -7.34 5.99 12.74
N ASN B 588 -7.45 7.15 13.39
CA ASN B 588 -8.31 7.26 14.57
C ASN B 588 -9.76 7.48 14.15
N LEU B 589 -10.58 6.43 14.28
CA LEU B 589 -11.97 6.51 13.81
C LEU B 589 -12.91 7.24 14.76
N GLY B 590 -12.45 7.51 15.99
CA GLY B 590 -13.27 8.13 17.01
C GLY B 590 -13.54 7.27 18.26
N ARG B 591 -14.57 7.67 19.01
CA ARG B 591 -14.89 7.10 20.32
C ARG B 591 -16.05 6.12 20.21
N TYR B 592 -16.00 4.97 20.91
CA TYR B 592 -17.18 4.08 20.96
C TYR B 592 -17.70 4.07 22.37
N TRP B 593 -19.03 3.95 22.52
CA TRP B 593 -19.62 3.90 23.86
C TRP B 593 -20.97 3.18 23.84
N PRO B 594 -20.95 1.86 23.52
CA PRO B 594 -22.17 1.09 23.36
C PRO B 594 -22.94 1.08 24.67
N ALA B 595 -22.22 1.18 25.79
CA ALA B 595 -22.84 1.27 27.10
C ALA B 595 -23.81 2.45 27.25
N ARG B 596 -23.64 3.54 26.48
CA ARG B 596 -24.62 4.67 26.54
C ARG B 596 -25.43 4.80 25.27
N GLY B 597 -24.84 4.57 24.12
CA GLY B 597 -25.56 4.89 22.88
C GLY B 597 -25.85 6.40 22.73
N PRO B 598 -26.68 6.79 21.75
CA PRO B 598 -27.46 5.93 20.82
C PRO B 598 -26.61 5.28 19.72
N GLN B 599 -25.43 5.84 19.47
CA GLN B 599 -24.55 5.27 18.45
C GLN B 599 -23.91 3.96 18.93
N LEU B 600 -24.14 2.86 18.22
CA LEU B 600 -23.44 1.58 18.48
C LEU B 600 -22.30 1.29 17.47
N THR B 601 -22.52 1.58 16.18
CA THR B 601 -21.49 1.32 15.16
C THR B 601 -20.65 2.57 14.88
N LEU B 602 -19.42 2.39 14.41
CA LEU B 602 -18.68 3.53 13.85
C LEU B 602 -18.41 3.29 12.36
N PHE B 603 -18.48 4.37 11.57
CA PHE B 603 -18.20 4.35 10.15
C PHE B 603 -16.71 4.07 9.86
N VAL B 604 -16.44 3.16 8.93
CA VAL B 604 -15.06 2.82 8.51
C VAL B 604 -14.95 3.01 7.01
N PRO B 605 -14.37 4.14 6.55
CA PRO B 605 -14.20 4.37 5.10
C PRO B 605 -13.20 3.42 4.52
N GLN B 606 -13.48 2.94 3.31
CA GLN B 606 -12.70 1.82 2.76
C GLN B 606 -11.22 2.17 2.47
N HIS B 607 -10.92 3.46 2.26
CA HIS B 607 -9.58 3.83 1.81
C HIS B 607 -8.53 3.65 2.91
N ILE B 608 -8.94 3.51 4.16
CA ILE B 608 -7.94 3.16 5.15
C ILE B 608 -7.67 1.66 5.22
N LEU B 609 -8.46 0.84 4.52
CA LEU B 609 -8.25 -0.63 4.62
C LEU B 609 -7.28 -1.05 3.56
N MET B 610 -6.48 -2.08 3.79
CA MET B 610 -5.61 -2.51 2.73
C MET B 610 -5.77 -3.99 2.35
N THR B 611 -5.24 -4.35 1.17
CA THR B 611 -5.24 -5.75 0.72
C THR B 611 -3.86 -6.40 0.74
N SER B 612 -2.82 -5.58 0.74
CA SER B 612 -1.43 -6.09 0.63
C SER B 612 -0.67 -6.36 1.96
N ALA B 613 -1.38 -6.18 3.08
CA ALA B 613 -0.83 -6.44 4.39
C ALA B 613 -2.02 -6.60 5.31
N PRO B 614 -1.84 -7.27 6.45
CA PRO B 614 -2.93 -7.31 7.42
C PRO B 614 -3.38 -5.91 7.88
N ASN B 615 -4.67 -5.78 8.14
CA ASN B 615 -5.26 -4.59 8.72
C ASN B 615 -5.24 -4.71 10.23
N THR B 616 -4.55 -3.77 10.88
CA THR B 616 -4.41 -3.79 12.34
C THR B 616 -5.45 -2.92 13.03
N ILE B 617 -6.33 -3.58 13.78
CA ILE B 617 -7.28 -2.91 14.65
C ILE B 617 -6.67 -2.70 16.02
N THR B 618 -6.77 -1.46 16.53
CA THR B 618 -6.32 -1.12 17.87
C THR B 618 -7.49 -0.54 18.65
N VAL B 619 -7.80 -1.14 19.79
CA VAL B 619 -8.86 -0.65 20.67
C VAL B 619 -8.21 -0.29 22.01
N LEU B 620 -8.38 0.96 22.42
CA LEU B 620 -8.12 1.38 23.78
C LEU B 620 -9.44 1.29 24.59
N GLU B 621 -9.58 0.26 25.44
CA GLU B 621 -10.81 0.10 26.22
C GLU B 621 -10.57 0.70 27.59
N LEU B 622 -11.48 1.52 28.06
CA LEU B 622 -11.16 2.32 29.25
C LEU B 622 -11.76 1.79 30.55
N GLU B 623 -12.81 0.99 30.42
CA GLU B 623 -13.64 0.55 31.56
C GLU B 623 -13.75 -0.97 31.75
N TRP B 624 -14.04 -1.71 30.69
CA TRP B 624 -14.23 -3.17 30.85
C TRP B 624 -14.21 -3.83 29.48
N ALA B 625 -13.25 -4.75 29.29
CA ALA B 625 -13.03 -5.49 28.04
C ALA B 625 -13.60 -6.89 28.22
N PRO B 626 -14.22 -7.45 27.18
CA PRO B 626 -14.80 -8.80 27.33
C PRO B 626 -13.69 -9.83 27.07
N CYS B 627 -12.59 -9.74 27.78
CA CYS B 627 -11.37 -10.40 27.33
C CYS B 627 -10.76 -11.22 28.45
N SER B 628 -11.60 -11.52 29.43
CA SER B 628 -11.15 -12.07 30.71
C SER B 628 -11.47 -13.54 30.71
N SER B 629 -12.56 -13.89 30.03
CA SER B 629 -12.92 -15.26 29.72
C SER B 629 -11.72 -15.97 29.11
N ASP B 630 -11.66 -17.27 29.37
CA ASP B 630 -10.79 -18.14 28.63
C ASP B 630 -11.62 -18.70 27.49
N ASP B 631 -12.49 -17.82 26.98
CA ASP B 631 -13.17 -17.95 25.72
C ASP B 631 -12.65 -16.73 24.93
N PRO B 632 -11.55 -16.94 24.19
CA PRO B 632 -10.89 -15.91 23.40
C PRO B 632 -11.79 -15.32 22.31
N GLU B 633 -12.75 -16.13 21.85
CA GLU B 633 -13.68 -15.70 20.81
C GLU B 633 -14.59 -14.53 21.23
N LEU B 634 -14.70 -14.27 22.54
CA LEU B 634 -15.45 -13.12 23.05
C LEU B 634 -14.65 -11.82 22.99
N CYS B 635 -13.32 -11.92 22.90
CA CYS B 635 -12.49 -10.73 22.86
C CYS B 635 -12.36 -10.32 21.40
N ALA B 636 -13.36 -9.58 20.90
CA ALA B 636 -13.53 -9.48 19.45
C ALA B 636 -14.39 -8.29 19.07
N VAL B 637 -14.23 -7.77 17.86
CA VAL B 637 -15.16 -6.76 17.39
C VAL B 637 -15.84 -7.33 16.14
N THR B 638 -16.83 -6.66 15.62
CA THR B 638 -17.56 -7.18 14.48
C THR B 638 -17.80 -6.08 13.48
N PHE B 639 -17.56 -6.39 12.21
CA PHE B 639 -17.85 -5.52 11.09
C PHE B 639 -19.17 -5.87 10.46
N VAL B 640 -20.06 -4.89 10.32
CA VAL B 640 -21.39 -5.14 9.77
C VAL B 640 -21.65 -4.17 8.60
N ASP B 641 -22.75 -4.39 7.87
CA ASP B 641 -22.93 -3.65 6.62
C ASP B 641 -24.04 -2.60 6.67
N ARG B 642 -24.55 -2.33 7.87
CA ARG B 642 -25.54 -1.30 8.12
C ARG B 642 -25.18 -0.63 9.43
N PRO B 643 -25.33 0.71 9.49
CA PRO B 643 -25.01 1.46 10.72
C PRO B 643 -26.11 1.27 11.78
N VAL B 644 -25.75 1.39 13.05
CA VAL B 644 -26.74 1.49 14.13
C VAL B 644 -26.38 2.74 14.91
N ILE B 645 -27.02 3.86 14.59
CA ILE B 645 -26.73 5.13 15.27
C ILE B 645 -27.94 5.62 16.07
N GLY B 646 -29.01 4.80 16.09
CA GLY B 646 -30.27 5.20 16.69
C GLY B 646 -31.17 4.02 17.02
N SER B 647 -30.57 2.98 17.63
CA SER B 647 -31.28 1.74 17.97
C SER B 647 -32.45 1.90 18.97
N SER B 648 -33.36 0.93 18.95
CA SER B 648 -34.47 0.84 19.91
C SER B 648 -34.03 0.11 21.17
N GLN C 30 9.24 -35.59 -6.50
CA GLN C 30 8.44 -36.05 -5.32
C GLN C 30 6.94 -35.74 -5.45
N ARG C 31 6.56 -34.87 -6.40
CA ARG C 31 5.15 -34.54 -6.64
C ARG C 31 4.49 -35.50 -7.60
N MET C 32 3.46 -36.19 -7.14
CA MET C 32 2.81 -37.23 -7.94
C MET C 32 1.29 -37.22 -7.78
N PHE C 33 0.60 -37.57 -8.87
CA PHE C 33 -0.83 -37.72 -8.89
C PHE C 33 -1.15 -38.90 -9.81
N GLU C 34 -1.84 -39.89 -9.27
CA GLU C 34 -2.06 -41.13 -10.01
C GLU C 34 -3.35 -41.77 -9.59
N ILE C 35 -3.80 -42.74 -10.37
CA ILE C 35 -5.00 -43.49 -10.03
C ILE C 35 -4.54 -44.61 -9.13
N ASP C 36 -5.20 -44.80 -8.00
CA ASP C 36 -5.00 -46.00 -7.17
C ASP C 36 -6.02 -47.10 -7.48
N TYR C 37 -5.63 -48.07 -8.28
CA TYR C 37 -6.53 -49.17 -8.60
C TYR C 37 -6.86 -50.06 -7.39
N SER C 38 -6.10 -49.92 -6.28
CA SER C 38 -6.37 -50.59 -4.98
C SER C 38 -7.58 -50.08 -4.25
N ARG C 39 -7.55 -48.79 -3.90
CA ARG C 39 -8.64 -48.23 -3.12
C ARG C 39 -9.62 -47.50 -3.99
N ASP C 40 -9.58 -47.76 -5.29
CA ASP C 40 -10.54 -47.13 -6.20
C ASP C 40 -10.61 -45.61 -5.93
N SER C 41 -9.45 -44.97 -5.90
CA SER C 41 -9.39 -43.50 -5.98
C SER C 41 -8.04 -43.03 -6.53
N PHE C 42 -7.78 -41.74 -6.37
CA PHE C 42 -6.51 -41.14 -6.72
C PHE C 42 -5.62 -41.09 -5.49
N LEU C 43 -4.33 -40.95 -5.73
CA LEU C 43 -3.32 -40.68 -4.71
C LEU C 43 -2.66 -39.40 -5.13
N LYS C 44 -2.71 -38.40 -4.29
CA LYS C 44 -1.94 -37.18 -4.51
C LYS C 44 -0.77 -37.27 -3.54
N ASP C 45 0.44 -37.31 -4.09
CA ASP C 45 1.65 -37.50 -3.25
C ASP C 45 1.49 -38.69 -2.29
N GLY C 46 1.13 -39.85 -2.83
CA GLY C 46 0.89 -41.07 -2.04
C GLY C 46 -0.29 -41.13 -1.08
N GLN C 47 -1.08 -40.05 -0.94
CA GLN C 47 -2.24 -40.08 -0.02
C GLN C 47 -3.59 -40.11 -0.78
N PRO C 48 -4.62 -40.82 -0.24
CA PRO C 48 -5.94 -40.80 -0.88
C PRO C 48 -6.41 -39.39 -1.22
N PHE C 49 -7.01 -39.21 -2.41
CA PHE C 49 -7.49 -37.90 -2.80
C PHE C 49 -8.75 -38.01 -3.63
N ARG C 50 -9.69 -37.11 -3.39
CA ARG C 50 -10.91 -37.05 -4.16
C ARG C 50 -11.14 -35.57 -4.55
N TYR C 51 -11.42 -35.31 -5.82
CA TYR C 51 -11.69 -33.91 -6.16
C TYR C 51 -13.17 -33.55 -6.14
N ILE C 52 -13.42 -32.29 -5.81
CA ILE C 52 -14.74 -31.68 -5.83
C ILE C 52 -14.47 -30.42 -6.60
N SER C 53 -14.85 -30.44 -7.86
CA SER C 53 -14.45 -29.43 -8.82
C SER C 53 -15.64 -28.68 -9.36
N GLY C 54 -15.40 -27.45 -9.81
CA GLY C 54 -16.41 -26.69 -10.56
C GLY C 54 -15.82 -26.23 -11.89
N SER C 55 -16.64 -26.20 -12.93
CA SER C 55 -16.25 -25.74 -14.26
C SER C 55 -16.25 -24.21 -14.35
N ILE C 56 -15.21 -23.63 -14.92
CA ILE C 56 -15.22 -22.20 -15.19
C ILE C 56 -14.42 -22.07 -16.48
N HIS C 57 -15.00 -21.38 -17.46
CA HIS C 57 -14.38 -21.23 -18.75
C HIS C 57 -13.75 -19.86 -18.81
N TYR C 58 -12.40 -19.82 -18.79
CA TYR C 58 -11.68 -18.57 -18.77
C TYR C 58 -12.04 -17.76 -20.03
N SER C 59 -12.41 -18.43 -21.12
CA SER C 59 -12.81 -17.70 -22.35
C SER C 59 -14.17 -16.99 -22.25
N ARG C 60 -14.86 -17.19 -21.11
CA ARG C 60 -16.21 -16.71 -20.86
C ARG C 60 -16.29 -15.69 -19.73
N VAL C 61 -15.16 -15.44 -19.06
CA VAL C 61 -15.10 -14.49 -17.96
C VAL C 61 -13.95 -13.54 -18.30
N PRO C 62 -14.18 -12.21 -18.28
CA PRO C 62 -13.06 -11.31 -18.52
C PRO C 62 -11.95 -11.56 -17.47
N ARG C 63 -10.69 -11.53 -17.91
CA ARG C 63 -9.55 -11.71 -17.04
C ARG C 63 -9.61 -10.79 -15.82
N PHE C 64 -10.18 -9.60 -15.99
CA PHE C 64 -10.44 -8.66 -14.90
C PHE C 64 -11.15 -9.31 -13.69
N TYR C 65 -11.98 -10.30 -13.97
CA TYR C 65 -12.75 -10.99 -12.96
C TYR C 65 -12.26 -12.42 -12.66
N TRP C 66 -11.16 -12.88 -13.24
CA TRP C 66 -10.76 -14.29 -13.00
C TRP C 66 -10.55 -14.59 -11.53
N LYS C 67 -9.85 -13.71 -10.83
CA LYS C 67 -9.58 -13.91 -9.42
C LYS C 67 -10.85 -13.87 -8.59
N ASP C 68 -11.74 -12.91 -8.89
CA ASP C 68 -13.03 -12.90 -8.20
C ASP C 68 -13.79 -14.24 -8.34
N ARG C 69 -13.91 -14.73 -9.55
CA ARG C 69 -14.69 -15.96 -9.70
C ARG C 69 -14.00 -17.15 -9.04
N LEU C 70 -12.68 -17.26 -9.26
CA LEU C 70 -11.96 -18.39 -8.69
C LEU C 70 -11.97 -18.36 -7.15
N LEU C 71 -11.86 -17.15 -6.58
CA LEU C 71 -11.85 -17.08 -5.13
C LEU C 71 -13.24 -17.44 -4.57
N LYS C 72 -14.32 -16.98 -5.21
CA LYS C 72 -15.66 -17.46 -4.79
C LYS C 72 -15.74 -19.02 -4.88
N MET C 73 -15.08 -19.60 -5.89
CA MET C 73 -15.19 -21.06 -6.08
C MET C 73 -14.46 -21.77 -4.92
N LYS C 74 -13.28 -21.27 -4.59
CA LYS C 74 -12.48 -21.76 -3.45
C LYS C 74 -13.25 -21.65 -2.13
N MET C 75 -13.92 -20.51 -1.89
CA MET C 75 -14.70 -20.30 -0.67
C MET C 75 -15.89 -21.23 -0.58
N ALA C 76 -16.34 -21.77 -1.71
CA ALA C 76 -17.46 -22.70 -1.66
C ALA C 76 -16.97 -24.09 -1.19
N GLY C 77 -15.66 -24.26 -1.08
CA GLY C 77 -15.11 -25.55 -0.70
C GLY C 77 -14.65 -26.45 -1.82
N LEU C 78 -14.59 -25.95 -3.06
CA LEU C 78 -14.02 -26.71 -4.17
C LEU C 78 -12.51 -26.86 -3.96
N ASN C 79 -11.96 -28.05 -4.26
CA ASN C 79 -10.53 -28.19 -4.21
C ASN C 79 -9.91 -28.18 -5.60
N ALA C 80 -10.77 -27.97 -6.61
CA ALA C 80 -10.30 -27.96 -8.00
C ALA C 80 -11.25 -27.19 -8.92
N ILE C 81 -10.72 -26.80 -10.08
CA ILE C 81 -11.56 -26.23 -11.13
C ILE C 81 -11.32 -27.06 -12.39
N GLN C 82 -12.32 -27.07 -13.27
CA GLN C 82 -12.21 -27.73 -14.56
C GLN C 82 -12.42 -26.68 -15.62
N THR C 83 -11.66 -26.74 -16.70
CA THR C 83 -11.81 -25.77 -17.80
C THR C 83 -11.55 -26.35 -19.19
N TYR C 84 -12.13 -25.70 -20.19
CA TYR C 84 -11.88 -26.05 -21.57
C TYR C 84 -10.88 -25.08 -22.22
N VAL C 85 -10.06 -25.59 -23.12
CA VAL C 85 -9.24 -24.75 -24.00
C VAL C 85 -9.87 -24.75 -25.38
N PRO C 86 -10.49 -23.64 -25.76
CA PRO C 86 -11.07 -23.57 -27.07
C PRO C 86 -10.04 -23.18 -28.12
N TRP C 87 -9.75 -24.12 -29.01
CA TRP C 87 -8.69 -23.98 -29.98
C TRP C 87 -8.90 -22.68 -30.82
N ASN C 88 -10.12 -22.47 -31.30
CA ASN C 88 -10.42 -21.31 -32.11
C ASN C 88 -10.29 -19.97 -31.36
N PHE C 89 -10.26 -20.01 -30.02
CA PHE C 89 -10.08 -18.81 -29.17
C PHE C 89 -8.62 -18.37 -29.22
N HIS C 90 -7.74 -19.36 -29.42
CA HIS C 90 -6.30 -19.17 -29.44
C HIS C 90 -5.59 -19.19 -30.80
N GLU C 91 -6.25 -19.72 -31.83
CA GLU C 91 -5.61 -19.79 -33.15
C GLU C 91 -6.66 -19.47 -34.19
N PRO C 92 -7.01 -18.16 -34.29
CA PRO C 92 -8.06 -17.67 -35.17
C PRO C 92 -7.72 -17.78 -36.70
N TRP C 93 -6.43 -17.83 -37.04
CA TRP C 93 -5.93 -18.07 -38.40
C TRP C 93 -4.70 -18.92 -38.21
N PRO C 94 -4.43 -19.84 -39.17
CA PRO C 94 -3.28 -20.74 -38.95
C PRO C 94 -1.98 -20.02 -38.62
N GLY C 95 -1.27 -20.46 -37.59
CA GLY C 95 0.02 -19.88 -37.22
C GLY C 95 -0.06 -18.52 -36.55
N GLN C 96 -1.27 -17.99 -36.39
CA GLN C 96 -1.50 -16.73 -35.69
C GLN C 96 -2.12 -17.00 -34.29
N TYR C 97 -1.35 -16.77 -33.23
CA TYR C 97 -1.76 -17.19 -31.90
C TYR C 97 -2.20 -16.06 -30.98
N GLN C 98 -3.13 -16.35 -30.08
CA GLN C 98 -3.55 -15.39 -29.07
C GLN C 98 -3.44 -16.04 -27.69
N PHE C 99 -2.48 -15.56 -26.92
CA PHE C 99 -2.22 -16.06 -25.59
C PHE C 99 -2.04 -14.93 -24.57
N SER C 100 -2.53 -13.74 -24.89
CA SER C 100 -2.35 -12.54 -24.04
C SER C 100 -3.66 -12.01 -23.51
N GLU C 101 -3.59 -11.33 -22.37
CA GLU C 101 -4.70 -10.62 -21.79
C GLU C 101 -5.83 -11.61 -21.54
N ASP C 102 -7.01 -11.45 -22.16
CA ASP C 102 -8.12 -12.37 -21.91
C ASP C 102 -7.87 -13.81 -22.47
N HIS C 103 -6.81 -13.97 -23.27
CA HIS C 103 -6.49 -15.25 -23.93
C HIS C 103 -5.35 -15.91 -23.18
N ASP C 104 -4.97 -15.36 -22.02
CA ASP C 104 -3.80 -15.88 -21.37
C ASP C 104 -4.15 -17.13 -20.54
N VAL C 105 -4.33 -18.28 -21.20
CA VAL C 105 -4.70 -19.50 -20.49
C VAL C 105 -3.64 -19.88 -19.46
N GLU C 106 -2.37 -19.66 -19.78
CA GLU C 106 -1.29 -20.03 -18.82
C GLU C 106 -1.36 -19.23 -17.52
N TYR C 107 -1.59 -17.92 -17.65
CA TYR C 107 -1.86 -17.09 -16.46
C TYR C 107 -3.10 -17.57 -15.70
N PHE C 108 -4.14 -17.98 -16.41
CA PHE C 108 -5.34 -18.43 -15.73
C PHE C 108 -4.97 -19.60 -14.83
N LEU C 109 -4.17 -20.53 -15.33
CA LEU C 109 -3.87 -21.73 -14.56
C LEU C 109 -2.94 -21.46 -13.37
N ARG C 110 -1.97 -20.55 -13.56
CA ARG C 110 -1.06 -20.16 -12.47
C ARG C 110 -1.88 -19.49 -11.37
N LEU C 111 -2.88 -18.71 -11.75
CA LEU C 111 -3.70 -17.97 -10.77
C LEU C 111 -4.53 -18.98 -9.95
N ALA C 112 -5.10 -19.93 -10.66
CA ALA C 112 -5.85 -20.98 -9.98
C ALA C 112 -4.94 -21.68 -8.98
N HIS C 113 -3.71 -21.97 -9.41
CA HIS C 113 -2.71 -22.64 -8.57
C HIS C 113 -2.30 -21.82 -7.31
N GLU C 114 -2.10 -20.52 -7.53
CA GLU C 114 -1.78 -19.56 -6.47
C GLU C 114 -2.88 -19.48 -5.40
N LEU C 115 -4.15 -19.64 -5.80
CA LEU C 115 -5.25 -19.75 -4.87
C LEU C 115 -5.42 -21.13 -4.22
N GLY C 116 -4.50 -22.07 -4.49
CA GLY C 116 -4.58 -23.39 -3.86
C GLY C 116 -5.66 -24.24 -4.51
N LEU C 117 -5.88 -24.04 -5.81
CA LEU C 117 -6.81 -24.89 -6.53
C LEU C 117 -6.07 -25.75 -7.54
N LEU C 118 -6.46 -27.00 -7.65
CA LEU C 118 -5.92 -27.92 -8.66
C LEU C 118 -6.74 -27.78 -9.94
N VAL C 119 -6.25 -28.29 -11.06
CA VAL C 119 -6.95 -28.06 -12.36
C VAL C 119 -7.19 -29.37 -13.10
N ILE C 120 -8.42 -29.57 -13.55
CA ILE C 120 -8.70 -30.64 -14.50
C ILE C 120 -8.75 -29.95 -15.85
N LEU C 121 -7.78 -30.26 -16.72
CA LEU C 121 -7.65 -29.54 -17.99
C LEU C 121 -8.32 -30.27 -19.13
N ARG C 122 -9.12 -29.55 -19.92
CA ARG C 122 -9.85 -30.18 -21.02
C ARG C 122 -9.54 -29.53 -22.39
N PRO C 123 -8.41 -29.94 -23.00
CA PRO C 123 -7.80 -29.26 -24.16
C PRO C 123 -8.39 -29.64 -25.52
N GLY C 124 -9.41 -30.49 -25.51
CA GLY C 124 -10.09 -30.87 -26.74
C GLY C 124 -9.34 -31.96 -27.51
N PRO C 125 -9.06 -31.71 -28.81
CA PRO C 125 -9.16 -30.41 -29.50
C PRO C 125 -10.58 -29.94 -29.88
N TYR C 126 -11.55 -30.82 -29.70
CA TYR C 126 -12.99 -30.48 -29.79
C TYR C 126 -13.55 -30.46 -28.36
N ILE C 127 -14.35 -29.46 -28.02
CA ILE C 127 -14.76 -29.27 -26.61
C ILE C 127 -16.28 -29.22 -26.44
N CYS C 128 -17.01 -29.12 -27.55
CA CYS C 128 -18.49 -28.98 -27.56
C CYS C 128 -18.89 -27.64 -26.87
N ALA C 129 -19.38 -27.67 -25.62
CA ALA C 129 -19.33 -26.48 -24.74
C ALA C 129 -20.26 -25.34 -25.13
N GLU C 130 -21.21 -25.58 -26.06
CA GLU C 130 -22.11 -24.51 -26.49
C GLU C 130 -21.26 -23.35 -27.00
N TRP C 131 -20.19 -23.71 -27.73
CA TRP C 131 -19.21 -22.72 -28.19
C TRP C 131 -19.02 -22.92 -29.70
N GLU C 132 -18.86 -21.81 -30.43
CA GLU C 132 -18.67 -21.80 -31.88
C GLU C 132 -17.96 -23.04 -32.36
N MET C 133 -18.66 -23.88 -33.13
CA MET C 133 -18.08 -25.07 -33.76
C MET C 133 -17.40 -26.03 -32.77
N GLY C 134 -17.88 -26.07 -31.53
CA GLY C 134 -17.24 -26.91 -30.49
C GLY C 134 -15.75 -26.63 -30.35
N GLY C 135 -15.37 -25.36 -30.59
CA GLY C 135 -13.99 -24.92 -30.40
C GLY C 135 -13.08 -25.11 -31.59
N LEU C 136 -13.54 -25.88 -32.58
CA LEU C 136 -12.72 -26.14 -33.79
C LEU C 136 -12.63 -24.86 -34.64
N PRO C 137 -11.44 -24.56 -35.15
CA PRO C 137 -11.27 -23.39 -36.01
C PRO C 137 -12.01 -23.51 -37.35
N ALA C 138 -12.75 -22.46 -37.72
CA ALA C 138 -13.47 -22.39 -38.97
C ALA C 138 -12.56 -22.55 -40.20
N TRP C 139 -11.29 -22.15 -40.08
CA TRP C 139 -10.37 -22.30 -41.19
C TRP C 139 -10.11 -23.78 -41.55
N LEU C 140 -10.40 -24.72 -40.66
CA LEU C 140 -10.28 -26.16 -41.01
C LEU C 140 -11.15 -26.48 -42.25
N LEU C 141 -12.22 -25.70 -42.42
CA LEU C 141 -13.22 -25.90 -43.47
C LEU C 141 -12.77 -25.41 -44.84
N GLU C 142 -11.58 -24.82 -44.92
CA GLU C 142 -10.98 -24.49 -46.23
C GLU C 142 -10.79 -25.79 -47.01
N LYS C 143 -10.62 -26.91 -46.31
CA LYS C 143 -10.83 -28.21 -46.97
C LYS C 143 -12.30 -28.58 -46.87
N GLU C 144 -13.05 -28.37 -47.95
CA GLU C 144 -14.47 -28.49 -47.80
C GLU C 144 -14.97 -29.93 -47.50
N SER C 145 -14.18 -30.94 -47.88
CA SER C 145 -14.56 -32.35 -47.64
C SER C 145 -14.02 -32.87 -46.29
N ILE C 146 -13.41 -31.98 -45.49
CA ILE C 146 -12.79 -32.40 -44.23
C ILE C 146 -13.77 -33.16 -43.35
N LEU C 147 -13.31 -34.28 -42.79
CA LEU C 147 -14.06 -35.03 -41.78
C LEU C 147 -13.47 -34.67 -40.42
N LEU C 148 -14.14 -33.72 -39.75
CA LEU C 148 -13.69 -33.27 -38.44
C LEU C 148 -13.81 -34.43 -37.41
N ARG C 149 -12.90 -34.42 -36.43
CA ARG C 149 -12.91 -35.42 -35.34
C ARG C 149 -12.77 -36.85 -35.87
N SER C 150 -11.74 -37.08 -36.69
CA SER C 150 -11.48 -38.41 -37.26
C SER C 150 -10.00 -38.48 -37.64
N SER C 151 -9.61 -39.61 -38.24
CA SER C 151 -8.25 -39.82 -38.75
C SER C 151 -8.02 -39.17 -40.10
N ASP C 152 -8.95 -38.32 -40.53
CA ASP C 152 -8.73 -37.52 -41.75
C ASP C 152 -7.35 -36.85 -41.61
N PRO C 153 -6.40 -37.12 -42.53
CA PRO C 153 -5.00 -36.71 -42.38
C PRO C 153 -4.76 -35.19 -42.32
N ASP C 154 -5.60 -34.41 -42.96
CA ASP C 154 -5.42 -32.94 -42.90
C ASP C 154 -5.89 -32.41 -41.56
N TYR C 155 -6.96 -33.01 -41.05
CA TYR C 155 -7.42 -32.77 -39.69
C TYR C 155 -6.32 -33.12 -38.70
N LEU C 156 -5.80 -34.35 -38.77
CA LEU C 156 -4.74 -34.76 -37.85
C LEU C 156 -3.57 -33.80 -37.87
N ALA C 157 -3.15 -33.41 -39.08
CA ALA C 157 -2.03 -32.49 -39.25
C ALA C 157 -2.26 -31.14 -38.55
N ALA C 158 -3.48 -30.62 -38.65
CA ALA C 158 -3.80 -29.33 -38.05
C ALA C 158 -3.77 -29.48 -36.52
N VAL C 159 -4.26 -30.62 -36.04
CA VAL C 159 -4.44 -30.86 -34.63
C VAL C 159 -3.06 -31.01 -34.05
N ASP C 160 -2.22 -31.78 -34.75
CA ASP C 160 -0.88 -32.02 -34.30
C ASP C 160 -0.05 -30.75 -34.17
N LYS C 161 -0.15 -29.85 -35.13
CA LYS C 161 0.46 -28.52 -35.03
C LYS C 161 -0.03 -27.74 -33.83
N TRP C 162 -1.35 -27.75 -33.63
CA TRP C 162 -1.92 -27.09 -32.47
C TRP C 162 -1.41 -27.69 -31.15
N LEU C 163 -1.41 -29.04 -31.04
CA LEU C 163 -0.91 -29.71 -29.82
C LEU C 163 0.55 -29.37 -29.58
N GLY C 164 1.30 -29.19 -30.68
CA GLY C 164 2.70 -28.83 -30.60
C GLY C 164 2.91 -27.40 -30.11
N VAL C 165 1.85 -26.59 -30.12
CA VAL C 165 1.90 -25.25 -29.54
C VAL C 165 1.35 -25.16 -28.13
N LEU C 166 0.13 -25.64 -27.95
CA LEU C 166 -0.53 -25.69 -26.66
C LEU C 166 0.11 -26.60 -25.61
N LEU C 167 0.31 -27.87 -25.92
CA LEU C 167 0.75 -28.80 -24.85
C LEU C 167 2.14 -28.52 -24.23
N PRO C 168 3.13 -28.02 -25.00
CA PRO C 168 4.33 -27.64 -24.29
C PRO C 168 4.10 -26.44 -23.35
N LYS C 169 3.09 -25.59 -23.62
CA LYS C 169 2.75 -24.61 -22.59
C LYS C 169 2.13 -25.27 -21.35
N MET C 170 1.46 -26.40 -21.54
CA MET C 170 0.79 -27.05 -20.43
C MET C 170 1.72 -27.91 -19.58
N LYS C 171 2.81 -28.44 -20.19
CA LYS C 171 3.73 -29.34 -19.48
C LYS C 171 4.28 -28.78 -18.18
N PRO C 172 4.81 -27.51 -18.18
CA PRO C 172 5.24 -26.92 -16.89
C PRO C 172 4.13 -26.78 -15.86
N LEU C 173 2.87 -26.80 -16.30
CA LEU C 173 1.75 -26.67 -15.38
C LEU C 173 1.16 -28.01 -14.86
N LEU C 174 1.69 -29.13 -15.32
CA LEU C 174 1.34 -30.41 -14.70
C LEU C 174 1.73 -30.46 -13.22
N TYR C 175 0.88 -31.14 -12.44
CA TYR C 175 1.11 -31.36 -11.03
C TYR C 175 2.52 -31.87 -10.79
N GLN C 176 2.95 -32.84 -11.61
CA GLN C 176 4.25 -33.46 -11.35
C GLN C 176 5.38 -32.45 -11.50
N ASN C 177 5.15 -31.38 -12.26
CA ASN C 177 6.21 -30.42 -12.54
C ASN C 177 6.07 -29.17 -11.70
N GLY C 178 5.24 -29.22 -10.67
CA GLY C 178 5.03 -28.06 -9.78
C GLY C 178 3.82 -27.19 -10.07
N GLY C 179 2.97 -27.58 -11.03
CA GLY C 179 1.76 -26.82 -11.37
C GLY C 179 0.46 -27.38 -10.76
N PRO C 180 -0.71 -26.82 -11.15
CA PRO C 180 -2.02 -27.29 -10.68
C PRO C 180 -2.63 -28.49 -11.43
N VAL C 181 -2.24 -28.73 -12.69
CA VAL C 181 -2.97 -29.68 -13.52
C VAL C 181 -2.79 -31.17 -13.11
N ILE C 182 -3.87 -31.77 -12.65
CA ILE C 182 -3.84 -33.14 -12.14
C ILE C 182 -4.33 -34.21 -13.11
N THR C 183 -5.26 -33.84 -14.00
CA THR C 183 -5.79 -34.77 -15.01
C THR C 183 -6.08 -34.00 -16.28
N VAL C 184 -5.98 -34.67 -17.43
CA VAL C 184 -6.21 -34.03 -18.71
C VAL C 184 -7.20 -34.85 -19.52
N GLN C 185 -8.31 -34.24 -19.96
CA GLN C 185 -9.28 -34.95 -20.83
C GLN C 185 -8.83 -34.96 -22.30
N VAL C 186 -8.93 -36.15 -22.91
CA VAL C 186 -8.66 -36.32 -24.32
C VAL C 186 -10.00 -36.32 -25.12
N GLU C 187 -10.12 -35.40 -26.09
CA GLU C 187 -11.36 -35.20 -26.85
C GLU C 187 -12.54 -34.82 -25.91
N ASN C 188 -13.77 -34.97 -26.38
CA ASN C 188 -14.94 -34.67 -25.58
C ASN C 188 -16.15 -35.45 -26.07
N GLU C 189 -16.58 -36.43 -25.29
CA GLU C 189 -17.78 -37.23 -25.62
C GLU C 189 -17.66 -37.78 -27.05
N TYR C 190 -16.50 -38.33 -27.37
CA TYR C 190 -16.31 -38.88 -28.71
C TYR C 190 -17.36 -39.97 -28.99
N GLY C 191 -17.83 -40.64 -27.93
CA GLY C 191 -18.85 -41.67 -28.06
C GLY C 191 -20.18 -41.18 -28.61
N SER C 192 -20.38 -39.87 -28.63
CA SER C 192 -21.66 -39.30 -29.10
C SER C 192 -21.60 -38.82 -30.56
N TYR C 193 -20.46 -39.02 -31.22
CA TYR C 193 -20.25 -38.61 -32.60
C TYR C 193 -20.32 -39.86 -33.44
N PHE C 194 -20.74 -39.69 -34.70
CA PHE C 194 -21.02 -40.83 -35.59
C PHE C 194 -19.75 -41.55 -36.04
N ALA C 195 -18.62 -40.84 -36.09
CA ALA C 195 -17.47 -41.39 -36.82
C ALA C 195 -16.82 -42.62 -36.20
N CYS C 196 -16.69 -42.64 -34.88
CA CYS C 196 -16.21 -43.80 -34.18
C CYS C 196 -14.84 -44.24 -34.73
N ASP C 197 -14.01 -43.26 -35.05
CA ASP C 197 -12.65 -43.56 -35.49
C ASP C 197 -11.66 -43.70 -34.30
N PHE C 198 -11.39 -44.94 -33.90
CA PHE C 198 -10.45 -45.24 -32.82
C PHE C 198 -8.99 -44.91 -33.12
N ASP C 199 -8.62 -44.90 -34.40
CA ASP C 199 -7.26 -44.43 -34.73
C ASP C 199 -7.06 -42.95 -34.38
N TYR C 200 -8.09 -42.12 -34.56
CA TYR C 200 -8.07 -40.73 -34.07
C TYR C 200 -7.80 -40.65 -32.58
N LEU C 201 -8.54 -41.43 -31.78
CA LEU C 201 -8.31 -41.42 -30.33
C LEU C 201 -6.92 -41.91 -29.94
N ARG C 202 -6.39 -42.91 -30.64
CA ARG C 202 -5.04 -43.40 -30.36
C ARG C 202 -3.98 -42.37 -30.75
N PHE C 203 -4.21 -41.66 -31.85
CA PHE C 203 -3.31 -40.57 -32.24
C PHE C 203 -3.28 -39.48 -31.12
N LEU C 204 -4.45 -39.06 -30.66
CA LEU C 204 -4.47 -38.09 -29.55
C LEU C 204 -3.68 -38.60 -28.33
N GLN C 205 -3.91 -39.85 -27.94
CA GLN C 205 -3.25 -40.39 -26.77
C GLN C 205 -1.73 -40.33 -26.93
N LYS C 206 -1.27 -40.70 -28.11
CA LYS C 206 0.15 -40.79 -28.43
C LYS C 206 0.77 -39.37 -28.47
N ARG C 207 0.06 -38.39 -29.03
CA ARG C 207 0.60 -37.02 -29.04
C ARG C 207 0.52 -36.34 -27.68
N PHE C 208 -0.54 -36.60 -26.91
CA PHE C 208 -0.57 -36.05 -25.55
C PHE C 208 0.59 -36.63 -24.74
N ARG C 209 0.82 -37.95 -24.88
CA ARG C 209 1.92 -38.62 -24.16
C ARG C 209 3.28 -38.08 -24.61
N HIS C 210 3.46 -37.89 -25.90
CA HIS C 210 4.66 -37.25 -26.40
C HIS C 210 4.93 -35.91 -25.72
N HIS C 211 3.94 -35.06 -25.60
CA HIS C 211 4.23 -33.71 -25.09
C HIS C 211 4.21 -33.60 -23.58
N LEU C 212 3.48 -34.49 -22.92
CA LEU C 212 3.17 -34.35 -21.46
C LEU C 212 3.84 -35.41 -20.59
N GLY C 213 4.34 -36.49 -21.18
CA GLY C 213 5.01 -37.52 -20.40
C GLY C 213 4.09 -38.67 -20.06
N ASP C 214 4.65 -39.71 -19.43
CA ASP C 214 3.85 -40.94 -19.20
C ASP C 214 3.15 -40.99 -17.86
N ASP C 215 3.33 -39.98 -17.03
CA ASP C 215 2.72 -40.01 -15.72
C ASP C 215 1.36 -39.35 -15.65
N VAL C 216 1.12 -38.35 -16.49
CA VAL C 216 -0.14 -37.60 -16.42
C VAL C 216 -1.37 -38.53 -16.64
N VAL C 217 -2.34 -38.40 -15.75
CA VAL C 217 -3.62 -39.08 -15.91
C VAL C 217 -4.37 -38.49 -17.10
N LEU C 218 -4.59 -39.33 -18.12
CA LEU C 218 -5.37 -38.95 -19.29
C LEU C 218 -6.71 -39.65 -19.19
N PHE C 219 -7.78 -38.95 -19.49
CA PHE C 219 -9.11 -39.55 -19.32
C PHE C 219 -10.03 -39.16 -20.44
N THR C 220 -11.16 -39.85 -20.52
CA THR C 220 -12.24 -39.52 -21.45
C THR C 220 -13.50 -39.33 -20.61
N THR C 221 -14.47 -38.63 -21.22
CA THR C 221 -15.77 -38.41 -20.65
C THR C 221 -16.80 -38.74 -21.70
N ASP C 222 -17.88 -39.43 -21.30
CA ASP C 222 -18.99 -39.78 -22.18
C ASP C 222 -20.29 -39.91 -21.42
N GLY C 223 -21.42 -39.93 -22.14
CA GLY C 223 -22.73 -40.28 -21.58
C GLY C 223 -22.66 -41.56 -20.77
N ALA C 224 -23.45 -41.62 -19.71
CA ALA C 224 -23.34 -42.69 -18.72
C ALA C 224 -24.21 -43.88 -19.16
N HIS C 225 -23.84 -44.48 -20.29
CA HIS C 225 -24.56 -45.57 -20.90
C HIS C 225 -23.65 -46.30 -21.86
N LYS C 226 -23.77 -47.61 -21.92
CA LYS C 226 -22.92 -48.42 -22.80
C LYS C 226 -22.97 -47.96 -24.27
N THR C 227 -24.10 -47.45 -24.74
CA THR C 227 -24.16 -46.99 -26.14
C THR C 227 -23.31 -45.75 -26.39
N PHE C 228 -23.09 -44.91 -25.38
CA PHE C 228 -22.22 -43.77 -25.56
C PHE C 228 -20.76 -44.13 -25.34
N LEU C 229 -20.54 -45.04 -24.42
CA LEU C 229 -19.21 -45.46 -24.07
C LEU C 229 -18.54 -46.33 -25.13
N LYS C 230 -19.38 -47.02 -25.91
CA LYS C 230 -18.97 -47.84 -27.05
C LYS C 230 -17.80 -47.23 -27.85
N CYS C 231 -17.98 -46.03 -28.37
CA CYS C 231 -16.98 -45.43 -29.25
C CYS C 231 -16.16 -44.34 -28.55
N GLY C 232 -16.42 -44.13 -27.26
CA GLY C 232 -15.75 -43.07 -26.50
C GLY C 232 -14.57 -43.56 -25.70
N ALA C 233 -14.70 -44.78 -25.17
CA ALA C 233 -13.70 -45.38 -24.28
C ALA C 233 -12.53 -45.92 -25.09
N LEU C 234 -11.30 -45.71 -24.61
CA LEU C 234 -10.08 -46.26 -25.26
C LEU C 234 -9.18 -46.86 -24.20
N GLN C 235 -8.50 -47.98 -24.50
CA GLN C 235 -7.55 -48.53 -23.50
C GLN C 235 -6.42 -47.54 -23.26
N GLY C 236 -5.99 -47.43 -21.99
CA GLY C 236 -4.95 -46.51 -21.63
C GLY C 236 -5.46 -45.10 -21.37
N LEU C 237 -6.71 -44.83 -21.74
CA LEU C 237 -7.37 -43.59 -21.27
C LEU C 237 -8.45 -43.90 -20.22
N TYR C 238 -8.30 -43.37 -19.01
CA TYR C 238 -9.29 -43.64 -17.98
C TYR C 238 -10.73 -43.19 -18.35
N THR C 239 -11.69 -44.10 -18.23
CA THR C 239 -13.07 -43.83 -18.65
C THR C 239 -13.94 -43.21 -17.54
N THR C 240 -14.46 -42.00 -17.81
CA THR C 240 -15.36 -41.35 -16.88
C THR C 240 -16.67 -41.07 -17.59
N VAL C 241 -17.71 -40.72 -16.82
CA VAL C 241 -19.04 -40.45 -17.37
C VAL C 241 -19.53 -39.06 -16.95
N ASP C 242 -20.55 -38.55 -17.62
CA ASP C 242 -21.23 -37.37 -17.13
C ASP C 242 -22.73 -37.67 -17.04
N PHE C 243 -23.40 -36.92 -16.17
CA PHE C 243 -24.83 -37.05 -15.92
C PHE C 243 -25.28 -35.98 -14.94
N GLY C 244 -26.57 -35.64 -15.00
CA GLY C 244 -27.12 -34.57 -14.21
C GLY C 244 -28.19 -35.09 -13.28
N THR C 245 -29.06 -34.20 -12.82
CA THR C 245 -29.93 -34.52 -11.69
C THR C 245 -31.08 -35.48 -12.01
N GLY C 246 -31.37 -35.67 -13.30
CA GLY C 246 -32.45 -36.55 -13.68
C GLY C 246 -32.03 -38.02 -13.71
N SER C 247 -30.74 -38.33 -13.59
CA SER C 247 -30.32 -39.70 -13.85
C SER C 247 -30.27 -40.49 -12.55
N ASN C 248 -30.46 -41.79 -12.69
CA ASN C 248 -30.23 -42.72 -11.60
C ASN C 248 -28.74 -42.80 -11.36
N ILE C 249 -28.27 -42.41 -10.19
CA ILE C 249 -26.82 -42.35 -9.90
C ILE C 249 -26.13 -43.72 -9.85
N THR C 250 -26.73 -44.71 -9.18
CA THR C 250 -26.18 -46.07 -9.18
C THR C 250 -25.97 -46.60 -10.59
N ASP C 251 -26.98 -46.42 -11.42
CA ASP C 251 -26.94 -46.86 -12.80
C ASP C 251 -25.82 -46.20 -13.59
N ALA C 252 -25.72 -44.88 -13.47
CA ALA C 252 -24.70 -44.12 -14.18
C ALA C 252 -23.30 -44.68 -13.83
N PHE C 253 -23.05 -44.88 -12.54
CA PHE C 253 -21.75 -45.37 -12.10
C PHE C 253 -21.55 -46.84 -12.42
N LEU C 254 -22.63 -47.63 -12.46
CA LEU C 254 -22.47 -49.02 -12.95
C LEU C 254 -21.97 -48.98 -14.41
N SER C 255 -22.46 -48.03 -15.21
CA SER C 255 -22.00 -47.92 -16.57
C SER C 255 -20.51 -47.60 -16.66
N GLN C 256 -20.00 -46.73 -15.80
CA GLN C 256 -18.54 -46.46 -15.73
C GLN C 256 -17.77 -47.72 -15.31
N ARG C 257 -18.30 -48.42 -14.33
CA ARG C 257 -17.68 -49.63 -13.77
C ARG C 257 -17.49 -50.74 -14.79
N LYS C 258 -18.39 -50.82 -15.77
CA LYS C 258 -18.23 -51.78 -16.87
C LYS C 258 -16.99 -51.48 -17.69
N CYS C 259 -16.62 -50.20 -17.83
CA CYS C 259 -15.38 -49.84 -18.54
C CYS C 259 -14.17 -49.82 -17.61
N GLU C 260 -14.35 -49.42 -16.37
CA GLU C 260 -13.24 -49.34 -15.43
C GLU C 260 -13.65 -50.08 -14.18
N PRO C 261 -13.33 -51.39 -14.08
CA PRO C 261 -13.77 -52.12 -12.88
C PRO C 261 -13.05 -51.69 -11.61
N LYS C 262 -11.87 -51.08 -11.73
CA LYS C 262 -11.19 -50.46 -10.56
C LYS C 262 -10.79 -49.03 -10.86
N GLY C 263 -10.54 -48.26 -9.80
CA GLY C 263 -10.20 -46.85 -9.90
C GLY C 263 -11.34 -45.98 -9.43
N PRO C 264 -11.15 -44.65 -9.41
CA PRO C 264 -12.14 -43.73 -8.86
C PRO C 264 -13.44 -43.65 -9.68
N LEU C 265 -14.57 -43.55 -8.98
CA LEU C 265 -15.81 -43.14 -9.64
C LEU C 265 -15.65 -41.65 -9.96
N ILE C 266 -16.08 -41.23 -11.16
CA ILE C 266 -15.93 -39.84 -11.55
C ILE C 266 -17.10 -39.43 -12.41
N ASN C 267 -17.79 -38.38 -11.98
CA ASN C 267 -18.72 -37.67 -12.81
C ASN C 267 -18.07 -36.35 -13.25
N SER C 268 -17.59 -36.30 -14.50
CA SER C 268 -16.84 -35.17 -15.03
C SER C 268 -17.69 -33.94 -15.38
N GLU C 269 -18.98 -34.17 -15.68
CA GLU C 269 -19.96 -33.09 -15.83
C GLU C 269 -21.29 -33.36 -15.11
N PHE C 270 -21.36 -32.94 -13.86
CA PHE C 270 -22.60 -33.02 -13.10
C PHE C 270 -23.34 -31.66 -13.27
N TYR C 271 -24.46 -31.70 -14.01
CA TYR C 271 -25.12 -30.49 -14.53
C TYR C 271 -25.83 -29.74 -13.42
N THR C 272 -25.37 -28.51 -13.17
CA THR C 272 -25.98 -27.65 -12.16
C THR C 272 -27.15 -26.89 -12.77
N GLY C 273 -27.27 -26.96 -14.09
CA GLY C 273 -28.31 -26.24 -14.82
C GLY C 273 -28.31 -26.84 -16.20
N TRP C 274 -28.49 -26.02 -17.22
CA TRP C 274 -28.52 -26.49 -18.61
C TRP C 274 -28.48 -25.31 -19.57
N LEU C 275 -28.21 -25.59 -20.84
CA LEU C 275 -28.11 -24.57 -21.87
C LEU C 275 -29.46 -24.02 -22.30
N ASP C 276 -29.42 -22.85 -22.96
CA ASP C 276 -30.56 -22.19 -23.55
C ASP C 276 -30.45 -22.17 -25.10
N HIS C 277 -31.58 -21.94 -25.78
CA HIS C 277 -31.60 -21.52 -27.20
C HIS C 277 -32.47 -20.29 -27.33
N TRP C 278 -32.12 -19.38 -28.23
CA TRP C 278 -33.02 -18.26 -28.49
C TRP C 278 -34.42 -18.82 -28.79
N GLY C 279 -35.46 -18.17 -28.29
CA GLY C 279 -36.84 -18.57 -28.59
C GLY C 279 -37.37 -19.76 -27.78
N GLN C 280 -36.52 -20.35 -26.94
CA GLN C 280 -36.94 -21.39 -26.01
C GLN C 280 -36.91 -20.86 -24.58
N PRO C 281 -37.72 -21.46 -23.69
CA PRO C 281 -37.70 -20.91 -22.34
C PRO C 281 -36.35 -21.16 -21.67
N HIS C 282 -35.91 -20.21 -20.85
CA HIS C 282 -34.69 -20.32 -20.06
C HIS C 282 -34.65 -21.59 -19.19
N SER C 283 -33.54 -22.34 -19.24
CA SER C 283 -33.45 -23.60 -18.50
C SER C 283 -33.08 -23.31 -17.05
N THR C 284 -33.66 -24.06 -16.11
CA THR C 284 -33.30 -23.91 -14.72
C THR C 284 -33.34 -25.32 -14.13
N ILE C 285 -32.52 -25.57 -13.11
CA ILE C 285 -32.62 -26.81 -12.34
C ILE C 285 -32.77 -26.39 -10.88
N LYS C 286 -33.68 -27.05 -10.17
CA LYS C 286 -33.87 -26.75 -8.75
C LYS C 286 -32.65 -27.02 -7.86
N THR C 287 -32.37 -26.03 -7.03
CA THR C 287 -31.33 -26.12 -6.00
C THR C 287 -31.35 -27.42 -5.21
N GLU C 288 -32.52 -27.78 -4.70
CA GLU C 288 -32.69 -29.05 -3.95
C GLU C 288 -32.19 -30.25 -4.76
N ALA C 289 -32.57 -30.29 -6.04
CA ALA C 289 -32.17 -31.40 -6.94
C ALA C 289 -30.67 -31.47 -7.05
N VAL C 290 -30.04 -30.33 -7.26
CA VAL C 290 -28.56 -30.26 -7.35
C VAL C 290 -27.90 -30.70 -6.04
N ALA C 291 -28.36 -30.13 -4.89
CA ALA C 291 -27.78 -30.45 -3.59
C ALA C 291 -27.98 -31.94 -3.26
N SER C 292 -29.17 -32.44 -3.50
CA SER C 292 -29.47 -33.85 -3.24
C SER C 292 -28.51 -34.78 -4.01
N SER C 293 -28.38 -34.57 -5.31
CA SER C 293 -27.50 -35.43 -6.12
C SER C 293 -26.05 -35.22 -5.79
N LEU C 294 -25.67 -33.96 -5.51
CA LEU C 294 -24.28 -33.69 -5.17
C LEU C 294 -23.95 -34.51 -3.93
N TYR C 295 -24.82 -34.41 -2.92
CA TYR C 295 -24.58 -35.15 -1.68
C TYR C 295 -24.40 -36.66 -1.93
N ASP C 296 -25.29 -37.21 -2.72
CA ASP C 296 -25.30 -38.64 -3.01
C ASP C 296 -24.00 -39.06 -3.74
N ILE C 297 -23.54 -38.23 -4.68
CA ILE C 297 -22.29 -38.53 -5.40
C ILE C 297 -21.10 -38.54 -4.46
N LEU C 298 -21.00 -37.51 -3.63
CA LEU C 298 -19.86 -37.38 -2.68
C LEU C 298 -19.82 -38.51 -1.66
N ALA C 299 -21.00 -38.93 -1.17
CA ALA C 299 -21.08 -40.02 -0.15
C ALA C 299 -20.57 -41.35 -0.74
N ARG C 300 -20.61 -41.50 -2.07
CA ARG C 300 -20.10 -42.74 -2.71
C ARG C 300 -18.58 -42.70 -2.85
N GLY C 301 -17.95 -41.60 -2.41
CA GLY C 301 -16.50 -41.46 -2.55
C GLY C 301 -16.06 -41.07 -3.95
N ALA C 302 -17.00 -40.74 -4.84
CA ALA C 302 -16.66 -40.32 -6.21
C ALA C 302 -16.01 -38.93 -6.27
N SER C 303 -15.15 -38.73 -7.28
CA SER C 303 -14.76 -37.36 -7.70
C SER C 303 -15.80 -36.79 -8.61
N VAL C 304 -15.99 -35.46 -8.56
CA VAL C 304 -17.09 -34.82 -9.25
C VAL C 304 -16.71 -33.42 -9.69
N ASN C 305 -17.15 -33.08 -10.89
CA ASN C 305 -17.09 -31.73 -11.34
C ASN C 305 -18.47 -31.20 -11.66
N LEU C 306 -18.76 -30.00 -11.13
CA LEU C 306 -20.01 -29.33 -11.30
C LEU C 306 -19.96 -28.51 -12.58
N TYR C 307 -20.81 -28.86 -13.55
CA TYR C 307 -20.86 -28.18 -14.86
C TYR C 307 -22.18 -27.42 -14.99
N MET C 308 -22.23 -26.09 -15.04
CA MET C 308 -21.12 -25.13 -14.84
C MET C 308 -21.15 -24.66 -13.40
N PHE C 309 -20.02 -24.19 -12.87
CA PHE C 309 -20.07 -23.51 -11.60
C PHE C 309 -20.30 -21.98 -11.78
N ILE C 310 -19.50 -21.35 -12.64
CA ILE C 310 -19.91 -20.07 -13.24
C ILE C 310 -19.94 -20.32 -14.74
N GLY C 311 -21.02 -19.89 -15.41
CA GLY C 311 -21.08 -20.04 -16.87
C GLY C 311 -20.56 -18.80 -17.58
N GLY C 312 -20.99 -17.62 -17.15
CA GLY C 312 -20.54 -16.41 -17.82
C GLY C 312 -21.23 -16.05 -19.13
N THR C 313 -20.44 -15.66 -20.12
CA THR C 313 -20.94 -14.99 -21.31
C THR C 313 -20.21 -15.43 -22.58
N ASN C 314 -20.96 -15.64 -23.66
CA ASN C 314 -20.45 -15.75 -25.01
C ASN C 314 -20.41 -14.35 -25.59
N PHE C 315 -19.29 -13.64 -25.37
CA PHE C 315 -19.05 -12.35 -25.97
C PHE C 315 -18.86 -12.50 -27.49
N ALA C 316 -18.96 -11.39 -28.22
CA ALA C 316 -18.75 -11.38 -29.67
C ALA C 316 -19.58 -12.47 -30.41
N TYR C 317 -18.95 -13.36 -31.16
CA TYR C 317 -19.67 -14.38 -31.91
C TYR C 317 -19.35 -15.78 -31.36
N TRP C 318 -19.00 -15.89 -30.08
CA TRP C 318 -18.53 -17.18 -29.61
C TRP C 318 -19.55 -18.28 -29.33
N ASN C 319 -20.83 -17.91 -29.26
CA ASN C 319 -21.90 -18.88 -29.04
C ASN C 319 -21.88 -20.03 -30.07
N GLY C 320 -22.44 -21.19 -29.66
CA GLY C 320 -22.62 -22.31 -30.58
C GLY C 320 -24.07 -22.44 -31.01
N ALA C 321 -24.47 -23.67 -31.32
CA ALA C 321 -25.81 -23.96 -31.79
C ALA C 321 -26.01 -25.48 -31.84
N ASN C 322 -27.27 -25.91 -31.83
CA ASN C 322 -27.61 -27.31 -32.05
C ASN C 322 -28.40 -27.56 -33.32
N SER C 323 -28.42 -28.83 -33.74
CA SER C 323 -29.14 -29.28 -34.92
C SER C 323 -30.39 -29.99 -34.41
N PRO C 324 -31.57 -29.79 -35.06
CA PRO C 324 -31.82 -28.86 -36.18
C PRO C 324 -31.60 -27.41 -35.76
N TYR C 325 -31.05 -26.60 -36.66
CA TYR C 325 -30.39 -25.34 -36.33
C TYR C 325 -31.10 -24.49 -35.30
N ALA C 326 -30.50 -24.36 -34.12
CA ALA C 326 -31.00 -23.48 -33.05
C ALA C 326 -29.77 -22.94 -32.30
N ALA C 327 -29.62 -21.63 -32.29
CA ALA C 327 -28.47 -20.99 -31.69
C ALA C 327 -28.67 -20.81 -30.18
N GLN C 328 -27.61 -21.02 -29.43
CA GLN C 328 -27.58 -20.65 -28.03
C GLN C 328 -27.40 -19.12 -27.92
N PRO C 329 -27.97 -18.51 -26.88
CA PRO C 329 -27.90 -17.05 -26.78
C PRO C 329 -26.56 -16.52 -26.25
N THR C 330 -26.45 -15.19 -26.17
CA THR C 330 -25.27 -14.51 -25.63
C THR C 330 -24.97 -14.91 -24.17
N SER C 331 -25.97 -14.85 -23.30
CA SER C 331 -25.75 -15.25 -21.91
C SER C 331 -25.43 -16.75 -21.77
N TYR C 332 -24.40 -17.09 -21.00
CA TYR C 332 -24.20 -18.51 -20.62
C TYR C 332 -24.41 -18.64 -19.13
N ASP C 333 -25.45 -17.99 -18.60
CA ASP C 333 -25.69 -17.98 -17.14
C ASP C 333 -25.89 -19.42 -16.62
N TYR C 334 -26.56 -20.25 -17.43
CA TYR C 334 -26.71 -21.68 -17.14
C TYR C 334 -27.58 -22.05 -15.95
N ASP C 335 -28.10 -21.06 -15.23
CA ASP C 335 -28.68 -21.29 -13.92
C ASP C 335 -27.65 -21.86 -12.92
N ALA C 336 -26.38 -21.49 -13.14
CA ALA C 336 -25.24 -21.94 -12.33
C ALA C 336 -25.25 -21.34 -10.90
N PRO C 337 -24.54 -21.99 -9.97
CA PRO C 337 -24.33 -21.48 -8.61
C PRO C 337 -23.83 -20.03 -8.58
N LEU C 338 -22.91 -19.70 -9.49
CA LEU C 338 -22.50 -18.29 -9.67
C LEU C 338 -23.19 -17.77 -10.90
N SER C 339 -23.94 -16.69 -10.73
CA SER C 339 -24.71 -16.11 -11.84
C SER C 339 -23.75 -15.61 -12.95
N GLU C 340 -24.29 -15.25 -14.12
CA GLU C 340 -23.47 -14.71 -15.21
C GLU C 340 -22.44 -13.63 -14.76
N ALA C 341 -22.88 -12.69 -13.91
CA ALA C 341 -22.05 -11.54 -13.51
C ALA C 341 -21.28 -11.90 -12.24
N GLY C 342 -21.34 -13.18 -11.90
CA GLY C 342 -20.61 -13.68 -10.77
C GLY C 342 -21.32 -13.65 -9.44
N ASP C 343 -22.65 -13.46 -9.41
CA ASP C 343 -23.28 -13.31 -8.12
C ASP C 343 -23.38 -14.58 -7.30
N LEU C 344 -23.33 -14.41 -5.96
CA LEU C 344 -23.61 -15.50 -5.01
C LEU C 344 -25.12 -15.74 -5.08
N THR C 345 -25.53 -16.97 -5.33
CA THR C 345 -26.95 -17.23 -5.39
C THR C 345 -27.28 -18.18 -4.24
N GLU C 346 -28.56 -18.46 -4.03
CA GLU C 346 -28.90 -19.48 -3.06
C GLU C 346 -28.44 -20.89 -3.46
N LYS C 347 -28.38 -21.18 -4.76
CA LYS C 347 -27.76 -22.42 -5.22
C LYS C 347 -26.29 -22.50 -4.74
N TYR C 348 -25.54 -21.39 -4.86
CA TYR C 348 -24.18 -21.32 -4.34
C TYR C 348 -24.11 -21.69 -2.85
N PHE C 349 -24.92 -21.03 -2.03
CA PHE C 349 -24.84 -21.28 -0.59
C PHE C 349 -25.27 -22.71 -0.27
N ALA C 350 -26.27 -23.23 -0.98
CA ALA C 350 -26.72 -24.59 -0.74
C ALA C 350 -25.64 -25.63 -1.04
N LEU C 351 -24.85 -25.44 -2.11
CA LEU C 351 -23.84 -26.42 -2.50
C LEU C 351 -22.67 -26.36 -1.59
N ARG C 352 -22.29 -25.15 -1.19
CA ARG C 352 -21.28 -24.96 -0.15
C ARG C 352 -21.67 -25.74 1.13
N ASN C 353 -22.94 -25.64 1.53
CA ASN C 353 -23.40 -26.31 2.75
C ASN C 353 -23.30 -27.85 2.61
N ILE C 354 -23.49 -28.37 1.40
CA ILE C 354 -23.26 -29.81 1.12
C ILE C 354 -21.78 -30.17 1.19
N ILE C 355 -20.92 -29.38 0.59
CA ILE C 355 -19.50 -29.70 0.56
C ILE C 355 -18.97 -29.70 1.99
N GLN C 356 -19.46 -28.78 2.81
CA GLN C 356 -19.09 -28.66 4.22
C GLN C 356 -19.31 -29.93 5.01
N LYS C 357 -20.19 -30.80 4.57
CA LYS C 357 -20.40 -32.05 5.28
C LYS C 357 -19.31 -33.08 5.01
N PHE C 358 -18.46 -32.77 4.05
CA PHE C 358 -17.50 -33.75 3.61
C PHE C 358 -16.09 -33.29 3.90
N GLU C 359 -15.91 -31.96 3.92
CA GLU C 359 -14.66 -31.34 4.36
C GLU C 359 -14.83 -29.89 4.70
N LYS C 360 -14.00 -29.42 5.62
CA LYS C 360 -13.99 -28.02 6.03
C LYS C 360 -13.71 -27.13 4.82
N VAL C 361 -14.39 -26.00 4.76
CA VAL C 361 -14.25 -25.06 3.66
C VAL C 361 -13.54 -23.84 4.25
N PRO C 362 -12.90 -23.02 3.43
CA PRO C 362 -12.07 -21.94 3.99
C PRO C 362 -12.85 -20.96 4.89
N GLU C 363 -12.16 -20.37 5.86
CA GLU C 363 -12.77 -19.34 6.73
C GLU C 363 -12.66 -17.93 6.16
N GLY C 364 -13.45 -17.01 6.70
CA GLY C 364 -13.46 -15.61 6.24
C GLY C 364 -14.76 -15.33 5.51
N PRO C 365 -15.13 -14.05 5.35
CA PRO C 365 -16.28 -13.75 4.50
C PRO C 365 -15.94 -14.03 3.02
N ILE C 366 -16.95 -14.32 2.22
CA ILE C 366 -16.80 -14.53 0.80
C ILE C 366 -16.79 -13.17 0.06
N PRO C 367 -15.93 -13.02 -0.99
CA PRO C 367 -16.03 -11.77 -1.74
C PRO C 367 -17.46 -11.57 -2.23
N PRO C 368 -17.94 -10.31 -2.26
CA PRO C 368 -19.38 -10.16 -2.54
C PRO C 368 -19.76 -10.26 -4.02
N SER C 369 -21.04 -10.36 -4.28
CA SER C 369 -21.58 -10.07 -5.60
C SER C 369 -21.19 -8.64 -5.93
N THR C 370 -20.87 -8.37 -7.17
CA THR C 370 -20.41 -7.01 -7.49
C THR C 370 -21.58 -6.04 -7.46
N PRO C 371 -21.32 -4.75 -7.10
CA PRO C 371 -22.43 -3.82 -7.21
C PRO C 371 -22.78 -3.58 -8.67
N LYS C 372 -24.04 -3.26 -8.94
CA LYS C 372 -24.53 -3.02 -10.29
C LYS C 372 -25.19 -1.66 -10.29
N PHE C 373 -25.12 -0.93 -11.37
CA PHE C 373 -25.63 0.41 -11.41
C PHE C 373 -26.43 0.62 -12.68
N ALA C 374 -27.59 1.23 -12.54
CA ALA C 374 -28.43 1.58 -13.65
C ALA C 374 -27.97 2.93 -14.20
N TYR C 375 -27.19 2.95 -15.29
CA TYR C 375 -26.80 4.24 -15.89
C TYR C 375 -28.01 4.93 -16.54
N GLY C 376 -29.14 4.22 -16.69
CA GLY C 376 -30.32 4.77 -17.31
C GLY C 376 -30.30 4.81 -18.82
N LYS C 377 -31.10 5.70 -19.40
CA LYS C 377 -31.34 5.78 -20.84
C LYS C 377 -30.24 6.49 -21.59
N VAL C 378 -29.70 5.86 -22.64
CA VAL C 378 -28.72 6.54 -23.47
C VAL C 378 -29.21 6.61 -24.89
N THR C 379 -29.32 7.84 -25.41
CA THR C 379 -29.87 8.01 -26.74
C THR C 379 -28.84 7.72 -27.85
N LEU C 380 -29.28 7.10 -28.93
CA LEU C 380 -28.40 6.86 -30.04
C LEU C 380 -28.93 7.61 -31.24
N GLU C 381 -28.09 7.79 -32.26
CA GLU C 381 -28.60 8.21 -33.57
C GLU C 381 -27.95 7.41 -34.68
N LYS C 382 -28.68 7.26 -35.78
CA LYS C 382 -28.23 6.46 -36.91
C LYS C 382 -26.96 7.08 -37.42
N LEU C 383 -25.96 6.24 -37.64
CA LEU C 383 -24.68 6.71 -38.13
C LEU C 383 -24.63 6.47 -39.65
N LYS C 384 -24.80 5.21 -40.04
CA LYS C 384 -24.71 4.79 -41.43
C LYS C 384 -25.34 3.43 -41.55
N THR C 385 -26.07 3.20 -42.66
CA THR C 385 -26.57 1.86 -42.97
C THR C 385 -25.39 0.96 -43.32
N VAL C 386 -25.57 -0.36 -43.27
CA VAL C 386 -24.48 -1.23 -43.72
C VAL C 386 -24.10 -0.90 -45.15
N GLY C 387 -25.11 -0.80 -46.01
CA GLY C 387 -24.93 -0.45 -47.43
C GLY C 387 -24.09 0.79 -47.69
N ALA C 388 -24.29 1.84 -46.91
CA ALA C 388 -23.52 3.09 -47.10
C ALA C 388 -22.11 3.02 -46.49
N ALA C 389 -21.81 1.93 -45.80
CA ALA C 389 -20.51 1.78 -45.16
C ALA C 389 -19.61 0.71 -45.82
N LEU C 390 -19.91 0.34 -47.06
CA LEU C 390 -19.08 -0.69 -47.69
C LEU C 390 -17.59 -0.35 -47.83
N ASP C 391 -17.26 0.93 -47.91
CA ASP C 391 -15.88 1.40 -48.04
C ASP C 391 -15.07 1.10 -46.80
N ILE C 392 -15.63 1.42 -45.63
CA ILE C 392 -14.91 1.13 -44.39
C ILE C 392 -14.96 -0.38 -43.99
N LEU C 393 -16.08 -1.03 -44.26
CA LEU C 393 -16.31 -2.41 -43.86
C LEU C 393 -15.56 -3.40 -44.73
N CYS C 394 -15.31 -3.00 -45.98
CA CYS C 394 -14.66 -3.85 -46.97
C CYS C 394 -13.62 -3.03 -47.74
N PRO C 395 -12.51 -2.66 -47.08
CA PRO C 395 -11.52 -1.83 -47.73
C PRO C 395 -10.81 -2.50 -48.93
N SER C 396 -10.73 -3.83 -48.96
CA SER C 396 -10.15 -4.55 -50.09
C SER C 396 -10.95 -4.48 -51.38
N GLY C 397 -12.22 -4.08 -51.31
CA GLY C 397 -13.11 -4.26 -52.45
C GLY C 397 -13.66 -5.70 -52.47
N PRO C 398 -14.82 -5.89 -53.11
CA PRO C 398 -15.59 -7.16 -53.14
C PRO C 398 -15.00 -8.30 -53.96
N ILE C 399 -15.52 -9.50 -53.76
CA ILE C 399 -15.23 -10.68 -54.59
C ILE C 399 -16.37 -10.89 -55.59
N LYS C 400 -16.04 -10.98 -56.86
CA LYS C 400 -17.04 -11.28 -57.91
C LYS C 400 -17.06 -12.78 -58.14
N SER C 401 -18.25 -13.36 -58.23
CA SER C 401 -18.35 -14.77 -58.50
C SER C 401 -19.68 -14.97 -59.17
N LEU C 402 -19.76 -15.98 -60.02
CA LEU C 402 -20.94 -16.23 -60.84
C LEU C 402 -22.05 -16.81 -59.98
N TYR C 403 -21.69 -17.78 -59.15
CA TYR C 403 -22.59 -18.30 -58.13
C TYR C 403 -22.12 -17.88 -56.72
N PRO C 404 -22.99 -17.96 -55.69
CA PRO C 404 -22.61 -17.56 -54.33
C PRO C 404 -21.47 -18.38 -53.76
N LEU C 405 -20.59 -17.72 -53.01
CA LEU C 405 -19.52 -18.35 -52.24
C LEU C 405 -19.83 -18.34 -50.72
N THR C 406 -19.29 -19.30 -49.98
CA THR C 406 -19.45 -19.34 -48.53
C THR C 406 -18.56 -18.33 -47.77
N PHE C 407 -18.88 -18.12 -46.48
CA PHE C 407 -18.00 -17.35 -45.58
C PHE C 407 -16.55 -17.80 -45.70
N ILE C 408 -16.32 -19.12 -45.54
CA ILE C 408 -14.98 -19.72 -45.59
C ILE C 408 -14.32 -19.38 -46.90
N GLN C 409 -15.06 -19.47 -48.01
CA GLN C 409 -14.51 -19.21 -49.33
C GLN C 409 -14.07 -17.76 -49.50
N VAL C 410 -14.72 -16.83 -48.82
CA VAL C 410 -14.27 -15.44 -48.85
C VAL C 410 -13.45 -15.04 -47.62
N LYS C 411 -12.91 -16.01 -46.90
CA LYS C 411 -11.92 -15.72 -45.83
C LYS C 411 -12.52 -14.97 -44.63
N GLN C 412 -13.81 -15.14 -44.41
CA GLN C 412 -14.42 -14.67 -43.19
C GLN C 412 -15.01 -15.80 -42.36
N HIS C 413 -14.86 -15.69 -41.04
CA HIS C 413 -15.32 -16.76 -40.16
C HIS C 413 -16.60 -16.45 -39.39
N TYR C 414 -16.68 -15.22 -38.86
CA TYR C 414 -17.74 -14.79 -37.97
C TYR C 414 -18.39 -13.50 -38.46
N GLY C 415 -19.58 -13.25 -37.96
CA GLY C 415 -20.30 -12.03 -38.28
C GLY C 415 -21.13 -12.15 -39.55
N PHE C 416 -20.87 -11.21 -40.46
CA PHE C 416 -21.80 -10.81 -41.52
C PHE C 416 -21.04 -10.63 -42.82
N VAL C 417 -21.66 -11.09 -43.91
CA VAL C 417 -21.16 -10.95 -45.25
C VAL C 417 -22.35 -10.42 -46.08
N LEU C 418 -22.09 -9.45 -46.95
CA LEU C 418 -23.15 -8.92 -47.83
C LEU C 418 -23.06 -9.59 -49.19
N TYR C 419 -24.17 -10.13 -49.67
CA TYR C 419 -24.21 -10.70 -51.01
C TYR C 419 -25.04 -9.78 -51.90
N ARG C 420 -24.45 -9.27 -52.98
CA ARG C 420 -25.15 -8.33 -53.86
C ARG C 420 -25.28 -8.87 -55.29
N THR C 421 -26.44 -8.62 -55.88
CA THR C 421 -26.66 -8.87 -57.30
C THR C 421 -27.60 -7.77 -57.88
N THR C 422 -27.99 -7.90 -59.14
CA THR C 422 -29.01 -7.01 -59.73
C THR C 422 -30.16 -7.87 -60.22
N LEU C 423 -31.39 -7.34 -60.13
CA LEU C 423 -32.59 -8.02 -60.62
C LEU C 423 -32.57 -8.26 -62.16
N PRO C 424 -32.57 -9.55 -62.59
CA PRO C 424 -32.50 -9.82 -64.03
C PRO C 424 -33.79 -9.43 -64.75
N GLN C 425 -34.92 -9.50 -64.06
CA GLN C 425 -36.24 -9.19 -64.61
C GLN C 425 -36.96 -8.12 -63.78
N ASP C 426 -38.02 -7.55 -64.32
CA ASP C 426 -38.84 -6.62 -63.57
C ASP C 426 -39.79 -7.37 -62.64
N CYS C 427 -39.88 -6.95 -61.38
CA CYS C 427 -40.74 -7.60 -60.37
C CYS C 427 -41.76 -6.64 -59.75
N SER C 428 -42.54 -5.93 -60.58
CA SER C 428 -43.55 -5.02 -60.06
C SER C 428 -44.63 -5.78 -59.30
N ASN C 429 -44.82 -7.05 -59.67
CA ASN C 429 -45.58 -7.96 -58.85
C ASN C 429 -44.62 -8.77 -57.96
N PRO C 430 -45.08 -9.15 -56.75
CA PRO C 430 -44.31 -10.01 -55.86
C PRO C 430 -43.74 -11.25 -56.58
N ALA C 431 -42.42 -11.25 -56.78
CA ALA C 431 -41.68 -12.42 -57.27
C ALA C 431 -41.05 -13.21 -56.09
N PRO C 432 -41.19 -14.55 -56.08
CA PRO C 432 -40.56 -15.35 -55.01
C PRO C 432 -39.03 -15.42 -55.13
N LEU C 433 -38.34 -14.98 -54.08
CA LEU C 433 -36.90 -15.20 -53.90
C LEU C 433 -36.78 -16.36 -52.93
N SER C 434 -36.03 -17.38 -53.32
CA SER C 434 -36.04 -18.62 -52.55
C SER C 434 -34.66 -19.30 -52.46
N SER C 435 -34.44 -20.06 -51.38
CA SER C 435 -33.31 -20.96 -51.31
C SER C 435 -33.84 -22.38 -51.37
N PRO C 436 -33.90 -22.95 -52.59
CA PRO C 436 -34.61 -24.22 -52.78
C PRO C 436 -34.08 -25.30 -51.87
N LEU C 437 -32.77 -25.32 -51.66
CA LEU C 437 -32.18 -26.32 -50.76
C LEU C 437 -31.86 -25.77 -49.38
N ASN C 438 -32.55 -24.70 -48.95
CA ASN C 438 -32.42 -24.25 -47.56
C ASN C 438 -30.97 -23.87 -47.23
N GLY C 439 -30.33 -23.11 -48.12
CA GLY C 439 -28.91 -22.76 -48.01
C GLY C 439 -28.58 -21.32 -47.58
N VAL C 440 -29.51 -20.69 -46.85
CA VAL C 440 -29.25 -19.46 -46.11
C VAL C 440 -28.78 -19.80 -44.67
N HIS C 441 -27.46 -19.77 -44.49
CA HIS C 441 -26.83 -20.13 -43.25
C HIS C 441 -26.22 -18.89 -42.64
N ASP C 442 -26.93 -18.23 -41.72
CA ASP C 442 -28.16 -18.74 -41.08
C ASP C 442 -29.40 -17.85 -41.17
N ARG C 443 -29.20 -16.58 -41.53
CA ARG C 443 -30.28 -15.63 -41.60
C ARG C 443 -29.84 -14.55 -42.55
N ALA C 444 -30.77 -14.02 -43.34
CA ALA C 444 -30.41 -13.04 -44.37
C ALA C 444 -31.43 -11.92 -44.36
N TYR C 445 -30.93 -10.69 -44.31
CA TYR C 445 -31.75 -9.48 -44.24
C TYR C 445 -31.70 -8.88 -45.63
N VAL C 446 -32.87 -8.90 -46.28
CA VAL C 446 -32.98 -8.68 -47.73
C VAL C 446 -33.45 -7.25 -48.01
N ALA C 447 -32.80 -6.60 -48.96
CA ALA C 447 -33.22 -5.27 -49.42
C ALA C 447 -33.22 -5.23 -50.94
N VAL C 448 -34.04 -4.37 -51.53
CA VAL C 448 -34.02 -4.13 -52.97
C VAL C 448 -34.02 -2.61 -53.23
N ASP C 449 -33.00 -2.13 -53.94
CA ASP C 449 -32.75 -0.69 -54.06
C ASP C 449 -33.10 0.02 -52.76
N GLY C 450 -32.47 -0.41 -51.67
CA GLY C 450 -32.56 0.27 -50.39
C GLY C 450 -33.89 0.14 -49.65
N ILE C 451 -34.83 -0.64 -50.20
CA ILE C 451 -36.11 -0.92 -49.55
C ILE C 451 -36.06 -2.32 -48.90
N PRO C 452 -36.14 -2.38 -47.56
CA PRO C 452 -36.11 -3.68 -46.87
C PRO C 452 -37.26 -4.59 -47.34
N GLN C 453 -36.96 -5.87 -47.58
CA GLN C 453 -37.99 -6.81 -48.07
C GLN C 453 -38.40 -7.81 -47.00
N GLY C 454 -37.60 -7.96 -45.95
CA GLY C 454 -37.83 -8.98 -44.92
C GLY C 454 -36.64 -9.89 -44.70
N VAL C 455 -36.93 -11.12 -44.27
CA VAL C 455 -35.92 -12.02 -43.73
C VAL C 455 -36.03 -13.45 -44.28
N LEU C 456 -34.92 -14.04 -44.70
CA LEU C 456 -34.92 -15.48 -44.94
C LEU C 456 -34.24 -16.15 -43.75
N GLU C 457 -34.73 -17.33 -43.33
CA GLU C 457 -34.21 -18.00 -42.13
C GLU C 457 -33.93 -19.50 -42.32
N ARG C 458 -32.74 -19.94 -41.91
CA ARG C 458 -32.36 -21.35 -41.97
C ARG C 458 -33.43 -22.23 -41.36
N ASN C 459 -33.84 -23.27 -42.09
CA ASN C 459 -34.86 -24.22 -41.61
C ASN C 459 -36.24 -23.62 -41.36
N ASN C 460 -36.46 -22.37 -41.74
CA ASN C 460 -37.68 -21.73 -41.29
C ASN C 460 -38.45 -20.97 -42.36
N VAL C 461 -37.75 -20.14 -43.13
CA VAL C 461 -38.35 -19.31 -44.14
C VAL C 461 -37.36 -19.35 -45.28
N ILE C 462 -37.69 -20.09 -46.33
CA ILE C 462 -36.80 -20.26 -47.47
C ILE C 462 -37.27 -19.53 -48.74
N THR C 463 -38.49 -18.96 -48.67
CA THR C 463 -39.01 -18.12 -49.73
C THR C 463 -39.48 -16.76 -49.23
N LEU C 464 -39.17 -15.72 -49.98
CA LEU C 464 -39.60 -14.39 -49.66
C LEU C 464 -39.99 -13.63 -50.92
N ASN C 465 -41.22 -13.12 -50.96
CA ASN C 465 -41.68 -12.24 -52.04
C ASN C 465 -40.94 -10.92 -52.05
N ILE C 466 -40.47 -10.49 -53.21
CA ILE C 466 -39.77 -9.22 -53.32
C ILE C 466 -40.29 -8.41 -54.50
N THR C 467 -40.20 -7.08 -54.43
CA THR C 467 -40.58 -6.24 -55.57
C THR C 467 -39.52 -5.20 -55.85
N GLY C 468 -39.41 -4.80 -57.11
CA GLY C 468 -38.43 -3.80 -57.57
C GLY C 468 -38.30 -3.82 -59.09
N LYS C 469 -37.73 -2.75 -59.65
CA LYS C 469 -37.57 -2.66 -61.11
C LYS C 469 -36.44 -3.58 -61.54
N ALA C 470 -36.44 -3.96 -62.82
CA ALA C 470 -35.33 -4.73 -63.41
C ALA C 470 -34.08 -3.88 -63.30
N GLY C 471 -32.96 -4.51 -62.96
CA GLY C 471 -31.74 -3.74 -62.81
C GLY C 471 -31.46 -3.30 -61.39
N ALA C 472 -32.52 -3.18 -60.58
CA ALA C 472 -32.43 -2.89 -59.13
C ALA C 472 -31.40 -3.77 -58.41
N THR C 473 -30.75 -3.20 -57.40
CA THR C 473 -29.77 -3.93 -56.60
C THR C 473 -30.46 -4.78 -55.55
N LEU C 474 -30.16 -6.09 -55.56
CA LEU C 474 -30.63 -7.01 -54.55
C LEU C 474 -29.49 -7.27 -53.56
N ASP C 475 -29.71 -6.92 -52.29
CA ASP C 475 -28.73 -7.19 -51.21
C ASP C 475 -29.24 -8.23 -50.22
N LEU C 476 -28.41 -9.23 -49.94
CA LEU C 476 -28.67 -10.14 -48.83
C LEU C 476 -27.52 -10.01 -47.82
N LEU C 477 -27.79 -9.37 -46.67
CA LEU C 477 -26.86 -9.37 -45.52
C LEU C 477 -27.03 -10.68 -44.75
N VAL C 478 -26.04 -11.56 -44.82
CA VAL C 478 -26.16 -12.84 -44.17
C VAL C 478 -25.31 -12.93 -42.91
N GLU C 479 -25.92 -13.42 -41.82
CA GLU C 479 -25.30 -13.54 -40.52
C GLU C 479 -24.95 -15.00 -40.20
N ASN C 480 -23.69 -15.23 -39.82
CA ASN C 480 -23.32 -16.45 -39.12
C ASN C 480 -23.85 -16.38 -37.68
N MET C 481 -24.92 -17.12 -37.40
CA MET C 481 -25.48 -17.16 -36.05
C MET C 481 -24.79 -18.09 -35.03
N GLY C 482 -23.75 -18.80 -35.46
CA GLY C 482 -22.98 -19.63 -34.56
C GLY C 482 -22.92 -21.03 -35.17
N ARG C 483 -21.70 -21.50 -35.38
CA ARG C 483 -21.49 -22.84 -35.93
C ARG C 483 -21.93 -23.90 -34.93
N VAL C 484 -22.80 -24.80 -35.38
CA VAL C 484 -23.23 -25.99 -34.62
C VAL C 484 -22.05 -26.64 -33.88
N ASN C 485 -22.26 -27.00 -32.62
CA ASN C 485 -21.14 -27.49 -31.81
C ASN C 485 -21.27 -28.95 -31.34
N TYR C 486 -22.32 -29.62 -31.81
CA TYR C 486 -22.59 -30.99 -31.34
C TYR C 486 -23.27 -31.81 -32.41
N GLY C 487 -22.92 -33.09 -32.49
CA GLY C 487 -23.61 -33.96 -33.46
C GLY C 487 -22.91 -33.93 -34.81
N ALA C 488 -23.51 -34.58 -35.81
CA ALA C 488 -22.84 -34.84 -37.08
C ALA C 488 -22.52 -33.59 -37.90
N TYR C 489 -23.32 -32.54 -37.73
CA TYR C 489 -23.29 -31.40 -38.65
C TYR C 489 -22.50 -30.21 -38.12
N ILE C 490 -21.39 -30.53 -37.44
CA ILE C 490 -20.43 -29.51 -36.96
C ILE C 490 -19.61 -28.87 -38.09
N ASN C 491 -19.57 -29.50 -39.27
CA ASN C 491 -18.95 -28.89 -40.44
C ASN C 491 -19.89 -27.87 -41.07
N ASP C 492 -20.15 -26.82 -40.31
CA ASP C 492 -21.21 -25.87 -40.60
C ASP C 492 -20.61 -24.70 -41.36
N PHE C 493 -20.67 -24.74 -42.70
CA PHE C 493 -20.30 -23.58 -43.51
C PHE C 493 -21.46 -22.61 -43.41
N LYS C 494 -21.11 -21.36 -43.55
CA LYS C 494 -22.07 -20.31 -43.34
C LYS C 494 -22.08 -19.45 -44.59
N GLY C 495 -23.13 -18.65 -44.73
CA GLY C 495 -23.33 -17.77 -45.87
C GLY C 495 -24.38 -18.34 -46.79
N LEU C 496 -24.30 -17.97 -48.07
CA LEU C 496 -25.15 -18.59 -49.08
C LEU C 496 -24.37 -19.82 -49.52
N VAL C 497 -24.77 -20.98 -49.01
CA VAL C 497 -24.04 -22.24 -49.26
C VAL C 497 -24.64 -23.02 -50.42
N SER C 498 -25.78 -22.55 -50.93
CA SER C 498 -26.34 -23.02 -52.21
C SER C 498 -27.10 -21.86 -52.88
N ASN C 499 -27.55 -22.08 -54.13
CA ASN C 499 -28.07 -21.01 -54.97
C ASN C 499 -29.36 -20.38 -54.48
N LEU C 500 -29.57 -19.14 -54.92
CA LEU C 500 -30.88 -18.53 -54.79
C LEU C 500 -31.58 -18.54 -56.15
N THR C 501 -32.89 -18.72 -56.16
CA THR C 501 -33.61 -18.61 -57.41
C THR C 501 -34.55 -17.41 -57.34
N LEU C 502 -34.62 -16.65 -58.42
CA LEU C 502 -35.68 -15.64 -58.56
C LEU C 502 -36.71 -16.11 -59.59
N SER C 503 -37.97 -16.20 -59.15
CA SER C 503 -39.08 -16.76 -59.93
C SER C 503 -38.73 -18.16 -60.48
N SER C 504 -38.01 -18.94 -59.69
CA SER C 504 -37.47 -20.25 -60.06
C SER C 504 -36.22 -20.25 -60.96
N ASN C 505 -35.73 -19.07 -61.35
CA ASN C 505 -34.48 -18.97 -62.09
C ASN C 505 -33.29 -18.69 -61.16
N ILE C 506 -32.25 -19.52 -61.23
CA ILE C 506 -31.02 -19.34 -60.49
C ILE C 506 -30.41 -17.98 -60.76
N LEU C 507 -30.18 -17.20 -59.69
CA LEU C 507 -29.58 -15.89 -59.80
C LEU C 507 -28.06 -16.02 -59.87
N THR C 508 -27.46 -15.26 -60.77
CA THR C 508 -26.04 -15.36 -61.01
C THR C 508 -25.41 -13.98 -60.99
N ASP C 509 -24.08 -13.94 -60.90
CA ASP C 509 -23.33 -12.70 -60.96
C ASP C 509 -23.41 -11.91 -59.65
N TRP C 510 -22.71 -12.44 -58.65
CA TRP C 510 -22.75 -11.92 -57.30
C TRP C 510 -21.57 -11.03 -57.03
N THR C 511 -21.80 -9.97 -56.26
CA THR C 511 -20.72 -9.12 -55.75
C THR C 511 -20.70 -9.35 -54.24
N ILE C 512 -19.68 -10.04 -53.74
CA ILE C 512 -19.66 -10.50 -52.34
C ILE C 512 -18.73 -9.63 -51.49
N PHE C 513 -19.28 -8.99 -50.46
CA PHE C 513 -18.47 -8.12 -49.57
C PHE C 513 -18.29 -8.77 -48.20
N PRO C 514 -17.08 -9.33 -47.91
CA PRO C 514 -16.79 -9.68 -46.51
C PRO C 514 -16.79 -8.38 -45.65
N LEU C 515 -17.40 -8.43 -44.47
CA LEU C 515 -17.57 -7.19 -43.67
C LEU C 515 -16.68 -7.17 -42.43
N ASP C 516 -15.78 -6.20 -42.33
CA ASP C 516 -14.89 -6.06 -41.14
C ASP C 516 -15.54 -5.18 -40.07
N THR C 517 -16.63 -5.68 -39.50
CA THR C 517 -17.42 -4.96 -38.50
C THR C 517 -16.56 -4.62 -37.26
N GLU C 518 -15.70 -5.53 -36.84
CA GLU C 518 -14.90 -5.30 -35.61
C GLU C 518 -14.00 -4.07 -35.77
N ASP C 519 -13.23 -4.03 -36.86
CA ASP C 519 -12.43 -2.84 -37.26
C ASP C 519 -13.23 -1.57 -37.47
N ALA C 520 -14.35 -1.68 -38.21
CA ALA C 520 -15.13 -0.50 -38.57
C ALA C 520 -15.76 0.09 -37.32
N VAL C 521 -16.27 -0.76 -36.43
CA VAL C 521 -16.77 -0.26 -35.14
C VAL C 521 -15.69 0.38 -34.26
N ARG C 522 -14.49 -0.21 -34.27
CA ARG C 522 -13.44 0.36 -33.45
C ARG C 522 -13.06 1.72 -33.96
N SER C 523 -13.08 1.91 -35.28
CA SER C 523 -12.74 3.18 -35.89
C SER C 523 -13.96 4.11 -35.98
N HIS C 524 -15.02 3.81 -35.22
CA HIS C 524 -16.30 4.53 -35.31
C HIS C 524 -16.68 4.72 -36.77
N LEU C 525 -16.79 3.61 -37.49
CA LEU C 525 -17.24 3.60 -38.89
C LEU C 525 -16.57 4.64 -39.79
N GLY C 526 -15.25 4.72 -39.69
CA GLY C 526 -14.43 5.50 -40.60
C GLY C 526 -13.99 6.82 -40.02
N GLY C 527 -14.89 7.47 -39.27
CA GLY C 527 -14.68 8.80 -38.71
C GLY C 527 -13.51 8.91 -37.74
N TRP C 528 -13.18 7.82 -37.08
CA TRP C 528 -12.10 7.79 -36.09
C TRP C 528 -10.95 6.87 -36.55
N GLY C 529 -10.71 6.82 -37.85
CA GLY C 529 -9.68 5.94 -38.40
C GLY C 529 -9.81 5.77 -39.90
N ASN C 546 -42.95 -5.13 -40.53
CA ASN C 546 -42.21 -3.97 -41.03
C ASN C 546 -40.74 -3.97 -40.61
N TYR C 547 -39.86 -3.49 -41.50
CA TYR C 547 -38.41 -3.55 -41.31
C TYR C 547 -37.74 -2.24 -41.65
N THR C 548 -36.49 -2.09 -41.22
CA THR C 548 -35.61 -0.99 -41.62
C THR C 548 -34.30 -1.59 -42.12
N LEU C 549 -33.55 -0.81 -42.90
CA LEU C 549 -32.26 -1.29 -43.36
C LEU C 549 -31.30 -1.50 -42.21
N PRO C 550 -30.54 -2.61 -42.24
CA PRO C 550 -29.45 -2.91 -41.32
C PRO C 550 -28.54 -1.68 -41.21
N ALA C 551 -28.39 -1.17 -39.98
CA ALA C 551 -27.70 0.08 -39.78
C ALA C 551 -27.02 0.15 -38.42
N PHE C 552 -25.90 0.88 -38.38
CA PHE C 552 -25.19 1.22 -37.17
C PHE C 552 -25.75 2.47 -36.53
N TYR C 553 -26.04 2.37 -35.23
CA TYR C 553 -26.53 3.48 -34.41
C TYR C 553 -25.57 3.72 -33.27
N MET C 554 -25.32 5.00 -32.96
CA MET C 554 -24.25 5.38 -32.06
C MET C 554 -24.66 6.42 -31.06
N GLY C 555 -24.11 6.28 -29.86
CA GLY C 555 -24.40 7.20 -28.77
C GLY C 555 -23.33 7.08 -27.70
N ASN C 556 -23.34 8.01 -26.77
CA ASN C 556 -22.31 7.98 -25.72
C ASN C 556 -22.83 8.45 -24.39
N PHE C 557 -22.14 8.06 -23.33
CA PHE C 557 -22.51 8.48 -22.00
C PHE C 557 -21.21 8.60 -21.21
N SER C 558 -21.15 9.60 -20.33
CA SER C 558 -19.99 9.82 -19.45
C SER C 558 -20.17 9.26 -18.03
N ILE C 559 -19.09 8.95 -17.35
CA ILE C 559 -19.12 8.47 -15.97
C ILE C 559 -18.11 9.32 -15.24
N PRO C 560 -18.49 9.92 -14.08
CA PRO C 560 -17.57 10.85 -13.40
C PRO C 560 -16.34 10.15 -12.87
N SER C 561 -15.19 10.83 -13.00
CA SER C 561 -13.95 10.34 -12.40
C SER C 561 -13.97 10.67 -10.91
N GLY C 562 -13.03 10.08 -10.17
CA GLY C 562 -12.88 10.44 -8.78
C GLY C 562 -13.97 9.95 -7.87
N ILE C 563 -14.81 9.04 -8.36
CA ILE C 563 -15.84 8.39 -7.54
C ILE C 563 -15.41 6.93 -7.25
N PRO C 564 -15.11 6.60 -5.99
CA PRO C 564 -14.47 5.32 -5.74
C PRO C 564 -15.26 4.07 -6.13
N ASP C 565 -16.58 4.17 -6.15
CA ASP C 565 -17.37 3.03 -6.54
C ASP C 565 -17.98 3.15 -7.96
N LEU C 566 -17.34 3.92 -8.85
CA LEU C 566 -17.74 4.00 -10.27
C LEU C 566 -16.46 3.97 -11.14
N PRO C 567 -16.49 3.25 -12.31
CA PRO C 567 -17.72 2.62 -12.87
C PRO C 567 -18.15 1.36 -12.16
N GLN C 568 -19.40 1.00 -12.38
CA GLN C 568 -19.93 -0.30 -11.96
C GLN C 568 -20.40 -1.14 -13.14
N ASP C 569 -20.44 -2.47 -12.92
CA ASP C 569 -21.09 -3.40 -13.81
C ASP C 569 -22.54 -2.97 -14.04
N THR C 570 -23.11 -3.38 -15.17
CA THR C 570 -24.48 -2.99 -15.52
C THR C 570 -25.05 -3.99 -16.51
N PHE C 571 -26.30 -3.80 -16.85
CA PHE C 571 -26.96 -4.67 -17.86
C PHE C 571 -27.65 -3.79 -18.90
N ILE C 572 -27.36 -4.04 -20.18
CA ILE C 572 -27.90 -3.21 -21.25
C ILE C 572 -29.15 -3.89 -21.82
N GLN C 573 -30.20 -3.10 -21.99
CA GLN C 573 -31.49 -3.60 -22.51
C GLN C 573 -31.91 -2.78 -23.75
N PHE C 574 -32.70 -3.40 -24.64
CA PHE C 574 -33.01 -2.80 -25.94
C PHE C 574 -34.52 -2.70 -26.23
N PRO C 575 -35.28 -2.03 -25.36
CA PRO C 575 -36.72 -1.94 -25.63
C PRO C 575 -37.00 -1.26 -26.99
N GLY C 576 -37.88 -1.86 -27.80
CA GLY C 576 -38.23 -1.34 -29.14
C GLY C 576 -37.30 -1.72 -30.29
N TRP C 577 -36.13 -2.26 -29.96
CA TRP C 577 -35.16 -2.80 -30.93
C TRP C 577 -35.57 -4.25 -31.24
N THR C 578 -34.89 -4.91 -32.17
CA THR C 578 -35.40 -6.24 -32.63
C THR C 578 -34.32 -7.30 -32.56
N LYS C 579 -33.26 -7.10 -33.33
CA LYS C 579 -32.17 -8.04 -33.41
C LYS C 579 -30.96 -7.29 -33.87
N GLY C 580 -29.85 -7.50 -33.17
CA GLY C 580 -28.56 -7.08 -33.68
C GLY C 580 -27.40 -7.40 -32.77
N GLN C 581 -26.33 -6.63 -32.92
CA GLN C 581 -25.05 -6.80 -32.24
C GLN C 581 -24.76 -5.47 -31.55
N VAL C 582 -24.03 -5.50 -30.42
CA VAL C 582 -23.79 -4.32 -29.61
C VAL C 582 -22.32 -4.24 -29.15
N TRP C 583 -21.71 -3.10 -29.34
CA TRP C 583 -20.36 -2.86 -28.82
C TRP C 583 -20.41 -1.69 -27.84
N ILE C 584 -19.49 -1.66 -26.87
CA ILE C 584 -19.33 -0.47 -26.02
C ILE C 584 -17.85 -0.27 -26.01
N ASN C 585 -17.43 0.93 -26.38
CA ASN C 585 -16.03 1.28 -26.55
C ASN C 585 -15.27 0.27 -27.43
N GLY C 586 -15.90 -0.21 -28.49
CA GLY C 586 -15.26 -1.19 -29.34
C GLY C 586 -15.22 -2.62 -28.85
N PHE C 587 -15.66 -2.92 -27.64
CA PHE C 587 -15.72 -4.33 -27.15
C PHE C 587 -17.09 -4.94 -27.54
N ASN C 588 -17.04 -6.06 -28.27
CA ASN C 588 -18.26 -6.67 -28.80
C ASN C 588 -18.82 -7.52 -27.68
N LEU C 589 -19.92 -7.07 -27.08
CA LEU C 589 -20.57 -7.72 -25.94
C LEU C 589 -21.52 -8.85 -26.36
N GLY C 590 -21.76 -8.96 -27.66
CA GLY C 590 -22.59 -10.07 -28.17
C GLY C 590 -23.86 -9.64 -28.85
N ARG C 591 -24.80 -10.59 -28.93
CA ARG C 591 -26.02 -10.45 -29.73
C ARG C 591 -27.21 -10.19 -28.86
N TYR C 592 -28.09 -9.27 -29.27
CA TYR C 592 -29.33 -9.04 -28.57
C TYR C 592 -30.49 -9.47 -29.46
N TRP C 593 -31.53 -10.01 -28.83
CA TRP C 593 -32.70 -10.44 -29.60
C TRP C 593 -33.94 -10.38 -28.73
N PRO C 594 -34.34 -9.16 -28.34
CA PRO C 594 -35.54 -9.05 -27.49
C PRO C 594 -36.79 -9.55 -28.21
N ALA C 595 -36.80 -9.50 -29.54
CA ALA C 595 -37.95 -10.08 -30.29
C ALA C 595 -38.19 -11.57 -30.00
N ARG C 596 -37.14 -12.33 -29.66
CA ARG C 596 -37.32 -13.76 -29.40
C ARG C 596 -37.13 -14.18 -27.95
N GLY C 597 -36.17 -13.58 -27.25
CA GLY C 597 -35.90 -13.99 -25.87
C GLY C 597 -35.32 -15.42 -25.85
N PRO C 598 -35.16 -16.02 -24.67
CA PRO C 598 -35.58 -15.52 -23.36
C PRO C 598 -34.72 -14.41 -22.81
N GLN C 599 -33.52 -14.24 -23.37
CA GLN C 599 -32.59 -13.23 -22.88
C GLN C 599 -32.95 -11.82 -23.36
N LEU C 600 -33.12 -10.89 -22.43
CA LEU C 600 -33.40 -9.49 -22.78
C LEU C 600 -32.17 -8.62 -22.58
N THR C 601 -31.51 -8.77 -21.43
CA THR C 601 -30.38 -7.91 -21.08
C THR C 601 -29.09 -8.61 -21.43
N LEU C 602 -28.08 -7.82 -21.76
CA LEU C 602 -26.73 -8.32 -21.92
C LEU C 602 -25.83 -7.72 -20.83
N PHE C 603 -24.99 -8.58 -20.26
CA PHE C 603 -24.05 -8.21 -19.19
C PHE C 603 -22.98 -7.23 -19.70
N VAL C 604 -22.72 -6.15 -18.96
CA VAL C 604 -21.64 -5.19 -19.27
C VAL C 604 -20.61 -5.12 -18.13
N PRO C 605 -19.41 -5.74 -18.35
CA PRO C 605 -18.45 -5.70 -17.26
C PRO C 605 -17.82 -4.30 -17.15
N GLN C 606 -17.69 -3.85 -15.90
CA GLN C 606 -17.21 -2.52 -15.46
C GLN C 606 -15.89 -2.05 -16.11
N HIS C 607 -14.98 -2.98 -16.35
CA HIS C 607 -13.62 -2.58 -16.69
C HIS C 607 -13.50 -2.03 -18.08
N ILE C 608 -14.46 -2.30 -18.95
CA ILE C 608 -14.37 -1.72 -20.28
C ILE C 608 -14.96 -0.27 -20.28
N LEU C 609 -15.49 0.18 -19.14
CA LEU C 609 -16.10 1.51 -19.01
C LEU C 609 -15.10 2.54 -18.52
N MET C 610 -15.16 3.73 -19.05
CA MET C 610 -14.14 4.69 -18.70
C MET C 610 -14.69 5.99 -18.13
N THR C 611 -13.80 6.77 -17.48
CA THR C 611 -14.22 7.98 -16.80
C THR C 611 -13.49 9.23 -17.33
N SER C 612 -12.41 9.03 -18.07
CA SER C 612 -11.66 10.17 -18.58
C SER C 612 -12.10 10.57 -19.99
N ALA C 613 -12.94 9.76 -20.62
CA ALA C 613 -13.50 10.09 -21.94
C ALA C 613 -14.91 9.48 -22.05
N PRO C 614 -15.81 10.06 -22.90
CA PRO C 614 -17.15 9.45 -23.04
C PRO C 614 -17.07 8.01 -23.48
N ASN C 615 -18.02 7.21 -23.02
CA ASN C 615 -18.18 5.81 -23.45
C ASN C 615 -19.06 5.75 -24.67
N THR C 616 -18.64 5.00 -25.68
CA THR C 616 -19.38 4.91 -26.92
C THR C 616 -20.12 3.58 -27.09
N ILE C 617 -21.44 3.68 -27.29
CA ILE C 617 -22.27 2.54 -27.60
C ILE C 617 -22.48 2.50 -29.11
N THR C 618 -22.24 1.33 -29.72
CA THR C 618 -22.58 1.10 -31.13
C THR C 618 -23.50 -0.11 -31.18
N VAL C 619 -24.63 0.08 -31.83
CA VAL C 619 -25.60 -0.98 -32.02
C VAL C 619 -25.70 -1.20 -33.52
N LEU C 620 -25.65 -2.46 -33.94
CA LEU C 620 -25.94 -2.84 -35.33
C LEU C 620 -27.32 -3.53 -35.37
N GLU C 621 -28.34 -2.80 -35.80
CA GLU C 621 -29.71 -3.30 -35.82
C GLU C 621 -30.00 -3.83 -37.20
N LEU C 622 -30.45 -5.09 -37.22
CA LEU C 622 -30.55 -5.90 -38.43
C LEU C 622 -31.95 -5.92 -39.05
N GLU C 623 -32.99 -5.69 -38.25
CA GLU C 623 -34.37 -5.92 -38.69
C GLU C 623 -35.27 -4.68 -38.59
N TRP C 624 -35.30 -4.05 -37.42
CA TRP C 624 -36.19 -2.92 -37.15
C TRP C 624 -35.71 -2.12 -35.94
N ALA C 625 -35.33 -0.86 -36.19
CA ALA C 625 -34.95 0.08 -35.15
C ALA C 625 -36.08 1.07 -34.80
N PRO C 626 -36.20 1.43 -33.51
CA PRO C 626 -37.22 2.37 -33.01
C PRO C 626 -36.76 3.82 -33.22
N CYS C 627 -36.29 4.13 -34.43
CA CYS C 627 -35.61 5.38 -34.64
C CYS C 627 -36.26 6.27 -35.71
N SER C 628 -37.53 6.00 -36.02
CA SER C 628 -38.17 6.73 -37.12
C SER C 628 -39.07 7.89 -36.73
N SER C 629 -39.49 7.93 -35.47
CA SER C 629 -40.34 9.02 -35.01
C SER C 629 -39.45 10.23 -34.75
N ASP C 630 -40.04 11.33 -34.28
CA ASP C 630 -39.27 12.49 -33.86
C ASP C 630 -39.05 12.52 -32.37
N ASP C 631 -39.40 11.42 -31.68
CA ASP C 631 -39.14 11.31 -30.26
C ASP C 631 -37.74 10.70 -30.09
N PRO C 632 -36.75 11.56 -29.79
CA PRO C 632 -35.38 11.04 -29.65
C PRO C 632 -35.25 9.99 -28.54
N GLU C 633 -36.15 10.05 -27.54
CA GLU C 633 -36.15 9.13 -26.40
C GLU C 633 -36.47 7.69 -26.78
N LEU C 634 -36.98 7.48 -27.98
CA LEU C 634 -37.27 6.13 -28.43
C LEU C 634 -36.05 5.48 -29.05
N CYS C 635 -35.22 6.28 -29.73
CA CYS C 635 -34.01 5.74 -30.34
C CYS C 635 -32.91 5.74 -29.27
N ALA C 636 -32.99 4.70 -28.43
CA ALA C 636 -32.21 4.66 -27.20
C ALA C 636 -32.10 3.23 -26.63
N VAL C 637 -31.07 3.02 -25.82
CA VAL C 637 -30.91 1.81 -25.02
C VAL C 637 -30.92 2.25 -23.53
N THR C 638 -31.06 1.27 -22.63
CA THR C 638 -31.29 1.51 -21.21
C THR C 638 -30.42 0.54 -20.43
N PHE C 639 -29.66 1.11 -19.49
CA PHE C 639 -28.86 0.34 -18.57
C PHE C 639 -29.56 0.18 -17.24
N VAL C 640 -29.69 -1.09 -16.82
CA VAL C 640 -30.39 -1.44 -15.61
C VAL C 640 -29.50 -2.21 -14.66
N ASP C 641 -29.93 -2.36 -13.41
CA ASP C 641 -29.06 -2.99 -12.43
C ASP C 641 -29.41 -4.44 -12.13
N ARG C 642 -30.32 -5.01 -12.92
CA ARG C 642 -30.72 -6.41 -12.76
C ARG C 642 -30.83 -7.11 -14.10
N PRO C 643 -30.30 -8.33 -14.22
CA PRO C 643 -30.41 -9.07 -15.49
C PRO C 643 -31.85 -9.57 -15.76
N VAL C 644 -32.29 -9.60 -17.03
CA VAL C 644 -33.51 -10.31 -17.45
C VAL C 644 -33.06 -11.36 -18.48
N ILE C 645 -32.80 -12.57 -18.02
CA ILE C 645 -32.39 -13.63 -18.95
C ILE C 645 -33.40 -14.80 -19.02
N GLY C 646 -34.54 -14.61 -18.35
CA GLY C 646 -35.58 -15.62 -18.27
C GLY C 646 -36.95 -15.08 -18.61
N SER C 647 -37.02 -14.22 -19.62
CA SER C 647 -38.28 -13.77 -20.16
C SER C 647 -39.07 -14.89 -20.86
N SER C 648 -40.40 -14.81 -20.81
CA SER C 648 -41.26 -15.86 -21.37
C SER C 648 -41.05 -16.12 -22.87
N GLN D 30 -6.58 -35.43 9.55
CA GLN D 30 -5.88 -35.14 8.27
C GLN D 30 -4.34 -35.26 8.38
N ARG D 31 -3.66 -34.18 8.82
CA ARG D 31 -2.19 -34.14 8.82
C ARG D 31 -1.52 -35.11 9.77
N MET D 32 -0.44 -35.72 9.33
CA MET D 32 0.29 -36.73 10.10
C MET D 32 1.80 -36.49 10.07
N PHE D 33 2.44 -36.71 11.20
CA PHE D 33 3.88 -36.71 11.27
C PHE D 33 4.29 -37.81 12.23
N GLU D 34 5.22 -38.65 11.81
CA GLU D 34 5.51 -39.84 12.58
C GLU D 34 6.88 -40.41 12.22
N ILE D 35 7.42 -41.24 13.10
CA ILE D 35 8.62 -42.01 12.78
C ILE D 35 8.22 -43.26 12.02
N ASP D 36 8.82 -43.50 10.86
CA ASP D 36 8.73 -44.83 10.21
C ASP D 36 9.96 -45.68 10.42
N TYR D 37 9.77 -46.76 11.16
CA TYR D 37 10.87 -47.65 11.53
C TYR D 37 11.36 -48.55 10.38
N SER D 38 10.54 -48.70 9.35
CA SER D 38 10.92 -49.42 8.13
C SER D 38 11.98 -48.67 7.35
N ARG D 39 11.72 -47.42 7.00
CA ARG D 39 12.65 -46.68 6.14
C ARG D 39 13.65 -45.90 6.95
N ASP D 40 13.63 -46.10 8.27
CA ASP D 40 14.50 -45.33 9.13
C ASP D 40 14.37 -43.84 8.82
N SER D 41 13.13 -43.36 8.71
CA SER D 41 12.92 -41.92 8.64
C SER D 41 11.57 -41.52 9.19
N PHE D 42 11.30 -40.22 9.08
CA PHE D 42 10.00 -39.64 9.33
C PHE D 42 9.09 -39.85 8.11
N LEU D 43 7.78 -39.83 8.35
CA LEU D 43 6.78 -39.73 7.30
C LEU D 43 6.00 -38.46 7.66
N LYS D 44 5.99 -37.52 6.73
CA LYS D 44 5.16 -36.37 6.87
C LYS D 44 4.02 -36.58 5.87
N ASP D 45 2.79 -36.64 6.38
CA ASP D 45 1.62 -37.00 5.58
C ASP D 45 1.84 -38.28 4.74
N GLY D 46 2.41 -39.32 5.35
CA GLY D 46 2.66 -40.59 4.64
C GLY D 46 3.85 -40.64 3.70
N GLN D 47 4.54 -39.52 3.48
CA GLN D 47 5.74 -39.49 2.63
C GLN D 47 7.05 -39.34 3.41
N PRO D 48 8.14 -39.96 2.91
CA PRO D 48 9.47 -39.81 3.49
C PRO D 48 9.79 -38.33 3.70
N PHE D 49 10.26 -38.00 4.90
CA PHE D 49 10.64 -36.63 5.17
C PHE D 49 11.95 -36.61 5.97
N ARG D 50 12.80 -35.65 5.63
CA ARG D 50 14.01 -35.40 6.38
C ARG D 50 14.11 -33.90 6.68
N TYR D 51 14.32 -33.54 7.94
CA TYR D 51 14.47 -32.11 8.22
C TYR D 51 15.90 -31.64 8.20
N ILE D 52 16.08 -30.42 7.71
CA ILE D 52 17.32 -29.72 7.76
C ILE D 52 17.00 -28.41 8.45
N SER D 53 17.44 -28.32 9.70
CA SER D 53 16.98 -27.25 10.60
C SER D 53 18.13 -26.39 11.11
N GLY D 54 17.79 -25.19 11.59
CA GLY D 54 18.77 -24.34 12.26
C GLY D 54 18.09 -23.82 13.54
N SER D 55 18.90 -23.59 14.58
CA SER D 55 18.42 -23.10 15.85
C SER D 55 18.24 -21.59 15.80
N ILE D 56 17.14 -21.10 16.35
CA ILE D 56 17.00 -19.64 16.55
C ILE D 56 16.21 -19.53 17.83
N HIS D 57 16.70 -18.70 18.75
CA HIS D 57 16.04 -18.53 20.02
C HIS D 57 15.31 -17.17 20.01
N TYR D 58 13.97 -17.22 20.11
CA TYR D 58 13.16 -16.02 19.98
C TYR D 58 13.44 -15.10 21.17
N SER D 59 13.88 -15.68 22.28
CA SER D 59 14.25 -14.86 23.46
C SER D 59 15.53 -14.04 23.31
N ARG D 60 16.33 -14.32 22.27
CA ARG D 60 17.63 -13.64 21.96
C ARG D 60 17.62 -12.71 20.72
N VAL D 61 16.47 -12.56 20.06
CA VAL D 61 16.32 -11.71 18.88
C VAL D 61 15.09 -10.89 19.18
N PRO D 62 15.17 -9.54 19.04
CA PRO D 62 13.95 -8.75 19.23
C PRO D 62 12.89 -9.20 18.23
N ARG D 63 11.63 -9.22 18.65
CA ARG D 63 10.53 -9.56 17.77
C ARG D 63 10.52 -8.74 16.49
N PHE D 64 10.91 -7.47 16.60
CA PHE D 64 11.05 -6.57 15.44
C PHE D 64 11.80 -7.27 14.30
N TYR D 65 12.77 -8.10 14.65
CA TYR D 65 13.59 -8.81 13.67
C TYR D 65 13.25 -10.31 13.51
N TRP D 66 12.18 -10.81 14.14
CA TRP D 66 11.88 -12.25 13.99
C TRP D 66 11.67 -12.66 12.52
N LYS D 67 10.83 -11.94 11.79
CA LYS D 67 10.62 -12.26 10.36
C LYS D 67 11.91 -12.16 9.52
N ASP D 68 12.67 -11.08 9.68
CA ASP D 68 13.98 -11.02 9.02
C ASP D 68 14.87 -12.26 9.27
N ARG D 69 15.08 -12.66 10.52
CA ARG D 69 15.96 -13.82 10.73
C ARG D 69 15.37 -15.11 10.15
N LEU D 70 14.07 -15.30 10.34
CA LEU D 70 13.40 -16.52 9.87
C LEU D 70 13.42 -16.62 8.34
N LEU D 71 13.17 -15.49 7.67
CA LEU D 71 13.24 -15.48 6.21
C LEU D 71 14.65 -15.76 5.69
N LYS D 72 15.66 -15.11 6.27
CA LYS D 72 17.05 -15.47 5.91
C LYS D 72 17.31 -16.99 6.11
N MET D 73 16.72 -17.57 7.15
CA MET D 73 16.88 -19.03 7.39
C MET D 73 16.23 -19.85 6.29
N LYS D 74 15.01 -19.46 5.91
CA LYS D 74 14.28 -20.12 4.83
C LYS D 74 15.06 -20.05 3.51
N MET D 75 15.65 -18.90 3.25
CA MET D 75 16.40 -18.67 2.02
C MET D 75 17.68 -19.47 2.01
N ALA D 76 18.14 -19.92 3.18
CA ALA D 76 19.34 -20.78 3.23
C ALA D 76 18.97 -22.21 2.77
N GLY D 77 17.69 -22.52 2.66
CA GLY D 77 17.30 -23.90 2.31
C GLY D 77 16.87 -24.75 3.49
N LEU D 78 16.89 -24.19 4.71
CA LEU D 78 16.27 -24.89 5.86
C LEU D 78 14.76 -25.15 5.65
N ASN D 79 14.29 -26.33 6.02
CA ASN D 79 12.89 -26.64 5.91
C ASN D 79 12.27 -26.64 7.31
N ALA D 80 13.10 -26.39 8.30
CA ALA D 80 12.65 -26.35 9.70
C ALA D 80 13.52 -25.40 10.53
N ILE D 81 12.97 -24.90 11.65
CA ILE D 81 13.76 -24.25 12.71
C ILE D 81 13.57 -25.00 14.02
N GLN D 82 14.53 -24.79 14.94
CA GLN D 82 14.49 -25.41 16.26
C GLN D 82 14.68 -24.28 17.29
N THR D 83 13.92 -24.36 18.39
CA THR D 83 13.99 -23.35 19.42
C THR D 83 13.77 -23.91 20.83
N TYR D 84 14.28 -23.19 21.82
CA TYR D 84 14.07 -23.52 23.23
C TYR D 84 13.00 -22.59 23.78
N VAL D 85 12.21 -23.09 24.72
CA VAL D 85 11.35 -22.24 25.53
C VAL D 85 11.99 -22.04 26.92
N PRO D 86 12.51 -20.83 27.21
CA PRO D 86 13.10 -20.62 28.54
C PRO D 86 12.01 -20.31 29.56
N TRP D 87 11.82 -21.22 30.51
CA TRP D 87 10.71 -21.11 31.48
C TRP D 87 10.79 -19.76 32.22
N ASN D 88 11.98 -19.42 32.68
CA ASN D 88 12.19 -18.21 33.45
C ASN D 88 11.94 -16.91 32.64
N PHE D 89 11.87 -17.02 31.30
CA PHE D 89 11.60 -15.87 30.40
C PHE D 89 10.11 -15.57 30.39
N HIS D 90 9.31 -16.59 30.70
CA HIS D 90 7.86 -16.52 30.64
C HIS D 90 7.20 -16.52 32.00
N GLU D 91 7.84 -17.12 33.00
CA GLU D 91 7.31 -17.12 34.38
C GLU D 91 8.30 -16.57 35.41
N PRO D 92 8.49 -15.24 35.43
CA PRO D 92 9.49 -14.65 36.30
C PRO D 92 9.14 -14.72 37.79
N TRP D 93 7.84 -14.79 38.10
CA TRP D 93 7.34 -15.04 39.45
C TRP D 93 6.24 -16.08 39.37
N PRO D 94 6.04 -16.84 40.45
CA PRO D 94 5.10 -17.93 40.23
C PRO D 94 3.69 -17.41 39.94
N GLY D 95 3.08 -17.91 38.88
CA GLY D 95 1.72 -17.51 38.52
C GLY D 95 1.63 -16.16 37.82
N GLN D 96 2.78 -15.57 37.50
CA GLN D 96 2.87 -14.32 36.75
C GLN D 96 3.56 -14.54 35.38
N TYR D 97 2.76 -14.46 34.31
CA TYR D 97 3.21 -14.90 33.00
C TYR D 97 3.44 -13.76 32.03
N GLN D 98 4.43 -13.95 31.15
CA GLN D 98 4.73 -13.04 30.05
C GLN D 98 4.71 -13.80 28.73
N PHE D 99 3.65 -13.61 27.96
CA PHE D 99 3.56 -14.18 26.60
C PHE D 99 3.26 -13.11 25.53
N SER D 100 3.53 -11.84 25.84
CA SER D 100 3.27 -10.71 24.89
C SER D 100 4.53 -10.18 24.26
N GLU D 101 4.37 -9.52 23.11
CA GLU D 101 5.45 -8.77 22.43
C GLU D 101 6.64 -9.71 22.27
N ASP D 102 7.81 -9.35 22.80
CA ASP D 102 9.06 -10.17 22.62
C ASP D 102 9.01 -11.54 23.31
N HIS D 103 8.00 -11.75 24.15
CA HIS D 103 7.82 -13.01 24.91
C HIS D 103 6.75 -13.83 24.24
N ASP D 104 6.32 -13.40 23.04
CA ASP D 104 5.20 -14.06 22.39
C ASP D 104 5.57 -15.37 21.62
N VAL D 105 5.93 -16.43 22.36
CA VAL D 105 6.32 -17.68 21.71
C VAL D 105 5.28 -18.20 20.71
N GLU D 106 4.00 -18.11 21.05
CA GLU D 106 2.95 -18.54 20.13
C GLU D 106 3.00 -17.83 18.74
N TYR D 107 3.12 -16.52 18.78
CA TYR D 107 3.24 -15.73 17.55
C TYR D 107 4.51 -16.11 16.78
N PHE D 108 5.61 -16.28 17.48
CA PHE D 108 6.84 -16.64 16.82
C PHE D 108 6.68 -17.96 16.02
N LEU D 109 6.03 -18.95 16.61
CA LEU D 109 5.78 -20.23 15.90
C LEU D 109 4.79 -20.12 14.74
N ARG D 110 3.73 -19.34 14.94
CA ARG D 110 2.79 -18.99 13.84
C ARG D 110 3.52 -18.29 12.70
N LEU D 111 4.53 -17.49 13.05
CA LEU D 111 5.31 -16.77 12.03
C LEU D 111 6.20 -17.75 11.25
N ALA D 112 6.83 -18.70 11.95
CA ALA D 112 7.63 -19.72 11.30
C ALA D 112 6.75 -20.50 10.32
N HIS D 113 5.54 -20.84 10.75
CA HIS D 113 4.56 -21.54 9.94
C HIS D 113 4.15 -20.77 8.67
N GLU D 114 3.74 -19.52 8.83
CA GLU D 114 3.43 -18.61 7.69
C GLU D 114 4.48 -18.61 6.60
N LEU D 115 5.75 -18.67 7.00
CA LEU D 115 6.87 -18.66 6.08
C LEU D 115 7.23 -20.06 5.56
N GLY D 116 6.38 -21.04 5.86
CA GLY D 116 6.60 -22.41 5.38
C GLY D 116 7.69 -23.18 6.10
N LEU D 117 7.92 -22.87 7.37
CA LEU D 117 8.96 -23.56 8.13
C LEU D 117 8.27 -24.44 9.16
N LEU D 118 8.72 -25.70 9.29
CA LEU D 118 8.25 -26.59 10.36
C LEU D 118 9.07 -26.28 11.62
N VAL D 119 8.61 -26.71 12.79
CA VAL D 119 9.26 -26.37 14.07
C VAL D 119 9.59 -27.63 14.88
N ILE D 120 10.83 -27.69 15.37
CA ILE D 120 11.21 -28.62 16.39
C ILE D 120 11.27 -27.87 17.71
N LEU D 121 10.35 -28.21 18.62
CA LEU D 121 10.14 -27.46 19.86
C LEU D 121 10.91 -28.06 21.01
N ARG D 122 11.70 -27.23 21.68
CA ARG D 122 12.45 -27.72 22.84
C ARG D 122 12.04 -27.00 24.15
N PRO D 123 10.95 -27.47 24.78
CA PRO D 123 10.33 -26.77 25.91
C PRO D 123 10.95 -27.12 27.29
N GLY D 124 11.99 -27.94 27.31
CA GLY D 124 12.73 -28.11 28.57
C GLY D 124 12.04 -29.07 29.52
N PRO D 125 11.77 -28.65 30.79
CA PRO D 125 11.76 -27.38 31.50
C PRO D 125 13.10 -26.77 31.69
N TYR D 126 14.12 -27.58 31.50
CA TYR D 126 15.51 -27.15 31.59
C TYR D 126 16.04 -27.22 30.17
N ILE D 127 16.78 -26.21 29.76
CA ILE D 127 17.19 -26.07 28.35
C ILE D 127 18.70 -25.92 28.18
N CYS D 128 19.42 -25.64 29.27
CA CYS D 128 20.89 -25.40 29.27
C CYS D 128 21.21 -24.06 28.55
N ALA D 129 21.68 -24.11 27.31
CA ALA D 129 21.55 -23.00 26.36
C ALA D 129 22.36 -21.75 26.65
N GLU D 130 23.38 -21.84 27.52
CA GLU D 130 24.12 -20.63 27.95
C GLU D 130 23.16 -19.54 28.43
N TRP D 131 22.10 -19.96 29.08
CA TRP D 131 21.03 -19.06 29.47
C TRP D 131 20.90 -19.13 30.98
N GLU D 132 20.58 -17.99 31.61
CA GLU D 132 20.48 -17.93 33.06
C GLU D 132 19.80 -19.15 33.68
N MET D 133 20.53 -19.84 34.57
CA MET D 133 20.08 -21.07 35.23
C MET D 133 19.50 -22.14 34.30
N GLY D 134 19.94 -22.21 33.03
CA GLY D 134 19.45 -23.23 32.10
C GLY D 134 17.95 -23.10 31.88
N GLY D 135 17.44 -21.88 32.06
CA GLY D 135 16.01 -21.56 31.92
C GLY D 135 15.13 -21.78 33.15
N LEU D 136 15.69 -22.38 34.20
CA LEU D 136 14.89 -22.66 35.41
C LEU D 136 14.68 -21.37 36.16
N PRO D 137 13.46 -21.16 36.65
CA PRO D 137 13.26 -19.91 37.36
C PRO D 137 13.98 -19.89 38.73
N ALA D 138 14.52 -18.73 39.09
CA ALA D 138 15.29 -18.59 40.33
C ALA D 138 14.40 -18.80 41.57
N TRP D 139 13.11 -18.56 41.43
CA TRP D 139 12.23 -18.72 42.55
C TRP D 139 12.07 -20.18 43.00
N LEU D 140 12.56 -21.15 42.20
CA LEU D 140 12.55 -22.54 42.63
C LEU D 140 13.43 -22.68 43.86
N LEU D 141 14.43 -21.81 43.97
CA LEU D 141 15.44 -21.90 45.03
C LEU D 141 14.98 -21.34 46.38
N GLU D 142 13.72 -20.88 46.47
CA GLU D 142 13.08 -20.56 47.75
C GLU D 142 13.00 -21.79 48.62
N LYS D 143 12.92 -22.98 48.02
CA LYS D 143 13.22 -24.20 48.73
C LYS D 143 14.74 -24.42 48.61
N GLU D 144 15.47 -24.09 49.68
CA GLU D 144 16.91 -24.11 49.59
C GLU D 144 17.49 -25.50 49.29
N SER D 145 16.82 -26.59 49.71
CA SER D 145 17.31 -27.99 49.48
C SER D 145 16.83 -28.62 48.17
N ILE D 146 16.19 -27.83 47.31
CA ILE D 146 15.59 -28.39 46.10
C ILE D 146 16.65 -29.13 45.26
N LEU D 147 16.29 -30.29 44.76
CA LEU D 147 17.11 -31.01 43.81
C LEU D 147 16.46 -30.71 42.44
N LEU D 148 17.03 -29.76 41.70
CA LEU D 148 16.52 -29.43 40.37
C LEU D 148 16.74 -30.61 39.44
N ARG D 149 15.84 -30.80 38.48
CA ARG D 149 16.01 -31.85 37.46
C ARG D 149 15.97 -33.27 38.07
N SER D 150 15.00 -33.47 38.95
CA SER D 150 14.83 -34.76 39.61
C SER D 150 13.36 -34.91 39.93
N SER D 151 13.00 -36.02 40.60
CA SER D 151 11.61 -36.24 41.03
C SER D 151 11.34 -35.61 42.42
N ASP D 152 12.22 -34.71 42.86
CA ASP D 152 11.94 -33.83 43.99
C ASP D 152 10.47 -33.33 43.84
N PRO D 153 9.59 -33.66 44.81
CA PRO D 153 8.17 -33.37 44.69
C PRO D 153 7.84 -31.87 44.47
N ASP D 154 8.61 -30.97 45.08
CA ASP D 154 8.33 -29.54 44.88
C ASP D 154 8.76 -29.06 43.48
N TYR D 155 9.93 -29.52 43.03
CA TYR D 155 10.32 -29.38 41.65
C TYR D 155 9.24 -29.92 40.68
N LEU D 156 8.79 -31.17 40.84
CA LEU D 156 7.74 -31.70 39.96
C LEU D 156 6.45 -30.85 39.96
N ALA D 157 6.03 -30.42 41.14
CA ALA D 157 4.79 -29.66 41.24
C ALA D 157 4.91 -28.31 40.53
N ALA D 158 6.09 -27.69 40.60
CA ALA D 158 6.33 -26.42 39.88
C ALA D 158 6.28 -26.62 38.37
N VAL D 159 7.02 -27.66 37.93
CA VAL D 159 7.08 -28.05 36.53
C VAL D 159 5.71 -28.38 36.02
N ASP D 160 4.93 -29.09 36.82
CA ASP D 160 3.64 -29.52 36.35
C ASP D 160 2.68 -28.34 36.10
N LYS D 161 2.76 -27.33 36.93
CA LYS D 161 1.96 -26.14 36.76
C LYS D 161 2.42 -25.39 35.51
N TRP D 162 3.74 -25.27 35.33
CA TRP D 162 4.26 -24.63 34.13
C TRP D 162 3.82 -25.37 32.87
N LEU D 163 3.91 -26.70 32.86
CA LEU D 163 3.49 -27.45 31.66
C LEU D 163 2.00 -27.25 31.41
N GLY D 164 1.25 -27.08 32.50
CA GLY D 164 -0.19 -26.87 32.39
C GLY D 164 -0.54 -25.52 31.80
N VAL D 165 0.40 -24.56 31.82
CA VAL D 165 0.21 -23.25 31.17
C VAL D 165 0.82 -23.29 29.75
N LEU D 166 2.05 -23.76 29.61
CA LEU D 166 2.70 -23.82 28.29
C LEU D 166 2.12 -24.82 27.26
N LEU D 167 1.96 -26.07 27.64
CA LEU D 167 1.64 -27.11 26.65
C LEU D 167 0.23 -26.98 26.02
N PRO D 168 -0.78 -26.52 26.78
CA PRO D 168 -2.03 -26.27 26.07
C PRO D 168 -1.89 -25.16 25.03
N LYS D 169 -0.98 -24.21 25.22
CA LYS D 169 -0.71 -23.22 24.17
C LYS D 169 -0.03 -23.87 22.95
N MET D 170 0.76 -24.92 23.19
CA MET D 170 1.49 -25.56 22.12
C MET D 170 0.63 -26.54 21.34
N LYS D 171 -0.36 -27.15 22.01
CA LYS D 171 -1.20 -28.18 21.35
C LYS D 171 -1.79 -27.75 19.99
N PRO D 172 -2.45 -26.56 19.92
CA PRO D 172 -2.95 -26.15 18.59
C PRO D 172 -1.85 -25.94 17.53
N LEU D 173 -0.60 -25.81 17.96
CA LEU D 173 0.52 -25.53 17.07
C LEU D 173 1.26 -26.80 16.60
N LEU D 174 0.82 -27.95 17.10
CA LEU D 174 1.32 -29.23 16.60
C LEU D 174 0.94 -29.45 15.12
N TYR D 175 1.82 -30.15 14.38
CA TYR D 175 1.52 -30.44 12.98
C TYR D 175 0.12 -31.08 12.78
N GLN D 176 -0.22 -32.05 13.63
CA GLN D 176 -1.44 -32.83 13.49
C GLN D 176 -2.67 -31.94 13.61
N ASN D 177 -2.53 -30.82 14.29
CA ASN D 177 -3.61 -29.84 14.48
C ASN D 177 -3.43 -28.63 13.59
N GLY D 178 -2.51 -28.71 12.64
CA GLY D 178 -2.38 -27.70 11.59
C GLY D 178 -1.40 -26.59 11.87
N GLY D 179 -0.50 -26.80 12.82
CA GLY D 179 0.58 -25.85 13.09
C GLY D 179 1.91 -26.36 12.57
N PRO D 180 3.02 -25.70 12.98
CA PRO D 180 4.27 -26.18 12.43
C PRO D 180 5.03 -27.22 13.29
N VAL D 181 4.58 -27.53 14.51
CA VAL D 181 5.43 -28.33 15.43
C VAL D 181 5.40 -29.83 15.16
N ILE D 182 6.54 -30.35 14.73
CA ILE D 182 6.63 -31.70 14.24
C ILE D 182 7.19 -32.71 15.23
N THR D 183 8.08 -32.25 16.10
CA THR D 183 8.66 -33.07 17.16
C THR D 183 8.89 -32.14 18.34
N VAL D 184 8.96 -32.74 19.52
CA VAL D 184 9.12 -32.04 20.79
C VAL D 184 10.21 -32.73 21.64
N GLN D 185 11.25 -31.99 22.03
CA GLN D 185 12.27 -32.55 22.95
C GLN D 185 11.80 -32.53 24.43
N VAL D 186 12.00 -33.67 25.09
CA VAL D 186 11.81 -33.80 26.52
C VAL D 186 13.12 -33.56 27.28
N GLU D 187 13.10 -32.58 28.20
CA GLU D 187 14.29 -32.21 28.95
C GLU D 187 15.43 -31.79 27.99
N ASN D 188 16.67 -31.83 28.45
CA ASN D 188 17.85 -31.47 27.62
C ASN D 188 19.17 -32.09 28.13
N GLU D 189 19.72 -33.02 27.35
CA GLU D 189 20.93 -33.78 27.74
C GLU D 189 20.86 -34.26 29.21
N TYR D 190 19.82 -34.96 29.58
CA TYR D 190 19.70 -35.34 30.98
C TYR D 190 20.83 -36.33 31.38
N GLY D 191 21.39 -37.04 30.39
CA GLY D 191 22.53 -37.94 30.59
C GLY D 191 23.78 -37.24 31.06
N SER D 192 23.84 -35.93 30.93
CA SER D 192 24.99 -35.19 31.41
C SER D 192 24.80 -34.71 32.86
N TYR D 193 23.64 -35.00 33.44
CA TYR D 193 23.38 -34.54 34.81
C TYR D 193 23.64 -35.72 35.76
N PHE D 194 24.09 -35.41 36.96
CA PHE D 194 24.41 -36.45 37.94
C PHE D 194 23.18 -37.21 38.45
N ALA D 195 22.00 -36.59 38.53
CA ALA D 195 20.89 -37.23 39.23
C ALA D 195 20.42 -38.60 38.68
N CYS D 196 20.36 -38.74 37.36
CA CYS D 196 19.98 -40.02 36.72
C CYS D 196 18.62 -40.53 37.25
N ASP D 197 17.67 -39.61 37.40
CA ASP D 197 16.37 -39.95 37.97
C ASP D 197 15.34 -40.27 36.85
N PHE D 198 15.15 -41.55 36.57
CA PHE D 198 14.27 -42.00 35.47
C PHE D 198 12.79 -41.74 35.72
N ASP D 199 12.40 -41.66 37.00
CA ASP D 199 11.03 -41.34 37.37
C ASP D 199 10.70 -39.91 36.96
N TYR D 200 11.70 -39.05 37.00
CA TYR D 200 11.58 -37.66 36.53
C TYR D 200 11.30 -37.63 35.02
N LEU D 201 12.05 -38.42 34.25
CA LEU D 201 11.86 -38.48 32.80
C LEU D 201 10.50 -39.08 32.43
N ARG D 202 10.11 -40.14 33.13
CA ARG D 202 8.80 -40.77 32.95
C ARG D 202 7.64 -39.82 33.31
N PHE D 203 7.78 -39.09 34.41
CA PHE D 203 6.78 -38.06 34.73
C PHE D 203 6.60 -37.06 33.57
N LEU D 204 7.72 -36.61 33.00
CA LEU D 204 7.68 -35.62 31.91
C LEU D 204 6.98 -36.18 30.68
N GLN D 205 7.34 -37.41 30.35
CA GLN D 205 6.73 -38.09 29.21
C GLN D 205 5.22 -38.21 29.40
N LYS D 206 4.79 -38.51 30.61
CA LYS D 206 3.38 -38.68 30.92
C LYS D 206 2.64 -37.35 30.79
N ARG D 207 3.24 -36.29 31.34
CA ARG D 207 2.62 -34.97 31.32
C ARG D 207 2.56 -34.38 29.92
N PHE D 208 3.62 -34.63 29.13
CA PHE D 208 3.68 -34.13 27.75
C PHE D 208 2.57 -34.83 26.97
N ARG D 209 2.42 -36.15 27.20
CA ARG D 209 1.39 -36.95 26.53
C ARG D 209 -0.01 -36.52 26.93
N HIS D 210 -0.20 -36.27 28.23
CA HIS D 210 -1.46 -35.74 28.71
C HIS D 210 -1.82 -34.42 28.00
N HIS D 211 -0.86 -33.55 27.78
CA HIS D 211 -1.26 -32.23 27.25
C HIS D 211 -1.22 -32.17 25.74
N LEU D 212 -0.42 -33.01 25.12
CA LEU D 212 -0.19 -32.92 23.67
C LEU D 212 -0.80 -34.09 22.89
N GLY D 213 -1.10 -35.18 23.59
CA GLY D 213 -1.68 -36.35 22.91
C GLY D 213 -0.67 -37.43 22.54
N ASP D 214 -1.16 -38.51 21.95
CA ASP D 214 -0.31 -39.70 21.75
C ASP D 214 0.41 -39.73 20.43
N ASP D 215 0.07 -38.81 19.54
CA ASP D 215 0.67 -38.83 18.21
C ASP D 215 1.98 -38.04 18.14
N VAL D 216 2.10 -36.97 18.89
CA VAL D 216 3.29 -36.11 18.78
C VAL D 216 4.55 -36.93 19.00
N VAL D 217 5.53 -36.77 18.10
CA VAL D 217 6.86 -37.38 18.24
C VAL D 217 7.61 -36.70 19.37
N LEU D 218 7.85 -37.46 20.43
CA LEU D 218 8.67 -36.96 21.54
C LEU D 218 10.05 -37.57 21.47
N PHE D 219 11.07 -36.78 21.76
CA PHE D 219 12.45 -37.22 21.68
C PHE D 219 13.35 -36.66 22.79
N THR D 220 14.54 -37.24 22.95
CA THR D 220 15.55 -36.70 23.86
C THR D 220 16.82 -36.43 23.09
N THR D 221 17.72 -35.64 23.66
CA THR D 221 18.99 -35.37 23.03
C THR D 221 20.11 -35.52 24.06
N ASP D 222 21.18 -36.23 23.69
CA ASP D 222 22.34 -36.45 24.56
C ASP D 222 23.65 -36.47 23.77
N GLY D 223 24.77 -36.28 24.46
CA GLY D 223 26.10 -36.45 23.84
C GLY D 223 26.18 -37.84 23.20
N ALA D 224 26.96 -37.96 22.12
CA ALA D 224 26.97 -39.17 21.27
C ALA D 224 27.97 -40.19 21.78
N HIS D 225 27.67 -40.75 22.95
CA HIS D 225 28.52 -41.74 23.57
C HIS D 225 27.68 -42.47 24.63
N LYS D 226 27.81 -43.79 24.70
CA LYS D 226 27.11 -44.61 25.71
C LYS D 226 27.14 -44.00 27.10
N THR D 227 28.24 -43.37 27.49
CA THR D 227 28.29 -42.86 28.85
C THR D 227 27.27 -41.71 29.02
N PHE D 228 26.96 -40.96 27.94
CA PHE D 228 25.97 -39.88 28.04
C PHE D 228 24.54 -40.38 27.85
N LEU D 229 24.36 -41.40 27.01
CA LEU D 229 23.05 -41.94 26.73
C LEU D 229 22.44 -42.78 27.85
N LYS D 230 23.31 -43.34 28.69
CA LYS D 230 22.94 -44.16 29.86
C LYS D 230 21.79 -43.56 30.65
N CYS D 231 21.99 -42.35 31.17
CA CYS D 231 20.99 -41.71 32.02
C CYS D 231 20.03 -40.78 31.22
N GLY D 232 20.37 -40.53 29.96
CA GLY D 232 19.58 -39.63 29.12
C GLY D 232 18.44 -40.25 28.33
N ALA D 233 18.56 -41.52 27.96
CA ALA D 233 17.57 -42.13 27.09
C ALA D 233 16.47 -42.80 27.89
N LEU D 234 15.27 -42.85 27.31
CA LEU D 234 14.12 -43.48 27.95
C LEU D 234 13.27 -44.18 26.90
N GLN D 235 12.70 -45.32 27.26
CA GLN D 235 11.82 -46.00 26.33
C GLN D 235 10.55 -45.17 26.14
N GLY D 236 10.04 -45.13 24.91
CA GLY D 236 8.88 -44.29 24.60
C GLY D 236 9.30 -42.89 24.15
N LEU D 237 10.55 -42.51 24.38
CA LEU D 237 11.08 -41.24 23.84
C LEU D 237 12.22 -41.50 22.84
N TYR D 238 12.04 -41.09 21.60
CA TYR D 238 13.05 -41.31 20.57
C TYR D 238 14.42 -40.71 20.94
N THR D 239 15.48 -41.53 20.91
CA THR D 239 16.82 -41.08 21.30
C THR D 239 17.61 -40.45 20.15
N THR D 240 17.97 -39.17 20.30
CA THR D 240 18.84 -38.51 19.33
C THR D 240 20.16 -38.12 20.02
N VAL D 241 21.16 -37.85 19.20
CA VAL D 241 22.47 -37.41 19.71
C VAL D 241 22.75 -36.01 19.23
N ASP D 242 23.74 -35.39 19.83
CA ASP D 242 24.30 -34.17 19.31
C ASP D 242 25.80 -34.34 19.23
N PHE D 243 26.42 -33.55 18.35
CA PHE D 243 27.89 -33.53 18.15
C PHE D 243 28.28 -32.46 17.11
N GLY D 244 29.53 -32.00 17.19
CA GLY D 244 30.05 -30.95 16.34
C GLY D 244 31.11 -31.41 15.34
N THR D 245 31.89 -30.47 14.83
CA THR D 245 32.76 -30.76 13.69
C THR D 245 33.97 -31.61 14.04
N GLY D 246 34.29 -31.73 15.33
CA GLY D 246 35.48 -32.50 15.74
C GLY D 246 35.23 -33.99 15.88
N SER D 247 33.96 -34.43 15.77
CA SER D 247 33.58 -35.79 16.09
C SER D 247 33.60 -36.71 14.89
N ASN D 248 33.96 -37.97 15.12
CA ASN D 248 33.75 -38.99 14.10
C ASN D 248 32.27 -39.26 13.84
N ILE D 249 31.81 -38.89 12.65
CA ILE D 249 30.33 -38.95 12.36
C ILE D 249 29.80 -40.39 12.34
N THR D 250 30.60 -41.32 11.82
CA THR D 250 30.18 -42.73 11.85
C THR D 250 29.93 -43.24 13.26
N ASP D 251 30.90 -42.99 14.15
CA ASP D 251 30.81 -43.36 15.56
C ASP D 251 29.66 -42.64 16.28
N ALA D 252 29.52 -41.34 16.03
CA ALA D 252 28.48 -40.57 16.67
C ALA D 252 27.13 -41.26 16.37
N PHE D 253 26.89 -41.58 15.11
CA PHE D 253 25.65 -42.24 14.72
C PHE D 253 25.49 -43.72 15.15
N LEU D 254 26.62 -44.43 15.30
CA LEU D 254 26.56 -45.78 15.89
C LEU D 254 26.08 -45.73 17.34
N SER D 255 26.50 -44.73 18.09
CA SER D 255 26.03 -44.67 19.48
C SER D 255 24.53 -44.37 19.54
N GLN D 256 24.03 -43.57 18.60
CA GLN D 256 22.59 -43.35 18.54
C GLN D 256 21.87 -44.66 18.21
N ARG D 257 22.43 -45.41 17.27
CA ARG D 257 21.84 -46.64 16.75
C ARG D 257 21.82 -47.76 17.78
N LYS D 258 22.80 -47.73 18.67
CA LYS D 258 22.81 -48.66 19.77
C LYS D 258 21.53 -48.51 20.61
N CYS D 259 21.02 -47.27 20.73
CA CYS D 259 19.77 -46.92 21.44
C CYS D 259 18.52 -47.05 20.58
N GLU D 260 18.63 -46.69 19.32
CA GLU D 260 17.51 -46.77 18.41
C GLU D 260 17.99 -47.55 17.20
N PRO D 261 17.86 -48.90 17.23
CA PRO D 261 18.27 -49.72 16.06
C PRO D 261 17.57 -49.35 14.73
N LYS D 262 16.32 -48.88 14.80
CA LYS D 262 15.52 -48.43 13.64
C LYS D 262 14.97 -47.00 13.84
N GLY D 263 14.79 -46.26 12.74
CA GLY D 263 14.29 -44.89 12.78
C GLY D 263 15.30 -43.91 12.20
N PRO D 264 14.89 -42.63 12.02
CA PRO D 264 15.83 -41.61 11.51
C PRO D 264 17.14 -41.43 12.30
N LEU D 265 18.27 -41.22 11.62
CA LEU D 265 19.45 -40.66 12.25
C LEU D 265 19.20 -39.14 12.48
N ILE D 266 19.54 -38.65 13.66
CA ILE D 266 19.28 -37.28 14.03
C ILE D 266 20.44 -36.70 14.86
N ASN D 267 21.09 -35.68 14.33
CA ASN D 267 21.94 -34.79 15.13
C ASN D 267 21.14 -33.54 15.47
N SER D 268 20.64 -33.50 16.69
CA SER D 268 19.83 -32.37 17.18
C SER D 268 20.60 -31.09 17.42
N GLU D 269 21.92 -31.18 17.57
CA GLU D 269 22.78 -29.99 17.74
C GLU D 269 24.12 -30.16 17.05
N PHE D 270 24.14 -29.84 15.76
CA PHE D 270 25.38 -29.88 15.05
C PHE D 270 26.03 -28.48 15.07
N TYR D 271 27.14 -28.40 15.81
CA TYR D 271 27.69 -27.11 16.21
C TYR D 271 28.31 -26.37 15.04
N THR D 272 27.83 -25.14 14.82
CA THR D 272 28.31 -24.27 13.76
C THR D 272 29.38 -23.37 14.32
N GLY D 273 29.51 -23.41 15.65
CA GLY D 273 30.36 -22.48 16.42
C GLY D 273 30.46 -23.00 17.83
N TRP D 274 30.72 -22.12 18.78
CA TRP D 274 30.76 -22.55 20.18
C TRP D 274 30.55 -21.33 21.06
N LEU D 275 30.29 -21.58 22.35
CA LEU D 275 30.04 -20.50 23.31
C LEU D 275 31.32 -19.81 23.72
N ASP D 276 31.14 -18.62 24.30
CA ASP D 276 32.21 -17.82 24.88
C ASP D 276 32.15 -17.70 26.42
N HIS D 277 33.26 -17.28 27.03
CA HIS D 277 33.30 -16.86 28.44
C HIS D 277 34.03 -15.54 28.55
N TRP D 278 33.54 -14.63 29.38
CA TRP D 278 34.29 -13.40 29.61
C TRP D 278 35.77 -13.77 29.90
N GLY D 279 36.71 -12.99 29.35
CA GLY D 279 38.15 -13.18 29.56
C GLY D 279 38.78 -14.41 28.91
N GLN D 280 38.04 -15.12 28.08
CA GLN D 280 38.63 -16.17 27.25
C GLN D 280 38.55 -15.74 25.80
N PRO D 281 39.44 -16.27 24.92
CA PRO D 281 39.37 -15.86 23.51
C PRO D 281 38.06 -16.31 22.88
N HIS D 282 37.54 -15.45 22.02
CA HIS D 282 36.29 -15.68 21.28
C HIS D 282 36.30 -16.98 20.51
N SER D 283 35.26 -17.84 20.65
CA SER D 283 35.28 -19.11 19.92
C SER D 283 34.93 -18.94 18.43
N THR D 284 35.63 -19.65 17.56
CA THR D 284 35.30 -19.69 16.13
C THR D 284 35.43 -21.13 15.65
N ILE D 285 34.64 -21.49 14.64
CA ILE D 285 34.76 -22.78 13.99
C ILE D 285 34.79 -22.42 12.50
N LYS D 286 35.76 -23.00 11.80
CA LYS D 286 35.96 -22.76 10.38
C LYS D 286 34.79 -23.25 9.49
N THR D 287 34.40 -22.39 8.56
CA THR D 287 33.36 -22.69 7.57
C THR D 287 33.55 -24.04 6.86
N GLU D 288 34.75 -24.27 6.37
CA GLU D 288 35.07 -25.52 5.67
C GLU D 288 34.77 -26.75 6.51
N ALA D 289 34.96 -26.65 7.81
CA ALA D 289 34.70 -27.77 8.73
C ALA D 289 33.20 -28.00 8.87
N VAL D 290 32.44 -26.92 9.07
CA VAL D 290 30.97 -27.00 9.15
C VAL D 290 30.36 -27.54 7.84
N ALA D 291 30.74 -26.96 6.71
CA ALA D 291 30.24 -27.39 5.41
C ALA D 291 30.55 -28.90 5.16
N SER D 292 31.81 -29.25 5.43
CA SER D 292 32.26 -30.63 5.24
C SER D 292 31.44 -31.64 6.07
N SER D 293 31.29 -31.39 7.37
CA SER D 293 30.48 -32.27 8.22
C SER D 293 28.99 -32.25 7.86
N LEU D 294 28.48 -31.06 7.51
CA LEU D 294 27.09 -30.93 7.12
C LEU D 294 26.74 -31.79 5.91
N TYR D 295 27.55 -31.67 4.86
CA TYR D 295 27.40 -32.49 3.67
C TYR D 295 27.44 -33.99 4.07
N ASP D 296 28.43 -34.36 4.88
CA ASP D 296 28.55 -35.76 5.34
C ASP D 296 27.28 -36.27 6.08
N ILE D 297 26.73 -35.47 6.98
CA ILE D 297 25.51 -35.84 7.70
C ILE D 297 24.29 -35.93 6.76
N LEU D 298 24.10 -34.89 5.94
CA LEU D 298 22.99 -34.90 4.96
C LEU D 298 23.07 -36.10 3.99
N ALA D 299 24.27 -36.35 3.47
CA ALA D 299 24.49 -37.47 2.55
C ALA D 299 24.02 -38.83 3.15
N ARG D 300 24.09 -38.97 4.47
CA ARG D 300 23.63 -40.22 5.12
C ARG D 300 22.10 -40.31 5.25
N GLY D 301 21.36 -39.28 4.81
CA GLY D 301 19.92 -39.26 5.02
C GLY D 301 19.43 -38.86 6.43
N ALA D 302 20.35 -38.43 7.28
CA ALA D 302 20.02 -37.96 8.62
C ALA D 302 19.26 -36.63 8.68
N SER D 303 18.44 -36.48 9.73
CA SER D 303 17.91 -35.16 10.03
C SER D 303 18.93 -34.47 10.88
N VAL D 304 19.06 -33.15 10.70
CA VAL D 304 20.07 -32.39 11.38
C VAL D 304 19.57 -30.98 11.69
N ASN D 305 20.00 -30.50 12.87
CA ASN D 305 19.78 -29.15 13.27
C ASN D 305 21.10 -28.44 13.54
N LEU D 306 21.32 -27.33 12.86
CA LEU D 306 22.48 -26.49 13.05
C LEU D 306 22.34 -25.62 14.28
N TYR D 307 23.25 -25.79 15.24
CA TYR D 307 23.17 -25.06 16.52
C TYR D 307 24.42 -24.19 16.63
N MET D 308 24.35 -22.85 16.65
CA MET D 308 23.19 -21.98 16.35
C MET D 308 23.18 -21.64 14.85
N PHE D 309 22.00 -21.35 14.31
CA PHE D 309 21.96 -20.80 12.98
C PHE D 309 22.02 -19.27 13.11
N ILE D 310 21.25 -18.68 14.00
CA ILE D 310 21.60 -17.33 14.47
C ILE D 310 21.64 -17.37 15.99
N GLY D 311 22.65 -16.78 16.60
CA GLY D 311 22.75 -16.82 18.05
C GLY D 311 22.13 -15.60 18.70
N GLY D 312 22.37 -14.40 18.20
CA GLY D 312 21.71 -13.22 18.78
C GLY D 312 22.37 -12.74 20.05
N THR D 313 21.55 -12.30 21.00
CA THR D 313 22.05 -11.54 22.13
C THR D 313 21.43 -12.01 23.47
N ASN D 314 22.23 -12.07 24.54
CA ASN D 314 21.71 -12.20 25.90
C ASN D 314 21.54 -10.80 26.43
N PHE D 315 20.35 -10.23 26.24
CA PHE D 315 20.05 -8.89 26.76
C PHE D 315 19.90 -8.94 28.27
N ALA D 316 19.84 -7.75 28.89
CA ALA D 316 19.57 -7.66 30.35
C ALA D 316 20.49 -8.61 31.12
N TYR D 317 19.95 -9.53 31.93
CA TYR D 317 20.74 -10.47 32.76
C TYR D 317 20.54 -11.93 32.34
N TRP D 318 20.21 -12.14 31.07
CA TRP D 318 19.82 -13.49 30.62
C TRP D 318 20.94 -14.51 30.38
N ASN D 319 22.19 -14.06 30.37
CA ASN D 319 23.31 -14.98 30.18
C ASN D 319 23.44 -16.02 31.31
N GLY D 320 24.09 -17.13 30.96
CA GLY D 320 24.37 -18.16 31.94
C GLY D 320 25.82 -18.11 32.41
N ALA D 321 26.31 -19.27 32.91
CA ALA D 321 27.68 -19.44 33.36
C ALA D 321 28.01 -20.95 33.42
N ASN D 322 29.30 -21.30 33.42
CA ASN D 322 29.73 -22.67 33.66
C ASN D 322 30.54 -22.75 34.95
N SER D 323 30.68 -23.98 35.49
CA SER D 323 31.58 -24.29 36.64
C SER D 323 32.92 -24.86 36.16
N PRO D 324 34.05 -24.55 36.84
CA PRO D 324 34.20 -23.56 37.90
C PRO D 324 33.86 -22.14 37.37
N TYR D 325 33.21 -21.35 38.21
CA TYR D 325 32.51 -20.12 37.81
C TYR D 325 33.14 -19.25 36.71
N ALA D 326 32.45 -19.19 35.56
CA ALA D 326 32.87 -18.40 34.40
C ALA D 326 31.59 -18.05 33.62
N ALA D 327 31.25 -16.76 33.57
CA ALA D 327 30.04 -16.29 32.91
C ALA D 327 30.23 -16.21 31.41
N GLN D 328 29.18 -16.49 30.64
CA GLN D 328 29.18 -16.19 29.23
C GLN D 328 28.88 -14.68 28.99
N PRO D 329 29.38 -14.10 27.89
CA PRO D 329 29.19 -12.66 27.71
C PRO D 329 27.81 -12.30 27.16
N THR D 330 27.58 -11.01 26.95
CA THR D 330 26.33 -10.48 26.49
C THR D 330 26.01 -10.98 25.08
N SER D 331 27.00 -10.95 24.20
CA SER D 331 26.85 -11.43 22.85
C SER D 331 26.70 -12.96 22.77
N TYR D 332 25.76 -13.44 21.95
CA TYR D 332 25.65 -14.88 21.67
C TYR D 332 25.84 -15.06 20.18
N ASP D 333 26.80 -14.31 19.64
CA ASP D 333 27.08 -14.38 18.23
C ASP D 333 27.38 -15.82 17.82
N TYR D 334 28.09 -16.57 18.67
CA TYR D 334 28.36 -18.00 18.46
C TYR D 334 29.26 -18.35 17.27
N ASP D 335 29.69 -17.34 16.52
CA ASP D 335 30.32 -17.57 15.21
C ASP D 335 29.34 -18.29 14.28
N ALA D 336 28.06 -18.02 14.50
CA ALA D 336 26.96 -18.65 13.74
C ALA D 336 26.96 -18.18 12.26
N PRO D 337 26.23 -18.91 11.39
CA PRO D 337 26.11 -18.48 10.00
C PRO D 337 25.46 -17.10 9.85
N LEU D 338 24.47 -16.78 10.69
CA LEU D 338 24.00 -15.41 10.78
C LEU D 338 24.65 -14.78 11.98
N SER D 339 25.24 -13.59 11.80
CA SER D 339 25.92 -12.91 12.89
C SER D 339 24.94 -12.40 13.94
N GLU D 340 25.47 -11.94 15.06
CA GLU D 340 24.62 -11.47 16.13
C GLU D 340 23.49 -10.54 15.61
N ALA D 341 23.86 -9.62 14.73
CA ALA D 341 22.96 -8.62 14.23
C ALA D 341 22.20 -9.09 12.98
N GLY D 342 22.27 -10.39 12.67
CA GLY D 342 21.54 -10.96 11.55
C GLY D 342 22.24 -10.95 10.20
N ASP D 343 23.55 -10.64 10.18
CA ASP D 343 24.27 -10.50 8.93
C ASP D 343 24.53 -11.82 8.22
N LEU D 344 24.44 -11.76 6.87
CA LEU D 344 24.75 -12.90 5.99
C LEU D 344 26.28 -13.09 6.00
N THR D 345 26.80 -14.22 6.39
CA THR D 345 28.25 -14.25 6.48
C THR D 345 28.75 -15.18 5.42
N GLU D 346 30.07 -15.31 5.31
CA GLU D 346 30.60 -16.30 4.40
C GLU D 346 30.13 -17.69 4.79
N LYS D 347 30.05 -17.95 6.10
CA LYS D 347 29.54 -19.24 6.61
C LYS D 347 28.09 -19.49 6.14
N TYR D 348 27.26 -18.45 6.21
CA TYR D 348 25.90 -18.53 5.68
C TYR D 348 25.86 -19.07 4.21
N PHE D 349 26.67 -18.49 3.32
CA PHE D 349 26.50 -18.79 1.87
C PHE D 349 27.06 -20.18 1.59
N ALA D 350 28.07 -20.55 2.33
CA ALA D 350 28.69 -21.84 2.19
C ALA D 350 27.76 -22.99 2.60
N LEU D 351 27.01 -22.82 3.69
CA LEU D 351 26.08 -23.90 4.10
C LEU D 351 24.88 -23.95 3.16
N ARG D 352 24.44 -22.76 2.72
CA ARG D 352 23.39 -22.70 1.72
C ARG D 352 23.79 -23.51 0.47
N ASN D 353 25.02 -23.33 0.02
CA ASN D 353 25.51 -24.09 -1.13
C ASN D 353 25.55 -25.60 -0.87
N ILE D 354 25.87 -26.02 0.35
CA ILE D 354 25.79 -27.47 0.74
C ILE D 354 24.34 -27.94 0.72
N ILE D 355 23.43 -27.19 1.34
CA ILE D 355 22.01 -27.57 1.29
C ILE D 355 21.47 -27.73 -0.16
N GLN D 356 21.88 -26.81 -1.05
CA GLN D 356 21.54 -26.89 -2.47
C GLN D 356 21.91 -28.18 -3.16
N LYS D 357 22.89 -28.90 -2.65
CA LYS D 357 23.28 -30.14 -3.28
C LYS D 357 22.27 -31.23 -2.99
N PHE D 358 21.31 -30.97 -2.10
CA PHE D 358 20.34 -31.96 -1.68
C PHE D 358 18.91 -31.57 -1.97
N GLU D 359 18.67 -30.25 -1.94
CA GLU D 359 17.34 -29.64 -1.98
C GLU D 359 17.41 -28.38 -2.85
N LYS D 360 16.36 -28.09 -3.60
CA LYS D 360 16.25 -26.78 -4.23
C LYS D 360 15.89 -25.81 -3.14
N VAL D 361 16.63 -24.72 -3.05
CA VAL D 361 16.39 -23.63 -2.09
C VAL D 361 15.50 -22.60 -2.76
N PRO D 362 14.76 -21.77 -1.98
CA PRO D 362 13.85 -20.82 -2.62
C PRO D 362 14.54 -19.80 -3.56
N GLU D 363 13.79 -19.32 -4.55
CA GLU D 363 14.32 -18.39 -5.53
C GLU D 363 14.18 -16.94 -5.05
N GLY D 364 14.95 -16.05 -5.66
CA GLY D 364 14.81 -14.63 -5.39
C GLY D 364 15.96 -14.12 -4.56
N PRO D 365 16.03 -12.78 -4.40
CA PRO D 365 17.11 -12.24 -3.58
C PRO D 365 16.89 -12.48 -2.05
N ILE D 366 17.97 -12.64 -1.31
CA ILE D 366 17.86 -12.78 0.14
C ILE D 366 17.78 -11.41 0.83
N PRO D 367 16.99 -11.30 1.90
CA PRO D 367 17.02 -10.03 2.63
C PRO D 367 18.43 -9.70 3.04
N PRO D 368 18.80 -8.39 3.03
CA PRO D 368 20.18 -8.03 3.25
C PRO D 368 20.55 -8.01 4.73
N SER D 369 21.85 -8.08 4.99
CA SER D 369 22.39 -7.60 6.26
C SER D 369 21.85 -6.18 6.50
N THR D 370 21.39 -5.88 7.70
CA THR D 370 20.89 -4.53 7.98
C THR D 370 22.01 -3.47 7.87
N PRO D 371 21.66 -2.24 7.45
CA PRO D 371 22.61 -1.14 7.50
C PRO D 371 22.93 -0.81 8.93
N LYS D 372 24.21 -0.44 9.18
CA LYS D 372 24.75 -0.06 10.50
C LYS D 372 25.26 1.38 10.44
N PHE D 373 24.98 2.17 11.45
CA PHE D 373 25.34 3.58 11.41
C PHE D 373 26.19 3.94 12.64
N ALA D 374 27.28 4.69 12.44
CA ALA D 374 28.10 5.10 13.56
C ALA D 374 27.54 6.41 14.07
N TYR D 375 26.73 6.40 15.13
CA TYR D 375 26.23 7.68 15.67
C TYR D 375 27.36 8.56 16.30
N GLY D 376 28.54 7.98 16.48
CA GLY D 376 29.68 8.70 17.07
C GLY D 376 29.70 8.75 18.59
N LYS D 377 30.34 9.80 19.11
CA LYS D 377 30.66 9.94 20.52
C LYS D 377 29.50 10.63 21.18
N VAL D 378 29.04 10.12 22.33
CA VAL D 378 27.98 10.74 23.12
C VAL D 378 28.51 10.89 24.57
N THR D 379 28.50 12.12 25.06
CA THR D 379 29.07 12.43 26.37
C THR D 379 27.98 12.17 27.40
N LEU D 380 28.41 11.65 28.56
CA LEU D 380 27.50 11.36 29.64
C LEU D 380 27.93 12.19 30.84
N GLU D 381 27.01 12.42 31.75
CA GLU D 381 27.29 13.05 33.03
C GLU D 381 26.84 12.13 34.13
N LYS D 382 27.55 12.23 35.26
CA LYS D 382 27.15 11.53 36.47
C LYS D 382 25.74 11.91 36.92
N LEU D 383 24.93 10.91 37.18
CA LEU D 383 23.62 11.17 37.73
C LEU D 383 23.69 11.04 39.26
N LYS D 384 23.93 9.84 39.75
CA LYS D 384 23.98 9.55 41.17
C LYS D 384 24.78 8.29 41.34
N THR D 385 25.57 8.22 42.43
CA THR D 385 26.17 6.95 42.84
C THR D 385 25.05 6.00 43.27
N VAL D 386 25.33 4.71 43.32
CA VAL D 386 24.37 3.77 43.91
C VAL D 386 24.05 4.15 45.37
N GLY D 387 25.08 4.46 46.15
CA GLY D 387 24.88 4.96 47.52
C GLY D 387 23.84 6.05 47.68
N ALA D 388 23.86 7.03 46.78
CA ALA D 388 22.95 8.16 46.87
C ALA D 388 21.57 7.87 46.31
N ALA D 389 21.38 6.75 45.63
CA ALA D 389 20.08 6.53 44.99
C ALA D 389 19.22 5.44 45.63
N LEU D 390 19.56 5.10 46.88
CA LEU D 390 18.89 4.03 47.64
C LEU D 390 17.39 4.21 47.90
N ASP D 391 16.94 5.45 48.01
CA ASP D 391 15.52 5.79 48.11
C ASP D 391 14.76 5.29 46.90
N ILE D 392 15.43 5.45 45.77
CA ILE D 392 14.82 5.24 44.47
C ILE D 392 15.01 3.78 44.09
N LEU D 393 16.17 3.22 44.44
CA LEU D 393 16.50 1.85 44.14
C LEU D 393 15.77 0.90 45.08
N CYS D 394 15.48 1.36 46.30
CA CYS D 394 14.87 0.51 47.28
C CYS D 394 13.77 1.25 48.02
N PRO D 395 12.64 1.55 47.33
CA PRO D 395 11.57 2.30 48.00
C PRO D 395 10.90 1.58 49.20
N SER D 396 11.11 0.27 49.37
CA SER D 396 10.55 -0.44 50.53
C SER D 396 11.40 -0.33 51.77
N GLY D 397 12.63 0.12 51.62
CA GLY D 397 13.53 0.10 52.75
C GLY D 397 14.22 -1.25 52.86
N PRO D 398 15.35 -1.26 53.58
CA PRO D 398 16.23 -2.44 53.60
C PRO D 398 15.64 -3.60 54.41
N ILE D 399 16.27 -4.77 54.32
CA ILE D 399 15.99 -5.90 55.20
C ILE D 399 17.15 -6.03 56.20
N LYS D 400 16.82 -6.12 57.50
CA LYS D 400 17.80 -6.25 58.58
C LYS D 400 18.05 -7.72 58.89
N SER D 401 19.29 -8.12 59.01
CA SER D 401 19.58 -9.52 59.29
C SER D 401 20.86 -9.63 60.11
N LEU D 402 20.90 -10.61 61.02
CA LEU D 402 22.09 -10.78 61.86
C LEU D 402 23.27 -11.21 60.98
N TYR D 403 23.02 -12.21 60.14
CA TYR D 403 23.99 -12.65 59.14
C TYR D 403 23.45 -12.35 57.75
N PRO D 404 24.30 -12.48 56.70
CA PRO D 404 23.84 -12.12 55.36
C PRO D 404 22.78 -13.07 54.77
N LEU D 405 21.87 -12.52 53.97
CA LEU D 405 20.88 -13.29 53.21
C LEU D 405 21.24 -13.36 51.74
N THR D 406 20.76 -14.42 51.07
CA THR D 406 20.95 -14.58 49.62
C THR D 406 20.00 -13.64 48.82
N PHE D 407 20.29 -13.45 47.54
CA PHE D 407 19.34 -12.81 46.59
C PHE D 407 17.94 -13.39 46.74
N ILE D 408 17.86 -14.72 46.66
CA ILE D 408 16.57 -15.41 46.73
C ILE D 408 15.80 -15.08 48.01
N GLN D 409 16.51 -15.10 49.16
CA GLN D 409 15.88 -14.80 50.43
C GLN D 409 15.38 -13.38 50.51
N VAL D 410 16.04 -12.44 49.84
CA VAL D 410 15.53 -11.07 49.85
C VAL D 410 14.64 -10.81 48.63
N LYS D 411 14.31 -11.87 47.89
CA LYS D 411 13.28 -11.76 46.85
C LYS D 411 13.73 -10.99 45.58
N GLN D 412 15.02 -11.03 45.29
CA GLN D 412 15.54 -10.54 44.01
C GLN D 412 16.20 -11.66 43.20
N HIS D 413 16.04 -11.63 41.88
CA HIS D 413 16.61 -12.71 41.05
C HIS D 413 17.88 -12.34 40.28
N TYR D 414 17.86 -11.13 39.71
CA TYR D 414 18.89 -10.71 38.78
C TYR D 414 19.40 -9.37 39.22
N GLY D 415 20.56 -8.99 38.70
CA GLY D 415 21.09 -7.66 38.95
C GLY D 415 21.94 -7.59 40.20
N PHE D 416 21.58 -6.64 41.07
CA PHE D 416 22.46 -6.17 42.12
C PHE D 416 21.75 -6.03 43.46
N VAL D 417 22.47 -6.37 44.53
CA VAL D 417 21.99 -6.22 45.88
C VAL D 417 23.09 -5.56 46.70
N LEU D 418 22.70 -4.52 47.47
CA LEU D 418 23.64 -3.83 48.36
C LEU D 418 23.59 -4.40 49.77
N TYR D 419 24.75 -4.85 50.25
CA TYR D 419 24.92 -5.34 51.61
C TYR D 419 25.68 -4.31 52.42
N ARG D 420 25.08 -3.88 53.52
CA ARG D 420 25.61 -2.80 54.34
C ARG D 420 25.82 -3.22 55.78
N THR D 421 27.00 -2.90 56.29
CA THR D 421 27.24 -3.04 57.72
C THR D 421 28.08 -1.88 58.26
N THR D 422 28.41 -1.95 59.54
CA THR D 422 29.26 -0.95 60.17
C THR D 422 30.53 -1.65 60.67
N LEU D 423 31.68 -0.98 60.60
CA LEU D 423 32.94 -1.57 61.06
C LEU D 423 32.95 -1.70 62.60
N PRO D 424 33.21 -2.93 63.13
CA PRO D 424 33.19 -3.17 64.58
C PRO D 424 34.42 -2.59 65.30
N GLN D 425 35.61 -2.83 64.76
CA GLN D 425 36.85 -2.20 65.27
C GLN D 425 37.46 -1.21 64.27
N ASP D 426 38.25 -0.27 64.78
CA ASP D 426 39.00 0.68 63.95
C ASP D 426 39.93 -0.07 62.99
N CYS D 427 40.16 0.51 61.81
CA CYS D 427 40.95 -0.15 60.77
C CYS D 427 42.03 0.70 60.14
N SER D 428 42.58 1.66 60.90
CA SER D 428 43.65 2.54 60.42
C SER D 428 44.74 1.83 59.60
N ASN D 429 45.08 0.61 60.02
CA ASN D 429 46.00 -0.25 59.31
C ASN D 429 45.18 -1.25 58.51
N PRO D 430 45.61 -1.57 57.27
CA PRO D 430 44.86 -2.53 56.45
C PRO D 430 44.34 -3.72 57.26
N ALA D 431 43.05 -4.05 57.12
CA ALA D 431 42.51 -5.26 57.73
C ALA D 431 41.91 -6.17 56.65
N PRO D 432 42.19 -7.49 56.71
CA PRO D 432 41.63 -8.43 55.73
C PRO D 432 40.10 -8.56 55.85
N LEU D 433 39.42 -8.25 54.76
CA LEU D 433 37.99 -8.51 54.61
C LEU D 433 37.87 -9.71 53.69
N SER D 434 37.39 -10.81 54.24
CA SER D 434 37.44 -12.07 53.52
C SER D 434 36.12 -12.86 53.58
N SER D 435 35.93 -13.73 52.59
CA SER D 435 34.87 -14.73 52.60
C SER D 435 35.62 -16.04 52.64
N PRO D 436 35.84 -16.58 53.84
CA PRO D 436 36.69 -17.75 53.92
C PRO D 436 36.11 -18.95 53.18
N LEU D 437 34.81 -18.96 52.96
CA LEU D 437 34.23 -20.05 52.20
C LEU D 437 33.94 -19.71 50.72
N ASN D 438 34.53 -18.64 50.20
CA ASN D 438 34.39 -18.30 48.78
C ASN D 438 32.91 -18.02 48.49
N GLY D 439 32.31 -17.24 49.37
CA GLY D 439 30.86 -17.04 49.36
C GLY D 439 30.35 -15.73 48.80
N VAL D 440 31.16 -15.04 47.98
CA VAL D 440 30.67 -13.85 47.25
C VAL D 440 30.23 -14.33 45.87
N HIS D 441 28.91 -14.33 45.63
CA HIS D 441 28.37 -14.91 44.42
C HIS D 441 27.65 -13.79 43.65
N ASP D 442 28.34 -13.10 42.73
CA ASP D 442 29.61 -13.54 42.14
C ASP D 442 30.74 -12.52 42.17
N ARG D 443 30.42 -11.29 42.53
CA ARG D 443 31.41 -10.21 42.51
C ARG D 443 30.84 -9.12 43.40
N ALA D 444 31.70 -8.52 44.22
CA ALA D 444 31.28 -7.50 45.15
C ALA D 444 32.17 -6.27 44.98
N TYR D 445 31.54 -5.10 44.95
CA TYR D 445 32.27 -3.84 44.77
C TYR D 445 32.26 -3.16 46.12
N VAL D 446 33.42 -3.08 46.74
CA VAL D 446 33.49 -2.69 48.17
C VAL D 446 33.86 -1.21 48.37
N ALA D 447 33.13 -0.52 49.24
CA ALA D 447 33.48 0.81 49.68
C ALA D 447 33.36 0.91 51.21
N VAL D 448 34.23 1.69 51.83
CA VAL D 448 34.12 2.00 53.27
C VAL D 448 33.91 3.50 53.41
N ASP D 449 32.82 3.90 54.07
CA ASP D 449 32.43 5.33 54.15
C ASP D 449 32.57 6.05 52.80
N GLY D 450 32.16 5.38 51.73
CA GLY D 450 32.16 5.96 50.39
C GLY D 450 33.52 6.04 49.72
N ILE D 451 34.51 5.31 50.25
CA ILE D 451 35.81 5.27 49.63
C ILE D 451 35.96 3.87 49.04
N PRO D 452 36.04 3.77 47.70
CA PRO D 452 36.15 2.45 47.08
C PRO D 452 37.39 1.70 47.55
N GLN D 453 37.23 0.41 47.82
CA GLN D 453 38.29 -0.41 48.37
C GLN D 453 38.81 -1.40 47.35
N GLY D 454 38.01 -1.71 46.33
CA GLY D 454 38.35 -2.79 45.41
C GLY D 454 37.25 -3.83 45.28
N VAL D 455 37.62 -5.05 44.90
CA VAL D 455 36.64 -6.04 44.42
C VAL D 455 36.89 -7.43 44.99
N LEU D 456 35.84 -8.10 45.46
CA LEU D 456 35.94 -9.52 45.78
C LEU D 456 35.30 -10.29 44.61
N GLU D 457 35.91 -11.42 44.23
CA GLU D 457 35.47 -12.21 43.04
C GLU D 457 35.37 -13.70 43.34
N ARG D 458 34.23 -14.29 43.00
CA ARG D 458 34.00 -15.73 43.17
C ARG D 458 35.18 -16.52 42.61
N ASN D 459 35.67 -17.51 43.38
CA ASN D 459 36.80 -18.35 42.97
C ASN D 459 38.15 -17.66 42.71
N ASN D 460 38.26 -16.36 42.99
CA ASN D 460 39.46 -15.62 42.55
C ASN D 460 40.12 -14.72 43.55
N VAL D 461 39.31 -13.94 44.26
CA VAL D 461 39.80 -12.96 45.20
C VAL D 461 38.81 -13.09 46.33
N ILE D 462 39.22 -13.81 47.36
CA ILE D 462 38.35 -14.06 48.51
C ILE D 462 38.73 -13.16 49.67
N THR D 463 39.85 -12.44 49.52
CA THR D 463 40.31 -11.48 50.53
C THR D 463 40.76 -10.15 49.93
N LEU D 464 40.34 -9.08 50.58
CA LEU D 464 40.68 -7.73 50.20
C LEU D 464 40.98 -6.95 51.48
N ASN D 465 41.97 -6.09 51.46
CA ASN D 465 42.31 -5.31 52.63
C ASN D 465 41.51 -4.03 52.65
N ILE D 466 40.94 -3.69 53.78
CA ILE D 466 40.22 -2.46 53.88
C ILE D 466 40.79 -1.64 55.03
N THR D 467 40.54 -0.34 54.98
CA THR D 467 40.83 0.54 56.09
C THR D 467 39.65 1.50 56.23
N GLY D 468 39.61 2.17 57.37
CA GLY D 468 38.53 3.10 57.74
C GLY D 468 38.41 3.14 59.27
N LYS D 469 37.65 4.11 59.78
CA LYS D 469 37.50 4.25 61.23
C LYS D 469 36.38 3.35 61.78
N ALA D 470 36.42 3.03 63.08
CA ALA D 470 35.37 2.20 63.70
C ALA D 470 34.05 2.90 63.55
N GLY D 471 32.98 2.11 63.38
CA GLY D 471 31.66 2.65 63.06
C GLY D 471 31.50 3.08 61.60
N ALA D 472 32.56 3.03 60.79
CA ALA D 472 32.43 3.40 59.37
C ALA D 472 31.39 2.54 58.66
N THR D 473 30.80 3.07 57.60
CA THR D 473 29.92 2.28 56.77
C THR D 473 30.68 1.40 55.75
N LEU D 474 30.60 0.07 55.93
CA LEU D 474 31.13 -0.90 54.97
C LEU D 474 29.99 -1.32 54.04
N ASP D 475 30.17 -1.04 52.73
CA ASP D 475 29.21 -1.41 51.67
C ASP D 475 29.81 -2.39 50.69
N LEU D 476 29.04 -3.45 50.38
CA LEU D 476 29.38 -4.41 49.32
C LEU D 476 28.22 -4.46 48.32
N LEU D 477 28.43 -3.94 47.11
CA LEU D 477 27.47 -4.08 46.04
C LEU D 477 27.77 -5.39 45.35
N VAL D 478 26.83 -6.34 45.41
CA VAL D 478 27.08 -7.69 44.92
C VAL D 478 26.29 -7.89 43.63
N GLU D 479 26.99 -8.40 42.61
CA GLU D 479 26.43 -8.67 41.30
C GLU D 479 26.19 -10.18 41.11
N ASN D 480 24.94 -10.53 40.78
CA ASN D 480 24.64 -11.83 40.18
C ASN D 480 25.12 -11.75 38.71
N MET D 481 26.20 -12.47 38.39
CA MET D 481 26.80 -12.42 37.07
C MET D 481 26.24 -13.47 36.11
N GLY D 482 25.21 -14.21 36.56
CA GLY D 482 24.51 -15.19 35.74
C GLY D 482 24.58 -16.54 36.41
N ARG D 483 23.44 -17.20 36.54
CA ARG D 483 23.42 -18.50 37.22
C ARG D 483 23.91 -19.60 36.30
N VAL D 484 24.78 -20.45 36.84
CA VAL D 484 25.36 -21.58 36.14
C VAL D 484 24.26 -22.38 35.46
N ASN D 485 24.45 -22.74 34.18
CA ASN D 485 23.37 -23.40 33.41
C ASN D 485 23.62 -24.88 33.05
N TYR D 486 24.72 -25.43 33.57
CA TYR D 486 25.14 -26.77 33.16
C TYR D 486 25.95 -27.40 34.28
N GLY D 487 25.82 -28.72 34.44
CA GLY D 487 26.54 -29.46 35.48
C GLY D 487 25.73 -29.51 36.77
N ALA D 488 26.34 -30.07 37.82
CA ALA D 488 25.68 -30.27 39.09
C ALA D 488 25.31 -28.96 39.81
N TYR D 489 26.05 -27.88 39.59
CA TYR D 489 25.91 -26.69 40.44
C TYR D 489 24.94 -25.62 39.92
N ILE D 490 23.86 -26.07 39.31
CA ILE D 490 22.85 -25.17 38.73
C ILE D 490 21.97 -24.49 39.80
N ASN D 491 21.91 -25.09 40.99
CA ASN D 491 21.28 -24.47 42.14
C ASN D 491 22.18 -23.37 42.76
N ASP D 492 22.34 -22.32 41.99
CA ASP D 492 23.34 -21.29 42.18
C ASP D 492 22.61 -20.07 42.82
N PHE D 493 22.65 -19.95 44.15
CA PHE D 493 21.83 -18.99 44.94
C PHE D 493 22.09 -17.48 44.74
N LYS D 494 23.36 -17.07 44.81
CA LYS D 494 23.73 -15.65 44.58
C LYS D 494 23.57 -14.75 45.79
N GLY D 495 24.47 -13.79 45.89
CA GLY D 495 24.54 -12.86 47.00
C GLY D 495 25.79 -13.16 47.84
N LEU D 496 25.73 -12.78 49.12
CA LEU D 496 26.68 -13.30 50.09
C LEU D 496 26.00 -14.58 50.60
N VAL D 497 26.50 -15.72 50.13
CA VAL D 497 25.92 -17.01 50.47
C VAL D 497 26.56 -17.61 51.75
N SER D 498 27.72 -17.09 52.15
CA SER D 498 28.28 -17.39 53.49
C SER D 498 28.81 -16.11 54.12
N ASN D 499 29.21 -16.19 55.39
CA ASN D 499 29.68 -15.02 56.13
C ASN D 499 30.94 -14.39 55.60
N LEU D 500 31.07 -13.11 55.91
CA LEU D 500 32.31 -12.37 55.74
C LEU D 500 33.01 -12.20 57.09
N THR D 501 34.34 -12.17 57.06
CA THR D 501 35.11 -11.92 58.26
C THR D 501 35.97 -10.66 58.11
N LEU D 502 36.05 -9.88 59.18
CA LEU D 502 37.00 -8.78 59.25
C LEU D 502 38.02 -9.06 60.36
N SER D 503 39.30 -9.12 59.98
CA SER D 503 40.39 -9.57 60.86
C SER D 503 39.95 -10.88 61.55
N SER D 504 39.59 -11.86 60.72
CA SER D 504 39.10 -13.18 61.16
C SER D 504 37.80 -13.22 61.94
N ASN D 505 37.23 -12.07 62.29
CA ASN D 505 35.96 -12.07 63.01
C ASN D 505 34.75 -11.99 62.06
N ILE D 506 33.81 -12.91 62.20
CA ILE D 506 32.56 -12.86 61.44
C ILE D 506 31.92 -11.50 61.62
N LEU D 507 31.71 -10.80 60.51
CA LEU D 507 30.93 -9.57 60.51
C LEU D 507 29.45 -9.89 60.66
N THR D 508 28.78 -9.20 61.56
CA THR D 508 27.35 -9.40 61.76
C THR D 508 26.58 -8.07 61.75
N ASP D 509 25.25 -8.18 61.77
CA ASP D 509 24.32 -7.04 61.68
C ASP D 509 24.30 -6.36 60.31
N TRP D 510 23.49 -6.91 59.42
CA TRP D 510 23.43 -6.46 58.04
C TRP D 510 22.15 -5.71 57.73
N THR D 511 22.32 -4.71 56.87
CA THR D 511 21.22 -3.94 56.36
C THR D 511 21.31 -4.17 54.86
N ILE D 512 20.30 -4.82 54.30
CA ILE D 512 20.43 -5.40 52.97
C ILE D 512 19.41 -4.72 52.08
N PHE D 513 19.88 -4.07 51.02
CA PHE D 513 18.95 -3.39 50.10
C PHE D 513 18.81 -4.12 48.73
N PRO D 514 17.64 -4.75 48.45
CA PRO D 514 17.41 -5.19 47.06
C PRO D 514 17.28 -3.96 46.14
N LEU D 515 17.88 -3.99 44.94
CA LEU D 515 17.90 -2.75 44.11
C LEU D 515 17.05 -2.87 42.86
N ASP D 516 16.04 -1.99 42.75
CA ASP D 516 15.16 -1.93 41.57
C ASP D 516 15.81 -1.12 40.45
N THR D 517 16.91 -1.64 39.93
CA THR D 517 17.68 -0.94 38.90
C THR D 517 16.85 -0.64 37.65
N GLU D 518 16.00 -1.58 37.26
CA GLU D 518 15.24 -1.43 36.02
C GLU D 518 14.27 -0.23 36.13
N ASP D 519 13.45 -0.22 37.19
CA ASP D 519 12.56 0.94 37.48
C ASP D 519 13.28 2.25 37.61
N ALA D 520 14.33 2.26 38.42
CA ALA D 520 15.09 3.48 38.65
C ALA D 520 15.67 4.01 37.34
N VAL D 521 16.20 3.12 36.51
CA VAL D 521 16.77 3.60 35.25
C VAL D 521 15.70 4.23 34.39
N ARG D 522 14.56 3.55 34.29
CA ARG D 522 13.41 4.06 33.54
C ARG D 522 12.94 5.42 34.05
N SER D 523 13.02 5.64 35.37
CA SER D 523 12.59 6.91 35.93
C SER D 523 13.71 7.96 35.96
N HIS D 524 14.86 7.66 35.34
CA HIS D 524 16.00 8.58 35.35
C HIS D 524 16.42 8.84 36.78
N LEU D 525 16.44 7.75 37.56
CA LEU D 525 16.70 7.77 39.00
C LEU D 525 15.80 8.75 39.75
N GLY D 526 14.50 8.69 39.49
CA GLY D 526 13.52 9.45 40.23
C GLY D 526 13.41 10.91 39.81
N GLY D 527 14.44 11.42 39.13
CA GLY D 527 14.49 12.81 38.68
C GLY D 527 13.95 13.04 37.27
N TRP D 528 12.98 12.22 36.85
CA TRP D 528 12.29 12.34 35.56
C TRP D 528 12.57 13.65 34.82
N ASN D 546 43.18 2.09 40.64
CA ASN D 546 42.16 2.75 41.45
C ASN D 546 40.72 2.44 40.98
N TYR D 547 39.74 2.84 41.79
CA TYR D 547 38.35 2.54 41.55
C TYR D 547 37.55 3.80 41.70
N THR D 548 36.32 3.79 41.20
CA THR D 548 35.31 4.79 41.59
C THR D 548 34.10 4.07 42.19
N LEU D 549 33.30 4.83 42.91
CA LEU D 549 32.07 4.31 43.47
C LEU D 549 31.08 3.95 42.36
N PRO D 550 30.48 2.75 42.44
CA PRO D 550 29.43 2.39 41.49
C PRO D 550 28.41 3.54 41.32
N ALA D 551 28.19 3.91 40.07
CA ALA D 551 27.39 5.09 39.73
C ALA D 551 26.69 5.01 38.37
N PHE D 552 25.60 5.77 38.26
CA PHE D 552 24.83 5.87 37.05
C PHE D 552 25.24 7.15 36.34
N TYR D 553 25.56 7.01 35.05
CA TYR D 553 25.90 8.12 34.15
C TYR D 553 24.91 8.13 33.00
N MET D 554 24.48 9.33 32.63
CA MET D 554 23.45 9.48 31.65
C MET D 554 23.80 10.56 30.63
N GLY D 555 23.42 10.31 29.38
CA GLY D 555 23.49 11.35 28.36
C GLY D 555 22.43 11.12 27.31
N ASN D 556 22.39 12.00 26.33
CA ASN D 556 21.34 11.91 25.34
C ASN D 556 21.88 12.26 23.94
N PHE D 557 21.24 11.71 22.92
CA PHE D 557 21.50 12.00 21.51
C PHE D 557 20.23 11.93 20.67
N SER D 558 20.15 12.82 19.68
CA SER D 558 19.00 12.95 18.79
C SER D 558 19.29 12.35 17.44
N ILE D 559 18.26 11.87 16.77
CA ILE D 559 18.37 11.30 15.44
C ILE D 559 17.29 12.02 14.67
N PRO D 560 17.61 12.53 13.48
CA PRO D 560 16.61 13.32 12.73
C PRO D 560 15.40 12.50 12.26
N SER D 561 14.21 13.08 12.31
CA SER D 561 13.05 12.40 11.75
C SER D 561 12.93 12.67 10.24
N GLY D 562 12.00 12.00 9.59
CA GLY D 562 11.79 12.15 8.13
C GLY D 562 12.99 11.76 7.26
N ILE D 563 13.93 10.99 7.81
CA ILE D 563 15.02 10.39 7.04
C ILE D 563 14.70 8.89 6.84
N PRO D 564 14.39 8.46 5.61
CA PRO D 564 13.88 7.11 5.32
C PRO D 564 14.70 5.98 5.88
N ASP D 565 16.00 6.20 6.03
CA ASP D 565 16.90 5.16 6.45
C ASP D 565 17.54 5.36 7.83
N LEU D 566 16.92 6.16 8.69
CA LEU D 566 17.29 6.27 10.11
C LEU D 566 16.02 6.21 10.97
N PRO D 567 16.14 5.61 12.17
CA PRO D 567 17.40 5.13 12.73
C PRO D 567 17.92 3.83 12.09
N GLN D 568 19.21 3.55 12.31
CA GLN D 568 19.79 2.27 11.94
C GLN D 568 20.36 1.52 13.15
N ASP D 569 20.48 0.19 13.02
CA ASP D 569 21.22 -0.62 13.97
C ASP D 569 22.58 0.03 14.25
N THR D 570 23.13 -0.18 15.44
CA THR D 570 24.47 0.30 15.74
C THR D 570 25.14 -0.59 16.78
N PHE D 571 26.38 -0.27 17.12
CA PHE D 571 27.12 -0.97 18.18
C PHE D 571 27.69 0.04 19.15
N ILE D 572 27.45 -0.20 20.44
CA ILE D 572 27.95 0.74 21.43
C ILE D 572 29.24 0.23 22.05
N GLN D 573 30.13 1.17 22.31
CA GLN D 573 31.49 0.89 22.75
C GLN D 573 31.82 1.82 23.91
N PHE D 574 32.62 1.33 24.86
CA PHE D 574 32.86 2.03 26.13
C PHE D 574 34.37 2.29 26.40
N PRO D 575 35.04 3.07 25.54
CA PRO D 575 36.51 3.25 25.76
C PRO D 575 36.80 4.06 27.04
N GLY D 576 37.70 3.58 27.89
CA GLY D 576 37.92 4.25 29.20
C GLY D 576 37.11 3.71 30.37
N TRP D 577 36.07 2.92 30.07
CA TRP D 577 35.17 2.40 31.12
C TRP D 577 35.70 1.04 31.51
N THR D 578 35.08 0.33 32.46
CA THR D 578 35.69 -0.93 32.92
C THR D 578 34.71 -2.08 32.94
N LYS D 579 33.68 -1.93 33.76
CA LYS D 579 32.66 -2.95 33.91
C LYS D 579 31.36 -2.31 34.31
N GLY D 580 30.29 -2.73 33.65
CA GLY D 580 28.99 -2.23 34.02
C GLY D 580 27.84 -2.77 33.18
N GLN D 581 26.69 -2.08 33.31
CA GLN D 581 25.44 -2.41 32.66
C GLN D 581 25.05 -1.17 31.87
N VAL D 582 24.41 -1.38 30.74
CA VAL D 582 23.97 -0.25 29.90
C VAL D 582 22.52 -0.36 29.47
N TRP D 583 21.80 0.76 29.55
CA TRP D 583 20.45 0.86 29.00
C TRP D 583 20.37 1.98 27.93
N ILE D 584 19.50 1.80 26.94
CA ILE D 584 19.22 2.87 26.00
C ILE D 584 17.71 3.01 25.97
N ASN D 585 17.21 4.24 26.20
CA ASN D 585 15.76 4.46 26.36
C ASN D 585 15.09 3.48 27.36
N GLY D 586 15.79 3.19 28.47
CA GLY D 586 15.30 2.23 29.47
C GLY D 586 15.39 0.73 29.11
N PHE D 587 15.82 0.40 27.90
CA PHE D 587 16.00 -0.98 27.45
C PHE D 587 17.40 -1.47 27.83
N ASN D 588 17.44 -2.54 28.62
CA ASN D 588 18.68 -3.07 29.13
C ASN D 588 19.35 -3.95 28.08
N LEU D 589 20.39 -3.40 27.46
CA LEU D 589 21.11 -4.10 26.40
C LEU D 589 22.05 -5.20 26.88
N GLY D 590 22.41 -5.19 28.15
CA GLY D 590 23.31 -6.19 28.69
C GLY D 590 24.49 -5.60 29.43
N ARG D 591 25.50 -6.44 29.61
CA ARG D 591 26.70 -6.09 30.37
C ARG D 591 27.86 -5.78 29.45
N TYR D 592 28.63 -4.75 29.80
CA TYR D 592 29.90 -4.48 29.12
C TYR D 592 31.06 -4.75 30.04
N TRP D 593 32.18 -5.20 29.47
CA TRP D 593 33.40 -5.50 30.24
C TRP D 593 34.61 -5.43 29.33
N PRO D 594 34.90 -4.23 28.80
CA PRO D 594 36.09 -4.08 27.97
C PRO D 594 37.38 -4.39 28.75
N ALA D 595 37.34 -4.32 30.08
CA ALA D 595 38.56 -4.68 30.82
C ALA D 595 38.95 -6.16 30.69
N ARG D 596 38.00 -7.07 30.43
CA ARG D 596 38.33 -8.50 30.30
C ARG D 596 38.21 -9.02 28.88
N GLY D 597 37.32 -8.45 28.09
CA GLY D 597 37.02 -9.03 26.76
C GLY D 597 36.44 -10.45 26.81
N PRO D 598 36.30 -11.11 25.65
CA PRO D 598 36.70 -10.68 24.30
C PRO D 598 35.70 -9.71 23.64
N GLN D 599 34.50 -9.60 24.21
CA GLN D 599 33.51 -8.64 23.70
C GLN D 599 33.78 -7.23 24.18
N LEU D 600 33.89 -6.31 23.22
CA LEU D 600 34.04 -4.90 23.49
C LEU D 600 32.76 -4.12 23.15
N THR D 601 32.13 -4.40 22.01
CA THR D 601 30.92 -3.66 21.65
C THR D 601 29.67 -4.46 21.99
N LEU D 602 28.59 -3.74 22.29
CA LEU D 602 27.26 -4.34 22.39
C LEU D 602 26.33 -3.91 21.24
N PHE D 603 25.60 -4.91 20.74
CA PHE D 603 24.57 -4.72 19.72
C PHE D 603 23.36 -3.91 20.20
N VAL D 604 23.00 -2.90 19.39
CA VAL D 604 21.89 -1.99 19.65
C VAL D 604 20.91 -2.03 18.46
N PRO D 605 19.73 -2.67 18.65
CA PRO D 605 18.81 -2.77 17.52
C PRO D 605 18.06 -1.45 17.34
N GLN D 606 17.78 -1.08 16.08
CA GLN D 606 17.28 0.25 15.77
C GLN D 606 15.90 0.51 16.28
N HIS D 607 15.09 -0.53 16.51
CA HIS D 607 13.68 -0.23 16.83
C HIS D 607 13.53 0.42 18.21
N ILE D 608 14.57 0.39 19.04
CA ILE D 608 14.46 1.05 20.34
C ILE D 608 14.89 2.52 20.29
N LEU D 609 15.40 2.95 19.13
CA LEU D 609 15.90 4.31 18.92
C LEU D 609 14.79 5.17 18.35
N MET D 610 14.68 6.41 18.83
CA MET D 610 13.61 7.28 18.36
C MET D 610 14.11 8.55 17.71
N THR D 611 13.21 9.20 16.98
CA THR D 611 13.52 10.41 16.27
C THR D 611 12.66 11.59 16.77
N SER D 612 11.62 11.30 17.54
CA SER D 612 10.67 12.32 17.97
C SER D 612 11.11 13.00 19.25
N ALA D 613 12.11 12.44 19.91
CA ALA D 613 12.53 12.92 21.25
C ALA D 613 13.92 12.38 21.43
N PRO D 614 14.76 13.03 22.28
CA PRO D 614 16.15 12.54 22.42
C PRO D 614 16.22 11.14 23.00
N ASN D 615 17.20 10.36 22.57
CA ASN D 615 17.49 9.03 23.11
C ASN D 615 18.39 9.17 24.34
N THR D 616 18.12 8.40 25.40
CA THR D 616 18.93 8.52 26.60
C THR D 616 19.76 7.25 26.72
N ILE D 617 21.07 7.38 26.98
CA ILE D 617 21.93 6.26 27.34
C ILE D 617 22.16 6.40 28.83
N THR D 618 22.03 5.29 29.57
CA THR D 618 22.40 5.21 30.98
C THR D 618 23.38 4.06 31.14
N VAL D 619 24.49 4.36 31.82
CA VAL D 619 25.54 3.40 32.12
C VAL D 619 25.61 3.29 33.65
N LEU D 620 25.64 2.05 34.15
CA LEU D 620 25.99 1.79 35.54
C LEU D 620 27.39 1.22 35.57
N GLU D 621 28.37 2.05 35.96
CA GLU D 621 29.75 1.61 35.99
C GLU D 621 30.09 1.15 37.39
N LEU D 622 30.67 -0.05 37.48
CA LEU D 622 30.87 -0.75 38.75
C LEU D 622 32.26 -0.57 39.32
N GLU D 623 33.24 -0.29 38.46
CA GLU D 623 34.64 -0.30 38.86
C GLU D 623 35.37 1.03 38.73
N TRP D 624 35.42 1.57 37.51
CA TRP D 624 36.17 2.79 37.23
C TRP D 624 35.63 3.51 35.99
N ALA D 625 35.22 4.76 36.18
CA ALA D 625 34.61 5.57 35.12
C ALA D 625 35.54 6.68 34.69
N PRO D 626 35.68 6.92 33.36
CA PRO D 626 36.63 7.94 32.87
C PRO D 626 36.06 9.35 33.02
N CYS D 627 35.51 9.63 34.20
CA CYS D 627 34.69 10.82 34.39
C CYS D 627 35.18 11.80 35.46
N SER D 628 36.25 11.46 36.18
CA SER D 628 36.84 12.41 37.14
C SER D 628 37.47 13.58 36.40
N SER D 629 38.42 13.24 35.52
CA SER D 629 39.04 14.11 34.52
C SER D 629 38.49 15.54 34.40
N ASP D 630 39.42 16.51 34.29
CA ASP D 630 39.07 17.89 33.97
C ASP D 630 38.30 17.90 32.66
N ASP D 631 38.55 16.88 31.85
CA ASP D 631 38.01 16.77 30.51
C ASP D 631 36.71 15.95 30.46
N PRO D 632 35.55 16.63 30.48
CA PRO D 632 34.24 15.98 30.40
C PRO D 632 34.06 15.21 29.10
N GLU D 633 34.79 15.60 28.05
CA GLU D 633 34.79 14.88 26.78
C GLU D 633 35.23 13.40 26.90
N LEU D 634 35.97 13.09 27.95
CA LEU D 634 36.38 11.72 28.21
C LEU D 634 35.26 10.86 28.81
N CYS D 635 34.33 11.50 29.53
CA CYS D 635 33.18 10.82 30.12
C CYS D 635 32.12 10.56 29.04
N ALA D 636 32.33 9.49 28.26
CA ALA D 636 31.67 9.33 26.98
C ALA D 636 31.67 7.88 26.44
N VAL D 637 30.66 7.55 25.64
CA VAL D 637 30.62 6.27 24.92
C VAL D 637 30.64 6.59 23.42
N THR D 638 30.80 5.55 22.60
CA THR D 638 30.90 5.74 21.16
C THR D 638 30.03 4.71 20.45
N PHE D 639 29.26 5.17 19.48
CA PHE D 639 28.59 4.27 18.59
C PHE D 639 29.36 4.11 17.31
N VAL D 640 29.62 2.84 16.94
CA VAL D 640 30.41 2.49 15.77
C VAL D 640 29.55 1.62 14.84
N ASP D 641 29.99 1.41 13.58
CA ASP D 641 29.18 0.60 12.65
C ASP D 641 29.64 -0.85 12.43
N ARG D 642 30.61 -1.30 13.21
CA ARG D 642 31.07 -2.69 13.12
C ARG D 642 31.26 -3.24 14.52
N PRO D 643 30.91 -4.51 14.71
CA PRO D 643 31.03 -5.08 16.04
C PRO D 643 32.49 -5.46 16.32
N VAL D 644 32.89 -5.48 17.59
CA VAL D 644 34.18 -6.04 18.01
C VAL D 644 33.85 -7.05 19.12
N ILE D 645 33.76 -8.31 18.75
CA ILE D 645 33.41 -9.34 19.71
C ILE D 645 34.52 -10.35 19.88
N GLY D 646 35.62 -10.16 19.16
CA GLY D 646 36.72 -11.11 19.20
C GLY D 646 38.03 -10.40 19.44
N SER D 647 38.05 -9.51 20.42
CA SER D 647 39.27 -8.80 20.72
C SER D 647 40.23 -9.65 21.58
N SER D 648 41.53 -9.41 21.38
CA SER D 648 42.58 -10.17 22.05
C SER D 648 42.88 -9.58 23.44
C1 NAG E . 17.24 3.88 -50.62
C2 NAG E . 18.64 4.26 -50.19
C3 NAG E . 19.52 4.78 -51.33
C4 NAG E . 19.40 3.92 -52.58
C5 NAG E . 17.95 3.65 -52.89
C6 NAG E . 17.88 2.64 -53.99
C7 NAG E . 18.65 5.01 -47.96
C8 NAG E . 18.42 6.20 -47.10
N2 NAG E . 18.46 5.25 -49.21
O3 NAG E . 20.83 4.79 -50.89
O4 NAG E . 20.00 4.62 -53.63
O5 NAG E . 17.29 3.12 -51.77
O6 NAG E . 16.74 2.99 -54.70
O7 NAG E . 18.98 3.94 -47.54
C1 NAG F . 2.63 20.78 -46.84
C2 NAG F . 3.05 22.01 -46.05
C3 NAG F . 2.11 23.12 -46.50
C4 NAG F . 2.14 23.30 -48.02
C5 NAG F . 1.83 21.98 -48.73
C6 NAG F . 1.93 22.12 -50.25
C7 NAG F . 3.79 21.50 -43.75
C8 NAG F . 3.31 21.29 -42.34
N2 NAG F . 2.83 21.77 -44.63
O3 NAG F . 2.47 24.30 -45.83
O4 NAG F . 1.17 24.25 -48.40
O5 NAG F . 2.70 20.95 -48.27
O6 NAG F . 3.25 22.57 -50.50
O7 NAG F . 4.98 21.40 -44.06
C1 NAG G . 1.34 -8.75 -12.51
C2 NAG G . 0.38 -9.82 -13.04
C3 NAG G . -0.81 -9.06 -13.63
C4 NAG G . -1.54 -8.40 -12.48
C5 NAG G . -0.58 -7.52 -11.66
C6 NAG G . -1.29 -7.14 -10.36
C7 NAG G . 1.77 -11.92 -13.19
C8 NAG G . 2.49 -12.82 -14.10
N2 NAG G . 0.96 -10.97 -13.74
O3 NAG G . -1.80 -9.89 -14.18
O4 NAG G . -2.65 -7.70 -12.92
O5 NAG G . 0.66 -8.17 -11.43
O6 NAG G . -1.72 -8.28 -9.66
O7 NAG G . 1.97 -12.06 -12.02
C1 NAG H . 43.79 35.75 -13.89
C2 NAG H . 45.29 35.46 -13.81
C3 NAG H . 45.98 36.45 -12.91
C4 NAG H . 45.72 37.82 -13.47
C5 NAG H . 44.25 38.10 -13.62
C6 NAG H . 44.15 39.38 -14.41
C7 NAG H . 46.24 33.26 -14.09
C8 NAG H . 47.15 33.80 -15.17
N2 NAG H . 45.54 34.12 -13.37
O3 NAG H . 47.38 36.22 -12.87
O4 NAG H . 46.27 38.76 -12.57
O5 NAG H . 43.64 37.08 -14.36
O6 NAG H . 43.06 40.14 -13.93
O7 NAG H . 46.15 32.08 -13.87
CL CL I . 19.37 26.63 -8.88
O2 N8V J . 21.96 29.06 -16.01
C2 N8V J . 22.33 27.93 -16.80
C3 N8V J . 21.90 26.72 -15.97
O3 N8V J . 20.47 26.71 -15.85
C4 N8V J . 22.40 25.42 -16.56
O4 N8V J . 21.77 25.20 -17.82
C1 N8V J . 23.84 27.98 -17.17
C7 N8V J . 24.52 26.66 -16.80
C5 N8V J . 23.88 25.49 -16.79
C6 N8V J . 24.68 24.21 -17.06
O6 N8V J . 24.32 23.09 -16.23
N8 N8V J . 24.02 28.39 -18.58
C9 N8V J . 24.76 27.60 -19.57
C10 N8V J . 24.05 27.23 -20.87
C11 N8V J . 24.12 25.74 -21.22
C12 N8V J . 25.38 25.34 -21.98
C13 N8V J . 25.03 24.58 -23.26
C14 N8V J . 26.03 23.45 -23.50
C15 N8V J . 26.42 23.30 -24.96
C16 N8V J . 26.07 21.92 -25.48
S SO4 K . 35.13 17.00 11.36
O1 SO4 K . 35.67 17.97 12.33
O2 SO4 K . 35.27 17.58 10.01
O3 SO4 K . 35.89 15.72 11.37
O4 SO4 K . 33.71 16.72 11.69
S SO4 L . 18.74 21.88 -34.61
O1 SO4 L . 18.20 22.34 -33.31
O2 SO4 L . 19.10 23.08 -35.39
O3 SO4 L . 19.95 21.04 -34.46
O4 SO4 L . 17.78 21.04 -35.40
C1 EDO M . 34.75 27.18 -17.40
O1 EDO M . 34.65 26.52 -16.14
C2 EDO M . 33.62 28.19 -17.36
O2 EDO M . 33.72 28.86 -16.11
C1 EDO N . 5.13 15.40 -17.86
O1 EDO N . 4.98 13.98 -17.91
C2 EDO N . 6.44 15.79 -18.60
O2 EDO N . 7.61 15.05 -18.18
C1 NAG O . -17.81 5.18 50.36
C2 NAG O . -19.23 5.41 49.94
C3 NAG O . -20.12 5.97 51.04
C4 NAG O . -19.89 5.26 52.35
C5 NAG O . -18.41 5.26 52.67
C6 NAG O . -18.01 4.59 53.96
C7 NAG O . -19.35 6.12 47.65
C8 NAG O . -19.27 7.33 46.78
N2 NAG O . -19.19 6.38 48.91
O3 NAG O . -21.46 5.88 50.62
O4 NAG O . -20.65 5.88 53.32
O5 NAG O . -17.74 4.61 51.64
O6 NAG O . -18.16 3.20 53.84
O7 NAG O . -19.51 5.02 47.27
C1 NAG P . -5.25 23.01 45.63
C2 NAG P . -5.25 24.20 44.68
C3 NAG P . -4.35 25.38 45.05
C4 NAG P . -4.45 25.59 46.53
C5 NAG P . -4.02 24.32 47.24
C6 NAG P . -3.93 24.50 48.74
C7 NAG P . -5.99 23.44 42.57
C8 NAG P . -5.57 23.16 41.19
N2 NAG P . -5.00 23.75 43.36
O3 NAG P . -4.78 26.49 44.30
O4 NAG P . -3.66 26.71 46.94
O5 NAG P . -4.98 23.36 46.97
O6 NAG P . -5.10 25.07 49.23
O7 NAG P . -7.12 23.38 42.94
C1 NAG Q . -0.68 -7.91 12.96
C2 NAG Q . 0.29 -8.68 13.84
C3 NAG Q . 1.46 -7.74 14.20
C4 NAG Q . 2.19 -7.55 12.88
C5 NAG Q . 1.30 -7.02 11.75
C6 NAG Q . 1.93 -7.30 10.42
C7 NAG Q . -0.70 -10.81 14.70
C8 NAG Q . -0.93 -11.49 16.02
N2 NAG Q . -0.32 -9.51 14.86
O3 NAG Q . 2.49 -8.25 15.01
O4 NAG Q . 3.38 -6.79 13.10
O5 NAG Q . 0.03 -7.67 11.74
O6 NAG Q . 1.10 -6.63 9.47
O7 NAG Q . -0.90 -11.42 13.65
C1 NAG R . -46.62 33.16 11.63
C2 NAG R . -47.99 32.55 11.33
C3 NAG R . -48.96 33.48 10.65
C4 NAG R . -48.85 34.89 11.18
C5 NAG R . -47.41 35.38 11.21
C6 NAG R . -47.43 36.73 11.88
C7 NAG R . -48.01 30.25 10.92
C8 NAG R . -47.04 29.24 10.44
N2 NAG R . -47.84 31.43 10.45
O3 NAG R . -50.28 32.97 10.86
O4 NAG R . -49.66 35.73 10.39
O5 NAG R . -46.70 34.52 12.07
O6 NAG R . -46.60 37.66 11.23
O7 NAG R . -48.86 29.97 11.73
CL CL S . -21.60 25.25 7.26
O2 N8V T . -24.32 28.13 14.23
C2 N8V T . -24.64 26.92 15.01
C3 N8V T . -24.10 25.64 14.28
O3 N8V T . -22.67 25.77 14.15
C4 N8V T . -24.48 24.34 14.99
O4 N8V T . -23.89 24.25 16.32
C1 N8V T . -26.14 26.82 15.38
C7 N8V T . -26.69 25.44 15.11
C5 N8V T . -25.98 24.30 15.19
C6 N8V T . -26.72 23.04 15.55
O6 N8V T . -26.30 21.90 14.78
N8 N8V T . -26.25 27.29 16.78
C9 N8V T . -26.95 26.76 17.93
C10 N8V T . -26.29 25.60 18.67
C11 N8V T . -27.17 25.21 19.86
C12 N8V T . -26.87 23.85 20.49
C13 N8V T . -27.12 23.91 22.00
C14 N8V T . -28.23 22.96 22.48
C15 N8V T . -27.70 21.87 23.42
C16 N8V T . -28.32 21.90 24.81
S SO4 U . -36.68 13.18 -12.27
O1 SO4 U . -36.68 13.92 -10.99
O2 SO4 U . -37.35 14.02 -13.31
O3 SO4 U . -35.29 12.91 -12.68
O4 SO4 U . -37.42 11.91 -12.09
S SO4 V . -20.95 22.15 33.27
O1 SO4 V . -21.56 23.30 33.98
O2 SO4 V . -20.51 22.67 31.95
O3 SO4 V . -19.84 21.53 34.06
O4 SO4 V . -21.93 21.06 33.18
C1 EDO W . -36.81 25.46 15.37
O1 EDO W . -36.77 24.38 14.46
C2 EDO W . -36.41 26.64 14.53
O2 EDO W . -34.99 26.82 14.64
C1 EDO X . -7.96 16.05 17.54
O1 EDO X . -9.09 15.28 17.20
C2 EDO X . -6.78 15.64 16.63
O2 EDO X . -6.01 14.72 17.37
C1 NAG Y . -46.33 -14.10 -52.36
C2 NAG Y . -46.78 -15.30 -51.51
C3 NAG Y . -48.10 -15.98 -51.91
C4 NAG Y . -48.99 -15.29 -52.95
C5 NAG Y . -48.31 -14.16 -53.71
C6 NAG Y . -49.36 -13.23 -54.33
C7 NAG Y . -45.14 -16.80 -50.47
C8 NAG Y . -44.14 -17.89 -50.71
N2 NAG Y . -45.77 -16.33 -51.55
O3 NAG Y . -48.90 -16.21 -50.76
O4 NAG Y . -49.40 -16.28 -53.86
O5 NAG Y . -47.47 -13.41 -52.85
O6 NAG Y . -48.75 -12.38 -55.27
O7 NAG Y . -45.35 -16.37 -49.34
C1 NAG Z . -25.63 -23.14 -58.40
C2 NAG Z . -24.67 -24.19 -57.86
C3 NAG Z . -23.76 -24.81 -58.87
C4 NAG Z . -24.55 -25.20 -60.08
C5 NAG Z . -25.08 -23.93 -60.66
C6 NAG Z . -25.70 -24.23 -62.01
C7 NAG Z . -24.20 -23.60 -55.60
C8 NAG Z . -23.21 -22.95 -54.69
N2 NAG Z . -23.81 -23.68 -56.84
O3 NAG Z . -23.17 -25.91 -58.20
O4 NAG Z . -23.62 -25.74 -60.97
O5 NAG Z . -26.03 -23.39 -59.73
O6 NAG Z . -26.78 -25.14 -61.85
O7 NAG Z . -25.29 -24.00 -55.25
C1 NAG AA . -22.48 12.06 -27.59
C2 NAG AA . -22.28 12.89 -28.86
C3 NAG AA . -23.03 14.20 -28.87
C4 NAG AA . -24.48 14.00 -28.46
C5 NAG AA . -24.60 13.12 -27.22
C6 NAG AA . -26.06 12.79 -26.93
C7 NAG AA . -20.25 12.59 -30.08
C8 NAG AA . -18.78 12.79 -30.10
N2 NAG AA . -20.89 13.14 -29.11
O3 NAG AA . -23.00 14.67 -30.19
O4 NAG AA . -25.05 15.26 -28.21
O5 NAG AA . -23.87 11.93 -27.44
O6 NAG AA . -26.30 12.21 -25.66
O7 NAG AA . -20.80 11.94 -30.89
C1 NAG BA . -31.73 -46.43 -9.38
C2 NAG BA . -32.78 -46.36 -8.25
C3 NAG BA . -32.75 -47.53 -7.27
C4 NAG BA . -32.69 -48.82 -8.04
C5 NAG BA . -31.48 -48.79 -8.99
C6 NAG BA . -31.33 -50.14 -9.65
C7 NAG BA . -33.55 -44.18 -7.69
C8 NAG BA . -33.27 -42.97 -6.86
N2 NAG BA . -32.70 -45.14 -7.51
O3 NAG BA . -33.93 -47.47 -6.53
O4 NAG BA . -32.53 -49.88 -7.15
O5 NAG BA . -31.53 -47.70 -9.91
O6 NAG BA . -30.06 -50.28 -10.23
O7 NAG BA . -34.46 -44.25 -8.46
CL CL CA . -15.17 -27.65 -18.22
O2 N8V DA . -19.67 -32.32 -22.93
C2 N8V DA . -20.80 -31.53 -23.26
C3 N8V DA . -20.54 -30.09 -22.76
O3 N8V DA . -19.43 -29.57 -23.50
C4 N8V DA . -21.80 -29.24 -22.92
O4 N8V DA . -22.01 -29.02 -24.32
C1 N8V DA . -22.11 -32.19 -22.79
C7 N8V DA . -23.01 -31.23 -22.03
C5 N8V DA . -23.01 -29.92 -22.31
C6 N8V DA . -24.27 -29.16 -21.96
O6 N8V DA . -23.99 -27.85 -21.50
N8 N8V DA . -22.71 -32.69 -24.04
C9 N8V DA . -24.10 -32.93 -24.38
C10 N8V DA . -24.59 -31.91 -25.39
C11 N8V DA . -26.07 -32.16 -25.62
C12 N8V DA . -26.79 -30.88 -26.02
C13 N8V DA . -28.25 -31.23 -26.24
C14 N8V DA . -28.60 -31.03 -27.71
C15 N8V DA . -29.70 -29.99 -27.88
C16 N8V DA . -30.46 -30.31 -29.16
S SO4 EA . -20.73 -21.02 7.77
O1 SO4 EA . -21.47 -21.67 8.89
O2 SO4 EA . -21.48 -19.84 7.28
O3 SO4 EA . -19.40 -20.56 8.22
O4 SO4 EA . -20.58 -22.02 6.70
S SO4 FA . -29.53 -28.37 -39.60
O1 SO4 FA . -30.52 -27.65 -38.78
O2 SO4 FA . -29.60 -27.68 -40.92
O3 SO4 FA . -28.16 -28.34 -39.02
O4 SO4 FA . -29.91 -29.81 -39.66
C1 EDO GA . -28.92 -36.37 -16.80
O1 EDO GA . -28.01 -36.28 -17.92
C2 EDO GA . -30.14 -35.52 -17.05
O2 EDO GA . -30.47 -34.96 -15.78
C1 EDO HA . -15.48 -14.70 -32.61
O1 EDO HA . -16.38 -14.30 -31.56
C2 EDO HA . -14.29 -13.71 -32.74
O2 EDO HA . -14.78 -12.41 -33.03
C1 NAG IA . 46.94 -7.22 53.14
C2 NAG IA . 47.60 -8.26 52.25
C3 NAG IA . 48.60 -9.10 53.02
C4 NAG IA . 49.55 -8.21 53.82
C5 NAG IA . 48.77 -7.16 54.62
C6 NAG IA . 49.72 -6.23 55.35
C7 NAG IA . 46.03 -8.84 50.48
C8 NAG IA . 45.03 -9.85 49.98
N2 NAG IA . 46.58 -9.12 51.66
O3 NAG IA . 49.36 -9.90 52.11
O4 NAG IA . 50.32 -9.01 54.71
O5 NAG IA . 47.94 -6.41 53.75
O6 NAG IA . 50.07 -5.13 54.50
O7 NAG IA . 46.32 -7.84 49.85
C1 NAG JA . 27.46 -17.26 59.69
C2 NAG JA . 26.60 -18.41 59.20
C3 NAG JA . 25.67 -19.07 60.19
C4 NAG JA . 26.33 -19.21 61.55
C5 NAG JA . 27.06 -17.94 61.97
C6 NAG JA . 27.83 -18.27 63.23
C7 NAG JA . 26.13 -18.00 56.90
C8 NAG JA . 25.18 -17.35 55.95
N2 NAG JA . 25.78 -17.93 58.13
O3 NAG JA . 25.27 -20.34 59.69
O4 NAG JA . 25.32 -19.49 62.49
O5 NAG JA . 27.96 -17.47 61.01
O6 NAG JA . 28.77 -19.30 62.96
O7 NAG JA . 27.15 -18.51 56.55
C1 NAG KA . 21.02 16.39 26.31
C2 NAG KA . 21.66 16.31 27.70
C3 NAG KA . 22.73 17.38 27.90
C4 NAG KA . 23.72 17.43 26.73
C5 NAG KA . 23.04 17.53 25.36
C6 NAG KA . 24.03 17.25 24.22
C7 NAG KA . 20.42 15.53 29.71
C8 NAG KA . 21.37 14.36 29.88
N2 NAG KA . 20.60 16.40 28.71
O3 NAG KA . 23.44 17.05 29.08
O4 NAG KA . 24.58 18.55 26.89
O5 NAG KA . 21.93 16.64 25.22
O6 NAG KA . 24.97 16.24 24.57
O7 NAG KA . 19.50 15.68 30.51
C1 NAG LA . 35.50 -42.83 11.93
C2 NAG LA . 36.59 -42.75 10.86
C3 NAG LA . 36.63 -43.97 9.98
C4 NAG LA . 36.67 -45.24 10.80
C5 NAG LA . 35.48 -45.22 11.77
C6 NAG LA . 35.34 -46.42 12.67
C7 NAG LA . 37.10 -40.55 10.13
C8 NAG LA . 36.74 -39.43 9.22
N2 NAG LA . 36.40 -41.63 10.00
O3 NAG LA . 37.70 -43.82 9.10
O4 NAG LA . 36.61 -46.29 9.86
O5 NAG LA . 35.48 -44.08 12.57
O6 NAG LA . 34.10 -46.42 13.36
O7 NAG LA . 37.97 -40.44 10.91
CL CL MA . 17.51 -24.84 19.89
O2 N8V NA . 22.30 -28.89 24.86
C2 N8V NA . 23.40 -28.02 25.13
C3 N8V NA . 23.11 -26.62 24.52
O3 N8V NA . 22.00 -26.04 25.19
C4 N8V NA . 24.29 -25.68 24.62
O4 N8V NA . 24.47 -25.32 25.99
C1 N8V NA . 24.78 -28.61 24.75
C7 N8V NA . 25.59 -27.68 23.87
C5 N8V NA . 25.53 -26.35 24.07
C6 N8V NA . 26.70 -25.46 23.76
O6 N8V NA . 26.22 -24.29 23.10
N8 N8V NA . 25.45 -28.88 26.04
C9 N8V NA . 26.88 -29.01 26.30
C10 N8V NA . 27.31 -28.14 27.46
C11 N8V NA . 28.54 -27.35 27.08
C12 N8V NA . 29.60 -27.42 28.15
C13 N8V NA . 30.54 -26.24 28.01
C14 N8V NA . 31.61 -26.28 29.09
C15 N8V NA . 32.59 -25.13 28.89
C16 N8V NA . 33.11 -24.62 30.22
S SO4 OA . 22.52 -19.62 -6.66
O1 SO4 OA . 23.44 -18.54 -7.06
O2 SO4 OA . 22.32 -20.61 -7.73
O3 SO4 OA . 23.10 -20.34 -5.51
O4 SO4 OA . 21.19 -19.02 -6.32
S SO4 PA . 31.61 -23.20 40.99
O1 SO4 PA . 31.17 -22.62 42.27
O2 SO4 PA . 32.88 -22.51 40.66
O3 SO4 PA . 31.80 -24.67 41.09
O4 SO4 PA . 30.56 -22.98 39.97
C1 EDO QA . 32.19 -32.86 18.81
O1 EDO QA . 31.13 -32.69 19.74
C2 EDO QA . 33.23 -31.80 19.09
O2 EDO QA . 33.27 -31.07 17.86
C1 EDO RA . 15.50 -10.35 33.53
O1 EDO RA . 15.72 -8.93 33.59
C2 EDO RA . 16.88 -11.02 33.49
O2 EDO RA . 17.59 -10.81 32.26
#